data_7QPH
#
_entry.id   7QPH
#
_cell.length_a   75.343
_cell.length_b   99.184
_cell.length_c   208.443
_cell.angle_alpha   90.000
_cell.angle_beta   90.000
_cell.angle_gamma   90.000
#
_symmetry.space_group_name_H-M   'P 21 21 2'
#
loop_
_entity.id
_entity.type
_entity.pdbx_description
1 polymer 'Histone-arginine methyltransferase CARM1'
2 polymer 'Histone H3 22-31 K27 acetylated'
3 non-polymer 1,2-ETHANEDIOL
4 non-polymer (2~{R},3~{R},4~{S},5~{R})-2-(6-aminopurin-9-yl)-5-[(~{E})-prop-1-enyl]oxolane-3,4-diol
5 water water
#
loop_
_entity_poly.entity_id
_entity_poly.type
_entity_poly.pdbx_seq_one_letter_code
_entity_poly.pdbx_strand_id
1 'polypeptide(L)'
;GHMGHTLERSVFSERTEESSAVQYFQFYGYLSQQQNMMQDYVRTGTYQRAILQNHTDFKDKIVLDVGCGSGILSFFAAQA
GARKIYAVEASTMAQHAEVLVKSNNLTDRIVVIPGKVEEVSLPEQVDIIISEPMGYMLFNERMLESYLHAKKYLKPSGNM
FPTIGDVHLAPFTDEQLYMEQFTKANFWYQPSFHGVDLSALRGAAVDEYFRQPVVDTFDIRILMAKSVKYTVNFLEAKEG
DLHRIEIPFKFHMLHSGLVHGLAFWFDVAFIGSIMTVWLSTAPTEPLTHWYQVRCLFQSPLFAKAGDTLSGTCLLIANKR
QSYDISIVAQVDQTGSKSSNLLDLKNPFFRYTGTTPSPPPG
;
A,B,C,D
2 'polypeptide(L)' TKAAR(ALY)SAPA E,H,G,F
#
# COMPACT_ATOMS: atom_id res chain seq x y z
N SER A 10 25.75 27.70 -26.96
CA SER A 10 24.57 27.35 -27.72
C SER A 10 23.48 28.42 -27.59
N VAL A 11 22.39 28.25 -28.35
CA VAL A 11 21.29 29.20 -28.29
C VAL A 11 20.66 29.18 -26.89
N PHE A 12 20.59 28.00 -26.27
CA PHE A 12 20.05 27.92 -24.92
C PHE A 12 20.95 28.63 -23.91
N SER A 13 22.26 28.43 -24.01
CA SER A 13 23.18 28.99 -23.02
C SER A 13 23.17 30.51 -23.05
N GLU A 14 23.25 31.10 -24.25
CA GLU A 14 23.25 32.55 -24.36
C GLU A 14 21.95 33.17 -23.85
N ARG A 15 20.88 32.37 -23.76
CA ARG A 15 19.57 32.84 -23.37
C ARG A 15 19.29 32.66 -21.88
N THR A 16 20.09 31.84 -21.19
CA THR A 16 19.72 31.37 -19.87
C THR A 16 20.88 31.52 -18.89
N GLU A 17 20.62 32.18 -17.77
CA GLU A 17 21.53 32.11 -16.62
C GLU A 17 21.70 30.67 -16.19
N GLU A 18 22.94 30.25 -15.99
CA GLU A 18 23.19 28.84 -15.68
C GLU A 18 22.60 28.46 -14.33
N SER A 19 22.52 29.39 -13.39
CA SER A 19 21.87 29.09 -12.12
C SER A 19 20.39 28.80 -12.31
N SER A 20 19.73 29.54 -13.21
CA SER A 20 18.33 29.27 -13.51
C SER A 20 18.18 27.93 -14.23
N ALA A 21 19.06 27.65 -15.19
CA ALA A 21 18.96 26.40 -15.93
C ALA A 21 19.19 25.19 -15.04
N VAL A 22 20.20 25.26 -14.17
CA VAL A 22 20.47 24.15 -13.26
C VAL A 22 19.23 23.84 -12.42
N GLN A 23 18.65 24.86 -11.81
CA GLN A 23 17.49 24.64 -10.92
C GLN A 23 16.32 24.17 -11.78
N TYR A 24 16.22 24.66 -13.02
CA TYR A 24 15.08 24.28 -13.86
C TYR A 24 15.12 22.79 -14.22
N PHE A 25 16.27 22.30 -14.68
CA PHE A 25 16.35 20.91 -15.11
C PHE A 25 16.40 19.96 -13.93
N GLN A 26 16.93 20.40 -12.78
CA GLN A 26 16.81 19.59 -11.57
C GLN A 26 15.34 19.36 -11.22
N PHE A 27 14.53 20.40 -11.33
CA PHE A 27 13.11 20.28 -11.01
C PHE A 27 12.45 19.21 -11.86
N TYR A 28 12.76 19.18 -13.15
CA TYR A 28 12.16 18.21 -14.04
C TYR A 28 12.83 16.84 -14.00
N GLY A 29 13.85 16.67 -13.18
CA GLY A 29 14.44 15.35 -13.01
C GLY A 29 13.70 14.43 -12.06
N TYR A 30 12.68 14.95 -11.39
CA TYR A 30 11.98 14.18 -10.36
C TYR A 30 10.80 13.42 -10.97
N LEU A 31 10.72 12.14 -10.64
CA LEU A 31 9.57 11.36 -11.08
C LEU A 31 8.27 11.89 -10.51
N SER A 32 8.30 12.48 -9.30
CA SER A 32 7.09 13.04 -8.73
C SER A 32 6.54 14.17 -9.59
N GLN A 33 7.43 14.94 -10.23
CA GLN A 33 6.99 15.99 -11.13
C GLN A 33 6.40 15.41 -12.41
N GLN A 34 7.03 14.36 -12.96
CA GLN A 34 6.43 13.66 -14.09
C GLN A 34 5.05 13.13 -13.72
N GLN A 35 4.96 12.50 -12.56
CA GLN A 35 3.67 11.94 -12.12
C GLN A 35 2.60 13.02 -12.04
N ASN A 36 2.95 14.18 -11.51
CA ASN A 36 1.98 15.27 -11.39
C ASN A 36 1.41 15.65 -12.76
N MET A 37 2.27 15.73 -13.77
CA MET A 37 1.79 16.09 -15.10
C MET A 37 1.02 14.95 -15.73
N MET A 38 1.49 13.71 -15.54
CA MET A 38 0.83 12.56 -16.13
C MET A 38 -0.56 12.34 -15.54
N GLN A 39 -0.76 12.63 -14.25
CA GLN A 39 -2.05 12.45 -13.63
C GLN A 39 -3.06 13.53 -14.03
N ASP A 40 -2.63 14.60 -14.68
CA ASP A 40 -3.55 15.58 -15.27
C ASP A 40 -4.24 14.92 -16.46
N TYR A 41 -5.47 14.43 -16.24
CA TYR A 41 -6.12 13.61 -17.26
C TYR A 41 -6.46 14.43 -18.49
N VAL A 42 -6.88 15.68 -18.30
CA VAL A 42 -7.13 16.55 -19.45
C VAL A 42 -5.88 16.65 -20.31
N ARG A 43 -4.74 16.88 -19.67
CA ARG A 43 -3.49 17.03 -20.40
C ARG A 43 -3.09 15.74 -21.09
N THR A 44 -2.91 14.67 -20.33
CA THR A 44 -2.41 13.43 -20.91
C THR A 44 -3.42 12.81 -21.88
N GLY A 45 -4.70 12.84 -21.51
CA GLY A 45 -5.71 12.24 -22.38
C GLY A 45 -5.86 12.97 -23.70
N THR A 46 -5.81 14.31 -23.67
CA THR A 46 -5.94 15.08 -24.90
C THR A 46 -4.75 14.86 -25.83
N TYR A 47 -3.54 14.82 -25.27
CA TYR A 47 -2.37 14.50 -26.10
C TYR A 47 -2.51 13.12 -26.76
N GLN A 48 -2.95 12.11 -26.01
CA GLN A 48 -3.13 10.79 -26.59
C GLN A 48 -4.17 10.81 -27.70
N ARG A 49 -5.31 11.46 -27.45
CA ARG A 49 -6.34 11.53 -28.48
C ARG A 49 -5.84 12.29 -29.70
N ALA A 50 -5.16 13.42 -29.49
CA ALA A 50 -4.66 14.20 -30.63
C ALA A 50 -3.76 13.35 -31.52
N ILE A 51 -2.93 12.48 -30.92
CA ILE A 51 -1.99 11.70 -31.70
C ILE A 51 -2.68 10.50 -32.32
N LEU A 52 -3.44 9.74 -31.52
CA LEU A 52 -4.04 8.51 -32.01
C LEU A 52 -5.11 8.79 -33.05
N GLN A 53 -5.92 9.82 -32.85
CA GLN A 53 -6.98 10.13 -33.81
C GLN A 53 -6.44 10.77 -35.09
N ASN A 54 -5.20 11.23 -35.09
CA ASN A 54 -4.55 11.69 -36.30
C ASN A 54 -3.46 10.68 -36.70
N HIS A 55 -3.84 9.40 -36.77
CA HIS A 55 -2.84 8.34 -36.93
C HIS A 55 -2.08 8.47 -38.24
N THR A 56 -2.71 9.04 -39.27
CA THR A 56 -2.04 9.17 -40.55
C THR A 56 -0.88 10.17 -40.51
N ASP A 57 -0.88 11.08 -39.55
CA ASP A 57 0.26 11.98 -39.37
C ASP A 57 1.44 11.29 -38.71
N PHE A 58 1.27 10.06 -38.22
CA PHE A 58 2.32 9.34 -37.53
C PHE A 58 2.65 7.99 -38.14
N LYS A 59 1.71 7.36 -38.85
CA LYS A 59 1.94 6.03 -39.40
C LYS A 59 3.16 6.01 -40.29
N ASP A 60 4.16 5.24 -39.88
CA ASP A 60 5.41 5.04 -40.61
C ASP A 60 6.20 6.34 -40.77
N LYS A 61 6.01 7.29 -39.87
CA LYS A 61 6.68 8.58 -39.95
C LYS A 61 7.87 8.64 -39.00
N ILE A 62 8.69 9.66 -39.20
CA ILE A 62 9.82 9.97 -38.32
C ILE A 62 9.40 11.13 -37.43
N VAL A 63 9.58 10.97 -36.12
CA VAL A 63 9.05 11.89 -35.11
C VAL A 63 10.18 12.39 -34.23
N LEU A 64 10.13 13.68 -33.88
CA LEU A 64 10.97 14.25 -32.84
C LEU A 64 10.11 14.66 -31.65
N ASP A 65 10.47 14.20 -30.45
CA ASP A 65 9.79 14.55 -29.20
C ASP A 65 10.72 15.46 -28.39
N VAL A 66 10.36 16.73 -28.31
CA VAL A 66 11.21 17.73 -27.67
C VAL A 66 10.84 17.82 -26.20
N GLY A 67 11.78 17.47 -25.32
CA GLY A 67 11.51 17.52 -23.89
C GLY A 67 10.56 16.40 -23.51
N CYS A 68 10.97 15.17 -23.80
CA CYS A 68 10.06 14.03 -23.70
C CYS A 68 9.76 13.64 -22.25
N GLY A 69 10.53 14.15 -21.30
CA GLY A 69 10.31 13.74 -19.91
C GLY A 69 10.41 12.23 -19.79
N SER A 70 9.39 11.62 -19.19
CA SER A 70 9.37 10.17 -19.05
C SER A 70 9.19 9.47 -20.39
N GLY A 71 8.83 10.19 -21.45
CA GLY A 71 8.66 9.61 -22.76
C GLY A 71 7.24 9.29 -23.14
N ILE A 72 6.25 9.78 -22.39
CA ILE A 72 4.88 9.34 -22.60
C ILE A 72 4.39 9.71 -23.99
N LEU A 73 4.75 10.90 -24.49
CA LEU A 73 4.32 11.29 -25.83
C LEU A 73 4.97 10.44 -26.90
N SER A 74 6.22 10.02 -26.69
CA SER A 74 6.88 9.11 -27.63
C SER A 74 6.13 7.78 -27.69
N PHE A 75 5.66 7.29 -26.54
CA PHE A 75 4.89 6.05 -26.55
C PHE A 75 3.56 6.22 -27.27
N PHE A 76 2.93 7.39 -27.14
CA PHE A 76 1.69 7.63 -27.89
C PHE A 76 1.98 7.65 -29.38
N ALA A 77 3.10 8.26 -29.79
CA ALA A 77 3.49 8.25 -31.20
C ALA A 77 3.73 6.83 -31.69
N ALA A 78 4.32 5.98 -30.85
CA ALA A 78 4.52 4.58 -31.20
C ALA A 78 3.18 3.84 -31.27
N GLN A 79 2.28 4.12 -30.34
CA GLN A 79 0.94 3.54 -30.43
C GLN A 79 0.26 3.90 -31.74
N ALA A 80 0.55 5.08 -32.29
CA ALA A 80 -0.03 5.53 -33.53
C ALA A 80 0.70 5.01 -34.75
N GLY A 81 1.76 4.23 -34.59
CA GLY A 81 2.43 3.58 -35.69
C GLY A 81 3.67 4.25 -36.25
N ALA A 82 4.28 5.16 -35.49
CA ALA A 82 5.47 5.84 -35.98
C ALA A 82 6.59 4.84 -36.23
N ARG A 83 7.39 5.11 -37.27
CA ARG A 83 8.51 4.23 -37.58
C ARG A 83 9.69 4.50 -36.66
N LYS A 84 10.00 5.77 -36.41
CA LYS A 84 11.16 6.12 -35.59
C LYS A 84 10.83 7.40 -34.84
N ILE A 85 11.12 7.39 -33.54
CA ILE A 85 10.87 8.54 -32.66
C ILE A 85 12.16 8.88 -31.94
N TYR A 86 12.65 10.12 -32.14
CA TYR A 86 13.81 10.62 -31.42
C TYR A 86 13.30 11.47 -30.27
N ALA A 87 13.54 11.01 -29.04
CA ALA A 87 13.02 11.64 -27.83
C ALA A 87 14.18 12.34 -27.13
N VAL A 88 14.15 13.66 -27.13
CA VAL A 88 15.22 14.49 -26.58
C VAL A 88 14.77 15.01 -25.22
N GLU A 89 15.65 14.88 -24.22
CA GLU A 89 15.36 15.34 -22.88
C GLU A 89 16.65 15.77 -22.21
N ALA A 90 16.68 17.00 -21.68
CA ALA A 90 17.89 17.58 -21.10
C ALA A 90 18.07 17.25 -19.63
N SER A 91 16.99 16.95 -18.91
CA SER A 91 17.11 16.61 -17.51
C SER A 91 17.51 15.14 -17.34
N THR A 92 17.82 14.77 -16.09
CA THR A 92 18.17 13.38 -15.79
C THR A 92 16.99 12.41 -15.97
N MET A 93 15.78 12.92 -16.26
CA MET A 93 14.67 12.05 -16.58
C MET A 93 14.92 11.24 -17.85
N ALA A 94 15.88 11.66 -18.68
CA ALA A 94 16.19 10.90 -19.88
C ALA A 94 16.63 9.48 -19.52
N GLN A 95 17.34 9.33 -18.41
CA GLN A 95 17.74 7.99 -17.98
C GLN A 95 16.53 7.10 -17.72
N HIS A 96 15.49 7.67 -17.09
CA HIS A 96 14.29 6.90 -16.79
C HIS A 96 13.50 6.59 -18.05
N ALA A 97 13.45 7.54 -18.99
CA ALA A 97 12.78 7.28 -20.27
C ALA A 97 13.41 6.10 -20.99
N GLU A 98 14.75 6.01 -20.97
CA GLU A 98 15.43 4.91 -21.65
C GLU A 98 15.04 3.58 -21.02
N VAL A 99 14.92 3.55 -19.68
CA VAL A 99 14.50 2.32 -19.01
C VAL A 99 13.11 1.92 -19.49
N LEU A 100 12.21 2.89 -19.68
CA LEU A 100 10.84 2.58 -20.10
C LEU A 100 10.83 2.08 -21.54
N VAL A 101 11.65 2.68 -22.41
CA VAL A 101 11.71 2.21 -23.79
C VAL A 101 12.18 0.77 -23.86
N LYS A 102 13.20 0.43 -23.06
CA LYS A 102 13.67 -0.94 -23.01
C LYS A 102 12.58 -1.87 -22.49
N SER A 103 11.96 -1.53 -21.37
CA SER A 103 10.99 -2.42 -20.74
C SER A 103 9.69 -2.52 -21.53
N ASN A 104 9.38 -1.55 -22.36
CA ASN A 104 8.23 -1.62 -23.25
C ASN A 104 8.59 -2.18 -24.63
N ASN A 105 9.80 -2.72 -24.79
CA ASN A 105 10.23 -3.39 -26.02
C ASN A 105 10.07 -2.48 -27.24
N LEU A 106 10.50 -1.22 -27.09
CA LEU A 106 10.42 -0.25 -28.17
C LEU A 106 11.81 0.30 -28.53
N THR A 107 12.85 -0.49 -28.29
CA THR A 107 14.20 -0.06 -28.61
C THR A 107 14.39 0.13 -30.11
N ASP A 108 13.61 -0.57 -30.94
CA ASP A 108 13.74 -0.42 -32.38
C ASP A 108 13.10 0.87 -32.92
N ARG A 109 12.27 1.54 -32.14
CA ARG A 109 11.45 2.62 -32.65
C ARG A 109 11.54 3.92 -31.86
N ILE A 110 12.00 3.89 -30.60
CA ILE A 110 12.19 5.10 -29.81
C ILE A 110 13.65 5.18 -29.42
N VAL A 111 14.30 6.30 -29.73
CA VAL A 111 15.71 6.52 -29.43
C VAL A 111 15.76 7.74 -28.53
N VAL A 112 16.18 7.53 -27.28
CA VAL A 112 16.27 8.61 -26.31
C VAL A 112 17.60 9.30 -26.48
N ILE A 113 17.58 10.61 -26.69
CA ILE A 113 18.79 11.41 -26.86
C ILE A 113 18.88 12.36 -25.68
N PRO A 114 19.78 12.11 -24.72
CA PRO A 114 19.90 13.04 -23.58
C PRO A 114 20.62 14.33 -23.97
N GLY A 115 20.08 15.44 -23.52
CA GLY A 115 20.67 16.75 -23.74
C GLY A 115 19.64 17.77 -24.17
N LYS A 116 20.12 19.00 -24.36
CA LYS A 116 19.28 20.09 -24.83
C LYS A 116 19.06 19.98 -26.32
N VAL A 117 17.82 20.23 -26.76
CA VAL A 117 17.50 20.14 -28.18
C VAL A 117 18.33 21.11 -29.00
N GLU A 118 18.83 22.18 -28.38
CA GLU A 118 19.72 23.11 -29.06
C GLU A 118 21.14 22.59 -29.23
N GLU A 119 21.51 21.51 -28.53
CA GLU A 119 22.89 21.04 -28.52
C GLU A 119 23.07 19.62 -29.03
N VAL A 120 22.02 18.83 -29.11
CA VAL A 120 22.15 17.43 -29.49
C VAL A 120 22.28 17.32 -31.01
N SER A 121 22.51 16.11 -31.50
CA SER A 121 22.55 15.82 -32.93
C SER A 121 21.50 14.78 -33.27
N LEU A 122 20.74 15.03 -34.33
CA LEU A 122 19.79 14.06 -34.84
C LEU A 122 20.31 13.43 -36.12
N PRO A 123 20.13 12.13 -36.32
CA PRO A 123 20.67 11.49 -37.53
C PRO A 123 19.89 11.82 -38.80
N GLU A 124 18.65 12.31 -38.69
CA GLU A 124 17.86 12.56 -39.89
C GLU A 124 16.79 13.60 -39.57
N GLN A 125 16.27 14.22 -40.62
CA GLN A 125 15.14 15.14 -40.47
C GLN A 125 13.87 14.34 -40.18
N VAL A 126 12.90 15.02 -39.59
CA VAL A 126 11.69 14.36 -39.11
C VAL A 126 10.48 14.90 -39.84
N ASP A 127 9.41 14.10 -39.83
CA ASP A 127 8.16 14.50 -40.47
C ASP A 127 7.30 15.37 -39.56
N ILE A 128 7.45 15.21 -38.25
CA ILE A 128 6.56 15.89 -37.30
C ILE A 128 7.27 16.02 -35.97
N ILE A 129 7.05 17.15 -35.31
CA ILE A 129 7.56 17.43 -33.97
C ILE A 129 6.41 17.44 -33.00
N ILE A 130 6.58 16.74 -31.87
CA ILE A 130 5.60 16.75 -30.78
C ILE A 130 6.31 17.25 -29.53
N SER A 131 5.55 17.93 -28.68
CA SER A 131 6.15 18.49 -27.47
C SER A 131 5.05 19.04 -26.57
N GLU A 132 5.41 19.26 -25.30
CA GLU A 132 4.58 19.99 -24.36
C GLU A 132 5.39 21.17 -23.86
N PRO A 133 5.50 22.23 -24.64
CA PRO A 133 6.30 23.39 -24.25
C PRO A 133 5.56 24.47 -23.49
N MET A 134 4.31 24.23 -23.08
CA MET A 134 3.49 25.27 -22.49
C MET A 134 3.77 25.38 -20.98
N GLY A 135 4.02 26.61 -20.54
CA GLY A 135 4.07 26.93 -19.13
C GLY A 135 2.87 27.74 -18.70
N TYR A 136 2.94 28.23 -17.46
CA TYR A 136 1.97 29.21 -16.99
C TYR A 136 1.85 30.33 -18.01
N MET A 137 0.62 30.76 -18.28
CA MET A 137 0.39 31.86 -19.22
C MET A 137 0.97 31.52 -20.59
N LEU A 138 1.06 30.21 -20.88
CA LEU A 138 1.65 29.67 -22.09
C LEU A 138 3.15 29.86 -22.13
N PHE A 139 3.61 31.11 -21.96
CA PHE A 139 5.00 31.46 -22.29
C PHE A 139 6.01 31.15 -21.18
N ASN A 140 5.57 31.03 -19.93
CA ASN A 140 6.51 30.82 -18.84
C ASN A 140 7.37 29.59 -19.11
N GLU A 141 8.62 29.64 -18.63
CA GLU A 141 9.68 28.65 -18.81
C GLU A 141 10.40 28.83 -20.14
N ARG A 142 9.87 29.61 -21.07
CA ARG A 142 10.56 29.93 -22.32
C ARG A 142 10.88 28.66 -23.11
N MET A 143 10.07 27.62 -22.91
CA MET A 143 10.28 26.36 -23.61
C MET A 143 9.79 26.42 -25.05
N LEU A 144 8.88 27.35 -25.35
CA LEU A 144 8.42 27.51 -26.72
C LEU A 144 9.58 27.85 -27.66
N GLU A 145 10.60 28.56 -27.16
CA GLU A 145 11.75 28.88 -28.00
C GLU A 145 12.51 27.62 -28.39
N SER A 146 12.67 26.69 -27.45
CA SER A 146 13.31 25.41 -27.78
C SER A 146 12.45 24.63 -28.77
N TYR A 147 11.13 24.70 -28.62
CA TYR A 147 10.22 24.03 -29.54
C TYR A 147 10.38 24.59 -30.94
N LEU A 148 10.42 25.92 -31.06
CA LEU A 148 10.62 26.55 -32.37
C LEU A 148 12.02 26.27 -32.88
N HIS A 149 13.01 26.29 -31.98
CA HIS A 149 14.38 25.99 -32.39
C HIS A 149 14.46 24.63 -33.05
N ALA A 150 13.68 23.66 -32.56
CA ALA A 150 13.70 22.31 -33.08
C ALA A 150 13.25 22.20 -34.52
N LYS A 151 12.63 23.26 -35.08
CA LYS A 151 12.19 23.24 -36.47
C LYS A 151 13.36 23.10 -37.44
N LYS A 152 14.60 23.25 -36.96
CA LYS A 152 15.75 23.01 -37.83
C LYS A 152 15.88 21.55 -38.24
N TYR A 153 15.20 20.64 -37.53
CA TYR A 153 15.17 19.22 -37.87
C TYR A 153 13.92 18.83 -38.65
N LEU A 154 13.04 19.78 -38.95
CA LEU A 154 11.77 19.47 -39.57
C LEU A 154 11.88 19.52 -41.08
N LYS A 155 11.37 18.48 -41.74
CA LYS A 155 11.32 18.47 -43.20
C LYS A 155 10.55 19.68 -43.72
N PRO A 156 10.79 20.07 -44.96
CA PRO A 156 10.17 21.32 -45.48
C PRO A 156 8.69 21.46 -45.18
N SER A 157 7.88 20.43 -45.37
CA SER A 157 6.44 20.52 -45.13
C SER A 157 6.00 19.71 -43.90
N GLY A 158 6.90 19.55 -42.94
CA GLY A 158 6.55 18.83 -41.73
C GLY A 158 5.51 19.55 -40.88
N ASN A 159 5.00 18.83 -39.89
CA ASN A 159 3.97 19.33 -39.00
C ASN A 159 4.49 19.45 -37.58
N MET A 160 3.68 20.05 -36.73
CA MET A 160 4.05 20.28 -35.33
C MET A 160 2.84 20.10 -34.45
N PHE A 161 3.02 19.36 -33.35
CA PHE A 161 1.95 19.02 -32.41
C PHE A 161 2.39 19.46 -31.03
N PRO A 162 1.89 20.59 -30.49
CA PRO A 162 0.81 21.44 -31.02
C PRO A 162 1.21 22.34 -32.18
N THR A 163 0.21 22.77 -32.94
CA THR A 163 0.42 23.54 -34.16
C THR A 163 0.33 25.03 -33.91
N ILE A 164 -0.64 25.46 -33.10
CA ILE A 164 -0.81 26.87 -32.79
C ILE A 164 -1.15 27.00 -31.30
N GLY A 165 -0.92 28.19 -30.78
CA GLY A 165 -1.25 28.49 -29.41
C GLY A 165 -1.95 29.84 -29.29
N ASP A 166 -3.00 29.89 -28.47
CA ASP A 166 -3.78 31.09 -28.22
C ASP A 166 -3.65 31.45 -26.75
N VAL A 167 -3.25 32.68 -26.49
CA VAL A 167 -3.28 33.24 -25.13
C VAL A 167 -4.48 34.16 -25.03
N HIS A 168 -5.29 33.97 -24.00
CA HIS A 168 -6.47 34.81 -23.78
C HIS A 168 -6.23 35.74 -22.60
N LEU A 169 -6.72 36.98 -22.73
CA LEU A 169 -6.68 37.97 -21.66
C LEU A 169 -8.10 38.48 -21.43
N ALA A 170 -8.46 38.73 -20.16
CA ALA A 170 -9.76 39.34 -19.88
C ALA A 170 -9.68 40.10 -18.57
N PRO A 171 -10.32 41.26 -18.46
CA PRO A 171 -10.31 41.98 -17.18
C PRO A 171 -11.25 41.31 -16.18
N PHE A 172 -10.87 41.36 -14.91
CA PHE A 172 -11.66 40.75 -13.85
C PHE A 172 -11.85 41.73 -12.69
N THR A 173 -12.87 41.46 -11.89
CA THR A 173 -13.09 42.13 -10.62
C THR A 173 -13.04 41.09 -9.52
N ASP A 174 -12.25 41.36 -8.48
CA ASP A 174 -12.08 40.44 -7.35
C ASP A 174 -11.66 41.32 -6.17
N GLU A 175 -12.65 41.95 -5.54
CA GLU A 175 -12.35 42.88 -4.45
C GLU A 175 -11.57 42.19 -3.34
N GLN A 176 -11.93 40.95 -3.02
CA GLN A 176 -11.29 40.26 -1.90
C GLN A 176 -9.83 39.94 -2.21
N LEU A 177 -9.54 39.52 -3.43
CA LEU A 177 -8.15 39.26 -3.81
C LEU A 177 -7.33 40.54 -3.71
N TYR A 178 -7.89 41.66 -4.14
CA TYR A 178 -7.15 42.92 -4.10
C TYR A 178 -6.87 43.35 -2.66
N MET A 179 -7.90 43.37 -1.81
CA MET A 179 -7.71 43.82 -0.43
C MET A 179 -6.80 42.89 0.34
N GLU A 180 -6.74 41.62 -0.05
CA GLU A 180 -5.87 40.65 0.61
C GLU A 180 -4.40 41.08 0.58
N GLN A 181 -3.99 41.80 -0.46
CA GLN A 181 -2.59 42.23 -0.55
C GLN A 181 -2.23 43.21 0.57
N PHE A 182 -3.16 44.08 0.96
CA PHE A 182 -2.88 45.03 2.02
C PHE A 182 -3.02 44.40 3.39
N THR A 183 -3.97 43.48 3.56
CA THR A 183 -4.05 42.72 4.80
C THR A 183 -2.70 42.10 5.12
N LYS A 184 -2.07 41.47 4.12
CA LYS A 184 -0.78 40.82 4.35
C LYS A 184 0.32 41.85 4.59
N ALA A 185 0.37 42.89 3.76
CA ALA A 185 1.42 43.89 3.92
C ALA A 185 1.25 44.68 5.21
N ASN A 186 0.02 44.85 5.69
CA ASN A 186 -0.19 45.64 6.91
C ASN A 186 0.43 44.99 8.14
N PHE A 187 0.91 43.75 8.05
CA PHE A 187 1.72 43.21 9.13
C PHE A 187 2.83 44.20 9.52
N TRP A 188 3.42 44.86 8.55
CA TRP A 188 4.51 45.80 8.79
C TRP A 188 4.02 47.15 9.33
N TYR A 189 2.72 47.45 9.24
CA TYR A 189 2.22 48.74 9.70
C TYR A 189 1.86 48.66 11.18
N GLN A 190 2.89 48.50 12.00
CA GLN A 190 2.71 48.47 13.43
C GLN A 190 3.89 49.16 14.08
N PRO A 191 3.64 49.99 15.10
CA PRO A 191 4.72 50.83 15.65
C PRO A 191 5.58 50.14 16.69
N SER A 192 5.16 49.00 17.21
CA SER A 192 5.93 48.34 18.26
C SER A 192 5.74 46.82 18.17
N PHE A 193 6.34 46.24 17.13
CA PHE A 193 6.45 44.79 17.00
C PHE A 193 7.61 44.36 17.91
N HIS A 194 7.28 43.85 19.09
CA HIS A 194 8.31 43.53 20.08
C HIS A 194 9.21 44.74 20.36
N GLY A 195 8.64 45.94 20.29
CA GLY A 195 9.36 47.17 20.54
C GLY A 195 9.92 47.85 19.30
N VAL A 196 9.71 47.30 18.12
CA VAL A 196 10.30 47.82 16.89
C VAL A 196 9.19 48.38 16.00
N ASP A 197 9.44 49.56 15.44
CA ASP A 197 8.52 50.17 14.48
C ASP A 197 8.83 49.66 13.08
N LEU A 198 7.93 48.84 12.54
CA LEU A 198 8.12 48.23 11.24
C LEU A 198 7.54 49.05 10.10
N SER A 199 6.84 50.16 10.39
CA SER A 199 5.97 50.78 9.40
C SER A 199 6.72 51.24 8.17
N ALA A 200 8.01 51.57 8.31
CA ALA A 200 8.74 52.10 7.17
C ALA A 200 8.86 51.10 6.02
N LEU A 201 8.59 49.82 6.26
CA LEU A 201 8.70 48.81 5.22
C LEU A 201 7.35 48.42 4.61
N ARG A 202 6.25 49.03 5.08
CA ARG A 202 4.94 48.63 4.58
C ARG A 202 4.83 48.81 3.08
N GLY A 203 5.30 49.95 2.56
CA GLY A 203 5.21 50.19 1.12
C GLY A 203 6.00 49.17 0.30
N ALA A 204 7.19 48.84 0.76
CA ALA A 204 7.98 47.82 0.09
C ALA A 204 7.26 46.47 0.11
N ALA A 205 6.57 46.14 1.20
CA ALA A 205 5.83 44.89 1.27
C ALA A 205 4.67 44.88 0.28
N VAL A 206 3.95 46.00 0.17
CA VAL A 206 2.87 46.10 -0.81
C VAL A 206 3.42 45.88 -2.22
N ASP A 207 4.49 46.59 -2.58
CA ASP A 207 5.05 46.45 -3.92
C ASP A 207 5.44 45.01 -4.20
N GLU A 208 5.99 44.31 -3.20
CA GLU A 208 6.42 42.93 -3.41
C GLU A 208 5.23 42.04 -3.75
N TYR A 209 4.12 42.17 -3.00
CA TYR A 209 2.96 41.31 -3.27
C TYR A 209 2.38 41.59 -4.64
N PHE A 210 2.33 42.86 -5.05
CA PHE A 210 1.73 43.19 -6.33
C PHE A 210 2.58 42.75 -7.52
N ARG A 211 3.89 42.58 -7.34
CA ARG A 211 4.73 42.06 -8.43
C ARG A 211 4.49 40.57 -8.72
N GLN A 212 3.72 39.89 -7.89
CA GLN A 212 3.55 38.44 -8.03
C GLN A 212 2.28 38.14 -8.81
N PRO A 213 2.36 37.50 -9.99
CA PRO A 213 1.14 36.97 -10.59
C PRO A 213 0.53 35.89 -9.70
N VAL A 214 -0.79 35.77 -9.77
CA VAL A 214 -1.55 34.85 -8.92
C VAL A 214 -1.94 33.65 -9.76
N VAL A 215 -1.42 32.47 -9.42
CA VAL A 215 -1.76 31.22 -10.09
C VAL A 215 -2.84 30.54 -9.28
N ASP A 216 -4.01 30.41 -9.88
CA ASP A 216 -5.25 30.13 -9.18
C ASP A 216 -6.32 29.87 -10.22
N THR A 217 -7.39 29.21 -9.82
CA THR A 217 -8.59 29.20 -10.65
C THR A 217 -9.63 30.12 -10.02
N PHE A 218 -10.68 30.41 -10.78
CA PHE A 218 -11.67 31.36 -10.32
C PHE A 218 -12.99 31.07 -11.03
N ASP A 219 -14.06 31.66 -10.50
CA ASP A 219 -15.36 31.58 -11.14
C ASP A 219 -15.40 32.55 -12.32
N ILE A 220 -15.96 32.10 -13.43
CA ILE A 220 -15.94 32.91 -14.65
C ILE A 220 -16.78 34.17 -14.55
N ARG A 221 -17.62 34.32 -13.53
CA ARG A 221 -18.40 35.55 -13.44
C ARG A 221 -17.62 36.73 -12.89
N ILE A 222 -16.36 36.54 -12.48
CA ILE A 222 -15.52 37.69 -12.15
C ILE A 222 -15.05 38.42 -13.41
N LEU A 223 -15.14 37.79 -14.58
CA LEU A 223 -14.69 38.40 -15.82
C LEU A 223 -15.68 39.46 -16.26
N MET A 224 -15.16 40.60 -16.71
CA MET A 224 -15.98 41.76 -17.00
C MET A 224 -16.08 42.08 -18.49
N ALA A 225 -15.40 41.33 -19.34
CA ALA A 225 -15.49 41.55 -20.78
C ALA A 225 -15.05 40.28 -21.47
N LYS A 226 -15.47 40.13 -22.73
CA LYS A 226 -15.05 38.97 -23.51
C LYS A 226 -13.54 39.03 -23.70
N SER A 227 -12.93 37.86 -23.77
CA SER A 227 -11.48 37.77 -23.79
C SER A 227 -10.93 38.29 -25.12
N VAL A 228 -9.66 38.71 -25.07
CA VAL A 228 -8.88 39.09 -26.23
C VAL A 228 -7.81 38.02 -26.41
N LYS A 229 -7.47 37.74 -27.66
CA LYS A 229 -6.67 36.57 -28.01
C LYS A 229 -5.40 36.96 -28.75
N TYR A 230 -4.28 36.40 -28.30
CA TYR A 230 -2.99 36.52 -28.98
C TYR A 230 -2.58 35.13 -29.45
N THR A 231 -2.30 34.99 -30.75
CA THR A 231 -2.08 33.69 -31.36
C THR A 231 -0.65 33.57 -31.84
N VAL A 232 -0.05 32.41 -31.58
CA VAL A 232 1.27 32.05 -32.09
C VAL A 232 1.12 30.83 -32.99
N ASN A 233 1.53 30.96 -34.26
CA ASN A 233 1.56 29.84 -35.18
C ASN A 233 2.95 29.21 -35.12
N PHE A 234 3.03 28.03 -34.51
CA PHE A 234 4.32 27.38 -34.32
C PHE A 234 4.93 26.92 -35.64
N LEU A 235 4.13 26.75 -36.67
CA LEU A 235 4.71 26.38 -37.97
C LEU A 235 5.46 27.54 -38.60
N GLU A 236 5.10 28.77 -38.25
CA GLU A 236 5.66 29.96 -38.88
C GLU A 236 6.54 30.77 -37.96
N ALA A 237 6.30 30.74 -36.66
CA ALA A 237 6.99 31.63 -35.73
C ALA A 237 8.47 31.28 -35.63
N LYS A 238 9.27 32.30 -35.32
CA LYS A 238 10.69 32.17 -35.10
C LYS A 238 11.00 32.37 -33.62
N GLU A 239 12.12 31.81 -33.18
CA GLU A 239 12.57 31.97 -31.80
C GLU A 239 12.52 33.43 -31.35
N GLY A 240 13.10 34.33 -32.15
CA GLY A 240 13.20 35.73 -31.77
C GLY A 240 11.87 36.43 -31.58
N ASP A 241 10.80 35.87 -32.14
CA ASP A 241 9.48 36.48 -31.98
C ASP A 241 8.94 36.37 -30.56
N LEU A 242 9.56 35.56 -29.71
CA LEU A 242 9.12 35.36 -28.34
C LEU A 242 9.92 36.16 -27.33
N HIS A 243 10.94 36.91 -27.78
CA HIS A 243 11.72 37.72 -26.85
C HIS A 243 10.92 38.92 -26.34
N ARG A 244 10.04 39.47 -27.17
CA ARG A 244 9.25 40.64 -26.81
C ARG A 244 7.86 40.42 -27.38
N ILE A 245 6.89 40.18 -26.51
CA ILE A 245 5.53 39.84 -26.92
C ILE A 245 4.63 40.99 -26.51
N GLU A 246 4.15 41.74 -27.48
CA GLU A 246 3.30 42.90 -27.25
C GLU A 246 1.88 42.49 -27.55
N ILE A 247 1.01 42.59 -26.54
CA ILE A 247 -0.40 42.20 -26.70
C ILE A 247 -1.26 43.43 -26.47
N PRO A 248 -1.62 44.17 -27.51
CA PRO A 248 -2.58 45.27 -27.32
C PRO A 248 -3.97 44.70 -27.06
N PHE A 249 -4.75 45.44 -26.28
CA PHE A 249 -6.11 45.00 -25.98
C PHE A 249 -7.05 46.20 -25.95
N LYS A 250 -8.29 45.94 -26.34
CA LYS A 250 -9.37 46.92 -26.24
C LYS A 250 -10.62 46.15 -25.83
N PHE A 251 -10.92 46.15 -24.54
CA PHE A 251 -12.07 45.43 -24.01
C PHE A 251 -13.29 46.34 -24.02
N HIS A 252 -14.42 45.82 -24.49
CA HIS A 252 -15.71 46.48 -24.39
C HIS A 252 -16.42 45.89 -23.18
N MET A 253 -16.52 46.68 -22.12
CA MET A 253 -16.93 46.16 -20.81
C MET A 253 -18.36 45.67 -20.86
N LEU A 254 -18.55 44.41 -20.46
CA LEU A 254 -19.89 43.82 -20.38
C LEU A 254 -20.56 44.13 -19.04
N HIS A 255 -19.79 44.46 -18.01
CA HIS A 255 -20.32 44.72 -16.69
C HIS A 255 -19.65 45.94 -16.08
N SER A 256 -20.35 46.60 -15.16
CA SER A 256 -19.83 47.76 -14.45
C SER A 256 -19.24 47.34 -13.11
N GLY A 257 -18.13 47.96 -12.75
CA GLY A 257 -17.48 47.65 -11.50
C GLY A 257 -16.03 48.09 -11.51
N LEU A 258 -15.30 47.64 -10.50
CA LEU A 258 -13.88 47.96 -10.35
C LEU A 258 -13.04 46.86 -10.98
N VAL A 259 -12.26 47.21 -11.99
CA VAL A 259 -11.32 46.28 -12.62
C VAL A 259 -10.08 46.20 -11.75
N HIS A 260 -9.81 45.01 -11.21
CA HIS A 260 -8.63 44.85 -10.37
C HIS A 260 -7.44 44.23 -11.09
N GLY A 261 -7.58 43.83 -12.34
CA GLY A 261 -6.45 43.27 -13.08
C GLY A 261 -6.91 42.53 -14.32
N LEU A 262 -5.98 41.75 -14.87
CA LEU A 262 -6.22 40.95 -16.06
C LEU A 262 -6.01 39.47 -15.74
N ALA A 263 -6.90 38.63 -16.28
CA ALA A 263 -6.80 37.19 -16.17
C ALA A 263 -6.26 36.60 -17.47
N PHE A 264 -5.44 35.56 -17.36
CA PHE A 264 -4.78 34.92 -18.49
C PHE A 264 -5.05 33.42 -18.50
N TRP A 265 -5.26 32.88 -19.69
CA TRP A 265 -5.32 31.43 -19.91
C TRP A 265 -4.90 31.17 -21.35
N PHE A 266 -4.80 29.89 -21.72
CA PHE A 266 -4.32 29.57 -23.06
C PHE A 266 -4.93 28.26 -23.55
N ASP A 267 -5.00 28.15 -24.86
CA ASP A 267 -5.40 26.93 -25.55
C ASP A 267 -4.37 26.62 -26.63
N VAL A 268 -4.14 25.33 -26.86
CA VAL A 268 -3.31 24.89 -27.98
C VAL A 268 -4.17 24.02 -28.89
N ALA A 269 -3.80 23.98 -30.17
CA ALA A 269 -4.52 23.19 -31.16
C ALA A 269 -3.56 22.24 -31.83
N PHE A 270 -3.98 20.99 -31.99
CA PHE A 270 -3.24 19.97 -32.73
C PHE A 270 -3.95 19.81 -34.07
N ILE A 271 -3.41 20.42 -35.11
CA ILE A 271 -4.06 20.47 -36.42
C ILE A 271 -3.50 19.31 -37.23
N GLY A 272 -4.22 18.18 -37.21
CA GLY A 272 -3.80 16.99 -37.91
C GLY A 272 -4.48 16.84 -39.25
N SER A 273 -4.03 15.83 -39.98
CA SER A 273 -4.61 15.55 -41.29
C SER A 273 -6.06 15.10 -41.19
N ILE A 274 -6.40 14.39 -40.12
CA ILE A 274 -7.75 13.88 -39.97
C ILE A 274 -8.64 14.84 -39.21
N MET A 275 -8.12 15.46 -38.15
CA MET A 275 -8.94 16.36 -37.35
C MET A 275 -8.06 17.28 -36.52
N THR A 276 -8.69 18.32 -35.99
CA THR A 276 -8.04 19.26 -35.08
C THR A 276 -8.53 18.95 -33.67
N VAL A 277 -7.61 18.79 -32.73
CA VAL A 277 -7.91 18.56 -31.33
C VAL A 277 -7.41 19.74 -30.52
N TRP A 278 -8.24 20.20 -29.59
CA TRP A 278 -7.93 21.36 -28.76
C TRP A 278 -7.62 20.94 -27.34
N LEU A 279 -6.59 21.54 -26.74
CA LEU A 279 -6.32 21.43 -25.31
C LEU A 279 -6.48 22.82 -24.71
N SER A 280 -7.47 23.00 -23.85
CA SER A 280 -7.83 24.31 -23.33
C SER A 280 -7.67 24.37 -21.83
N THR A 281 -7.04 25.46 -21.35
CA THR A 281 -6.94 25.73 -19.92
C THR A 281 -7.86 26.85 -19.48
N ALA A 282 -8.91 27.11 -20.24
CA ALA A 282 -9.81 28.20 -19.93
C ALA A 282 -10.59 27.94 -18.65
N PRO A 283 -11.02 29.00 -17.96
CA PRO A 283 -11.78 28.81 -16.71
C PRO A 283 -13.17 28.23 -16.93
N THR A 284 -13.66 28.20 -18.17
CA THR A 284 -14.90 27.54 -18.52
C THR A 284 -14.71 26.04 -18.74
N GLU A 285 -13.48 25.55 -18.67
CA GLU A 285 -13.14 24.16 -18.94
C GLU A 285 -12.67 23.48 -17.66
N PRO A 286 -12.62 22.14 -17.66
CA PRO A 286 -12.11 21.44 -16.48
C PRO A 286 -10.71 21.91 -16.13
N LEU A 287 -10.43 21.95 -14.83
CA LEU A 287 -9.16 22.47 -14.36
C LEU A 287 -8.00 21.56 -14.76
N THR A 288 -6.89 22.18 -15.12
CA THR A 288 -5.65 21.51 -15.44
C THR A 288 -4.58 21.97 -14.47
N HIS A 289 -3.42 21.34 -14.55
CA HIS A 289 -2.33 21.71 -13.67
C HIS A 289 -1.69 23.03 -14.07
N TRP A 290 -2.14 23.65 -15.18
CA TRP A 290 -1.74 25.01 -15.51
C TRP A 290 -2.62 26.06 -14.82
N TYR A 291 -3.79 25.67 -14.32
CA TYR A 291 -4.72 26.60 -13.69
C TYR A 291 -4.98 27.79 -14.61
N GLN A 292 -5.05 28.99 -14.03
CA GLN A 292 -5.11 30.26 -14.76
C GLN A 292 -4.24 31.24 -13.99
N VAL A 293 -3.97 32.38 -14.60
CA VAL A 293 -3.07 33.38 -14.02
C VAL A 293 -3.76 34.74 -14.01
N ARG A 294 -3.60 35.46 -12.89
CA ARG A 294 -4.17 36.79 -12.77
C ARG A 294 -3.09 37.75 -12.32
N CYS A 295 -3.01 38.90 -13.01
CA CYS A 295 -2.10 39.98 -12.68
C CYS A 295 -2.94 41.15 -12.19
N LEU A 296 -2.70 41.58 -10.96
CA LEU A 296 -3.45 42.69 -10.40
C LEU A 296 -2.93 44.04 -10.89
N PHE A 297 -3.84 45.02 -10.89
CA PHE A 297 -3.47 46.40 -11.11
C PHE A 297 -3.11 47.03 -9.77
N GLN A 298 -2.08 47.90 -9.79
CA GLN A 298 -1.72 48.62 -8.56
C GLN A 298 -2.91 49.41 -8.02
N SER A 299 -3.64 50.07 -8.90
CA SER A 299 -4.83 50.81 -8.56
C SER A 299 -5.96 50.28 -9.42
N PRO A 300 -7.09 49.90 -8.83
CA PRO A 300 -8.21 49.46 -9.65
C PRO A 300 -8.75 50.59 -10.50
N LEU A 301 -9.45 50.20 -11.57
CA LEU A 301 -10.07 51.15 -12.48
C LEU A 301 -11.58 50.93 -12.49
N PHE A 302 -12.32 52.01 -12.33
CA PHE A 302 -13.77 51.93 -12.45
C PHE A 302 -14.17 51.99 -13.92
N ALA A 303 -15.05 51.09 -14.33
CA ALA A 303 -15.60 51.08 -15.68
C ALA A 303 -17.06 50.68 -15.60
N LYS A 304 -17.88 51.29 -16.44
CA LYS A 304 -19.29 50.90 -16.55
C LYS A 304 -19.50 50.14 -17.86
N ALA A 305 -20.56 49.34 -17.88
CA ALA A 305 -20.87 48.55 -19.07
C ALA A 305 -20.99 49.47 -20.28
N GLY A 306 -20.39 49.05 -21.38
CA GLY A 306 -20.30 49.85 -22.59
C GLY A 306 -18.99 50.61 -22.72
N ASP A 307 -18.34 50.92 -21.60
CA ASP A 307 -17.03 51.55 -21.64
C ASP A 307 -16.03 50.64 -22.36
N THR A 308 -14.87 51.21 -22.71
CA THR A 308 -13.79 50.46 -23.31
C THR A 308 -12.54 50.59 -22.45
N LEU A 309 -11.92 49.47 -22.13
CA LEU A 309 -10.68 49.42 -21.37
C LEU A 309 -9.58 49.04 -22.36
N SER A 310 -8.70 49.99 -22.66
CA SER A 310 -7.64 49.80 -23.64
C SER A 310 -6.28 49.87 -22.98
N GLY A 311 -5.30 49.22 -23.59
CA GLY A 311 -3.96 49.22 -23.04
C GLY A 311 -3.09 48.21 -23.76
N THR A 312 -2.03 47.80 -23.07
CA THR A 312 -1.04 46.90 -23.65
C THR A 312 -0.48 46.01 -22.56
N CYS A 313 -0.37 44.72 -22.86
CA CYS A 313 0.36 43.77 -22.03
C CYS A 313 1.66 43.41 -22.77
N LEU A 314 2.80 43.83 -22.21
CA LEU A 314 4.10 43.61 -22.83
C LEU A 314 4.88 42.57 -22.02
N LEU A 315 5.23 41.47 -22.66
CA LEU A 315 6.02 40.42 -22.02
C LEU A 315 7.44 40.48 -22.55
N ILE A 316 8.39 40.75 -21.66
CA ILE A 316 9.80 40.87 -22.03
C ILE A 316 10.53 39.68 -21.42
N ALA A 317 11.13 38.85 -22.28
CA ALA A 317 11.81 37.65 -21.81
C ALA A 317 13.02 38.03 -20.99
N ASN A 318 13.27 37.29 -19.93
CA ASN A 318 14.47 37.47 -19.11
C ASN A 318 15.27 36.16 -19.10
N LYS A 319 16.43 36.20 -18.47
CA LYS A 319 17.36 35.08 -18.51
C LYS A 319 17.16 34.10 -17.36
N ARG A 320 16.10 34.27 -16.58
CA ARG A 320 15.66 33.30 -15.60
C ARG A 320 14.53 32.45 -16.16
N GLN A 321 14.50 32.30 -17.49
CA GLN A 321 13.55 31.43 -18.17
C GLN A 321 12.11 31.86 -17.92
N SER A 322 11.89 33.17 -17.84
CA SER A 322 10.55 33.68 -17.66
C SER A 322 10.44 35.03 -18.36
N TYR A 323 9.48 35.84 -17.92
CA TYR A 323 9.16 37.10 -18.55
C TYR A 323 8.90 38.16 -17.48
N ASP A 324 9.35 39.38 -17.76
CA ASP A 324 8.88 40.55 -17.02
C ASP A 324 7.58 40.99 -17.68
N ILE A 325 6.55 41.16 -16.88
CA ILE A 325 5.22 41.50 -17.37
C ILE A 325 4.99 42.98 -17.10
N SER A 326 4.63 43.72 -18.14
CA SER A 326 4.27 45.13 -18.01
C SER A 326 2.85 45.29 -18.55
N ILE A 327 1.92 45.66 -17.69
CA ILE A 327 0.53 45.90 -18.09
C ILE A 327 0.20 47.36 -17.85
N VAL A 328 -0.33 48.02 -18.90
CA VAL A 328 -0.82 49.38 -18.82
C VAL A 328 -2.26 49.37 -19.32
N ALA A 329 -3.16 50.03 -18.61
CA ALA A 329 -4.56 50.03 -18.99
C ALA A 329 -5.19 51.35 -18.62
N GLN A 330 -6.20 51.75 -19.39
CA GLN A 330 -6.96 52.95 -19.09
C GLN A 330 -8.40 52.77 -19.55
N VAL A 331 -9.32 53.40 -18.84
CA VAL A 331 -10.71 53.49 -19.27
C VAL A 331 -10.82 54.70 -20.19
N ASP A 332 -11.09 54.45 -21.47
CA ASP A 332 -11.04 55.51 -22.47
C ASP A 332 -12.01 56.64 -22.13
N GLN A 333 -13.19 56.29 -21.59
CA GLN A 333 -14.21 57.30 -21.39
C GLN A 333 -13.84 58.28 -20.29
N THR A 334 -13.04 57.86 -19.32
CA THR A 334 -12.69 58.72 -18.19
C THR A 334 -11.23 59.13 -18.15
N GLY A 335 -10.36 58.41 -18.84
CA GLY A 335 -8.94 58.69 -18.82
C GLY A 335 -8.18 58.14 -17.63
N SER A 336 -8.85 57.62 -16.62
CA SER A 336 -8.15 57.01 -15.50
C SER A 336 -7.33 55.81 -15.97
N LYS A 337 -6.11 55.73 -15.49
CA LYS A 337 -5.19 54.68 -15.94
C LYS A 337 -4.51 54.01 -14.76
N SER A 338 -4.00 52.82 -15.03
CA SER A 338 -3.24 52.07 -14.07
C SER A 338 -2.20 51.28 -14.81
N SER A 339 -1.23 50.75 -14.07
CA SER A 339 -0.18 49.93 -14.63
C SER A 339 0.31 48.97 -13.56
N ASN A 340 1.15 48.03 -13.96
CA ASN A 340 1.78 47.15 -13.00
C ASN A 340 2.97 46.50 -13.70
N LEU A 341 3.99 46.17 -12.91
CA LEU A 341 5.14 45.40 -13.35
C LEU A 341 5.17 44.13 -12.51
N LEU A 342 5.23 42.98 -13.17
CA LEU A 342 5.17 41.70 -12.46
C LEU A 342 6.28 40.79 -12.95
N ASP A 343 6.73 39.91 -12.05
CA ASP A 343 7.75 38.91 -12.36
C ASP A 343 7.05 37.56 -12.50
N LEU A 344 6.91 37.09 -13.74
CA LEU A 344 6.28 35.79 -13.97
C LEU A 344 7.07 34.65 -13.35
N LYS A 345 8.33 34.88 -12.99
CA LYS A 345 9.18 33.83 -12.43
C LYS A 345 8.85 33.52 -10.98
N ASN A 346 8.18 34.44 -10.29
CA ASN A 346 7.91 34.30 -8.86
C ASN A 346 6.41 34.46 -8.59
N PRO A 347 5.60 33.54 -9.07
CA PRO A 347 4.15 33.65 -8.88
C PRO A 347 3.73 33.26 -7.48
N PHE A 348 2.53 33.68 -7.12
CA PHE A 348 1.91 33.27 -5.87
C PHE A 348 0.91 32.15 -6.17
N PHE A 349 1.18 30.97 -5.64
CA PHE A 349 0.30 29.81 -5.83
C PHE A 349 -0.77 29.87 -4.75
N ARG A 350 -1.91 30.44 -5.09
CA ARG A 350 -2.98 30.69 -4.14
C ARG A 350 -3.96 29.54 -3.98
N TYR A 351 -4.02 28.64 -4.95
CA TYR A 351 -5.01 27.57 -4.92
C TYR A 351 -4.79 26.63 -3.75
N THR A 352 -5.88 26.15 -3.17
CA THR A 352 -5.84 25.14 -2.11
C THR A 352 -6.71 23.94 -2.47
N SER B 10 36.61 32.73 -0.93
CA SER B 10 36.16 32.76 0.45
C SER B 10 35.81 31.35 0.93
N VAL B 11 35.77 31.17 2.25
CA VAL B 11 35.37 29.89 2.82
C VAL B 11 33.96 29.51 2.35
N PHE B 12 33.09 30.50 2.16
CA PHE B 12 31.74 30.22 1.71
C PHE B 12 31.72 29.74 0.27
N SER B 13 32.40 30.46 -0.62
CA SER B 13 32.38 30.11 -2.05
C SER B 13 32.91 28.70 -2.27
N GLU B 14 33.97 28.31 -1.56
CA GLU B 14 34.58 27.01 -1.81
C GLU B 14 33.69 25.85 -1.41
N ARG B 15 32.71 26.07 -0.54
CA ARG B 15 31.87 25.00 -0.05
C ARG B 15 30.45 25.03 -0.61
N THR B 16 30.14 26.01 -1.47
CA THR B 16 28.77 26.19 -1.95
C THR B 16 28.77 26.30 -3.47
N GLU B 17 27.90 25.51 -4.10
CA GLU B 17 27.63 25.69 -5.53
C GLU B 17 26.93 27.03 -5.73
N GLU B 18 27.29 27.71 -6.82
CA GLU B 18 26.79 29.07 -7.01
C GLU B 18 25.31 29.09 -7.37
N SER B 19 24.83 28.10 -8.14
CA SER B 19 23.40 28.03 -8.43
C SER B 19 22.57 27.85 -7.15
N SER B 20 23.10 27.11 -6.17
CA SER B 20 22.37 26.92 -4.92
C SER B 20 22.41 28.18 -4.06
N ALA B 21 23.56 28.85 -3.99
CA ALA B 21 23.67 30.07 -3.19
C ALA B 21 22.81 31.19 -3.75
N VAL B 22 22.78 31.33 -5.08
CA VAL B 22 21.89 32.32 -5.69
C VAL B 22 20.45 32.07 -5.27
N GLN B 23 19.99 30.84 -5.45
CA GLN B 23 18.64 30.45 -5.04
C GLN B 23 18.41 30.73 -3.55
N TYR B 24 19.42 30.49 -2.73
CA TYR B 24 19.25 30.56 -1.29
C TYR B 24 19.04 32.00 -0.82
N PHE B 25 19.94 32.90 -1.22
CA PHE B 25 19.83 34.28 -0.77
C PHE B 25 18.66 35.00 -1.44
N GLN B 26 18.28 34.58 -2.65
CA GLN B 26 17.08 35.10 -3.27
C GLN B 26 15.85 34.81 -2.41
N PHE B 27 15.74 33.59 -1.91
CA PHE B 27 14.62 33.20 -1.06
C PHE B 27 14.52 34.12 0.16
N TYR B 28 15.64 34.44 0.77
CA TYR B 28 15.65 35.26 1.98
C TYR B 28 15.61 36.76 1.69
N GLY B 29 15.54 37.17 0.44
CA GLY B 29 15.37 38.56 0.11
C GLY B 29 13.95 39.05 0.17
N TYR B 30 12.97 38.17 0.41
CA TYR B 30 11.56 38.51 0.31
C TYR B 30 11.01 38.89 1.67
N LEU B 31 10.33 40.04 1.73
CA LEU B 31 9.73 40.49 2.98
C LEU B 31 8.69 39.50 3.47
N SER B 32 7.95 38.85 2.56
CA SER B 32 6.97 37.85 2.97
C SER B 32 7.62 36.71 3.74
N GLN B 33 8.85 36.35 3.39
CA GLN B 33 9.57 35.32 4.13
C GLN B 33 10.00 35.83 5.49
N GLN B 34 10.41 37.11 5.57
CA GLN B 34 10.72 37.72 6.87
C GLN B 34 9.50 37.73 7.77
N GLN B 35 8.34 38.09 7.21
CA GLN B 35 7.12 38.11 8.01
C GLN B 35 6.80 36.73 8.55
N ASN B 36 6.96 35.69 7.71
CA ASN B 36 6.62 34.34 8.14
C ASN B 36 7.45 33.90 9.35
N MET B 37 8.73 34.24 9.35
CA MET B 37 9.57 33.92 10.51
C MET B 37 9.24 34.82 11.70
N MET B 38 9.03 36.11 11.45
CA MET B 38 8.75 37.03 12.56
C MET B 38 7.43 36.74 13.25
N GLN B 39 6.42 36.29 12.51
CA GLN B 39 5.13 35.97 13.10
C GLN B 39 5.18 34.74 13.99
N ASP B 40 6.25 33.94 13.93
CA ASP B 40 6.43 32.83 14.86
C ASP B 40 6.73 33.40 16.23
N TYR B 41 5.70 33.52 17.07
CA TYR B 41 5.87 34.20 18.34
C TYR B 41 6.75 33.41 19.31
N VAL B 42 6.70 32.08 19.26
CA VAL B 42 7.60 31.29 20.10
C VAL B 42 9.05 31.63 19.77
N ARG B 43 9.37 31.66 18.48
CA ARG B 43 10.73 31.98 18.08
C ARG B 43 11.09 33.41 18.48
N THR B 44 10.27 34.37 18.06
CA THR B 44 10.66 35.77 18.27
C THR B 44 10.60 36.14 19.75
N GLY B 45 9.55 35.68 20.45
CA GLY B 45 9.43 35.98 21.86
C GLY B 45 10.54 35.36 22.69
N THR B 46 10.96 34.15 22.35
CA THR B 46 12.01 33.50 23.12
C THR B 46 13.35 34.17 22.90
N TYR B 47 13.64 34.57 21.65
CA TYR B 47 14.87 35.30 21.39
C TYR B 47 14.92 36.60 22.18
N GLN B 48 13.80 37.33 22.23
CA GLN B 48 13.79 38.58 22.99
C GLN B 48 13.96 38.32 24.47
N ARG B 49 13.28 37.29 24.97
CA ARG B 49 13.42 36.89 26.36
C ARG B 49 14.88 36.56 26.69
N ALA B 50 15.51 35.73 25.86
CA ALA B 50 16.90 35.35 26.13
C ALA B 50 17.82 36.57 26.14
N ILE B 51 17.52 37.57 25.33
CA ILE B 51 18.41 38.73 25.21
C ILE B 51 18.13 39.74 26.32
N LEU B 52 16.87 40.09 26.53
CA LEU B 52 16.54 41.10 27.52
C LEU B 52 16.81 40.61 28.94
N GLN B 53 16.53 39.34 29.21
CA GLN B 53 16.76 38.80 30.55
C GLN B 53 18.23 38.61 30.87
N ASN B 54 19.09 38.52 29.85
CA ASN B 54 20.53 38.52 30.05
C ASN B 54 21.10 39.87 29.60
N HIS B 55 20.49 40.96 30.07
CA HIS B 55 20.87 42.27 29.58
C HIS B 55 22.31 42.62 29.94
N THR B 56 22.83 42.09 31.05
CA THR B 56 24.22 42.36 31.38
C THR B 56 25.18 41.74 30.37
N ASP B 57 24.72 40.78 29.57
CA ASP B 57 25.54 40.23 28.49
C ASP B 57 25.62 41.17 27.29
N PHE B 58 24.80 42.21 27.26
CA PHE B 58 24.77 43.15 26.16
C PHE B 58 25.06 44.59 26.57
N LYS B 59 24.74 44.98 27.80
CA LYS B 59 24.91 46.35 28.27
C LYS B 59 26.33 46.85 28.04
N ASP B 60 26.47 47.81 27.13
CA ASP B 60 27.74 48.45 26.79
C ASP B 60 28.72 47.52 26.08
N LYS B 61 28.22 46.48 25.42
CA LYS B 61 29.07 45.52 24.73
C LYS B 61 29.01 45.73 23.22
N ILE B 62 29.98 45.11 22.53
CA ILE B 62 30.02 45.06 21.07
C ILE B 62 29.39 43.75 20.64
N VAL B 63 28.48 43.80 19.67
CA VAL B 63 27.69 42.66 19.26
C VAL B 63 27.82 42.46 17.76
N LEU B 64 27.93 41.20 17.34
CA LEU B 64 27.82 40.81 15.94
C LEU B 64 26.54 40.00 15.75
N ASP B 65 25.70 40.42 14.79
CA ASP B 65 24.46 39.73 14.42
C ASP B 65 24.68 39.11 13.04
N VAL B 66 24.78 37.79 13.00
CA VAL B 66 25.10 37.07 11.77
C VAL B 66 23.80 36.66 11.10
N GLY B 67 23.61 37.11 9.85
CA GLY B 67 22.40 36.83 9.13
C GLY B 67 21.21 37.53 9.74
N CYS B 68 21.29 38.86 9.86
CA CYS B 68 20.33 39.61 10.65
C CYS B 68 18.97 39.74 9.99
N GLY B 69 18.84 39.41 8.71
CA GLY B 69 17.56 39.56 8.04
C GLY B 69 17.08 40.99 8.15
N SER B 70 15.84 41.15 8.62
CA SER B 70 15.30 42.49 8.81
C SER B 70 15.91 43.21 10.01
N GLY B 71 16.70 42.53 10.83
CA GLY B 71 17.41 43.16 11.92
C GLY B 71 16.82 43.03 13.30
N ILE B 72 15.82 42.18 13.50
CA ILE B 72 15.08 42.18 14.75
C ILE B 72 15.97 41.81 15.93
N LEU B 73 16.90 40.87 15.74
CA LEU B 73 17.79 40.51 16.84
C LEU B 73 18.73 41.69 17.20
N SER B 74 19.14 42.46 16.21
CA SER B 74 19.96 43.62 16.51
C SER B 74 19.16 44.65 17.30
N PHE B 75 17.86 44.81 17.00
CA PHE B 75 17.04 45.71 17.80
C PHE B 75 16.89 45.22 19.23
N PHE B 76 16.79 43.90 19.41
CA PHE B 76 16.73 43.36 20.78
C PHE B 76 18.02 43.65 21.53
N ALA B 77 19.17 43.43 20.88
CA ALA B 77 20.45 43.75 21.50
C ALA B 77 20.55 45.23 21.85
N ALA B 78 19.98 46.10 21.00
CA ALA B 78 19.95 47.52 21.31
C ALA B 78 19.05 47.80 22.51
N GLN B 79 17.91 47.11 22.60
CA GLN B 79 17.04 47.28 23.77
C GLN B 79 17.76 46.89 25.05
N ALA B 80 18.60 45.86 24.99
CA ALA B 80 19.37 45.41 26.13
C ALA B 80 20.57 46.31 26.46
N GLY B 81 20.80 47.36 25.69
CA GLY B 81 21.82 48.33 26.02
C GLY B 81 23.15 48.15 25.33
N ALA B 82 23.20 47.43 24.21
CA ALA B 82 24.46 47.24 23.50
C ALA B 82 25.00 48.58 23.03
N ARG B 83 26.32 48.73 23.08
CA ARG B 83 26.93 49.98 22.65
C ARG B 83 27.02 50.07 21.14
N LYS B 84 27.33 48.95 20.47
CA LYS B 84 27.40 48.93 19.02
C LYS B 84 27.09 47.50 18.56
N ILE B 85 26.31 47.40 17.49
CA ILE B 85 25.89 46.12 16.92
C ILE B 85 26.21 46.14 15.44
N TYR B 86 27.03 45.19 14.99
CA TYR B 86 27.30 44.98 13.57
C TYR B 86 26.34 43.90 13.06
N ALA B 87 25.50 44.26 12.12
CA ALA B 87 24.43 43.40 11.63
C ALA B 87 24.77 43.00 10.20
N VAL B 88 25.22 41.76 10.03
CA VAL B 88 25.70 41.26 8.75
C VAL B 88 24.59 40.45 8.08
N GLU B 89 24.31 40.74 6.82
CA GLU B 89 23.28 40.02 6.07
C GLU B 89 23.68 40.01 4.61
N ALA B 90 23.64 38.82 3.98
CA ALA B 90 24.11 38.68 2.61
C ALA B 90 23.01 38.84 1.58
N SER B 91 21.75 38.66 1.96
CA SER B 91 20.66 38.85 1.02
C SER B 91 20.36 40.33 0.84
N THR B 92 19.48 40.64 -0.10
CA THR B 92 19.04 42.02 -0.30
C THR B 92 18.17 42.55 0.85
N MET B 93 17.86 41.71 1.85
CA MET B 93 17.15 42.18 3.03
C MET B 93 17.99 43.18 3.83
N ALA B 94 19.31 43.19 3.63
CA ALA B 94 20.16 44.13 4.35
C ALA B 94 19.72 45.58 4.13
N GLN B 95 19.25 45.91 2.94
CA GLN B 95 18.81 47.27 2.66
C GLN B 95 17.52 47.62 3.37
N HIS B 96 16.62 46.65 3.53
CA HIS B 96 15.43 46.86 4.34
C HIS B 96 15.79 47.04 5.81
N ALA B 97 16.81 46.31 6.28
CA ALA B 97 17.24 46.47 7.65
C ALA B 97 17.78 47.88 7.90
N GLU B 98 18.53 48.42 6.93
CA GLU B 98 19.04 49.78 7.10
C GLU B 98 17.89 50.77 7.18
N VAL B 99 16.81 50.53 6.43
CA VAL B 99 15.65 51.42 6.50
C VAL B 99 15.06 51.42 7.90
N LEU B 100 14.92 50.23 8.50
CA LEU B 100 14.37 50.12 9.85
C LEU B 100 15.30 50.75 10.88
N VAL B 101 16.60 50.57 10.73
CA VAL B 101 17.52 51.21 11.67
C VAL B 101 17.35 52.72 11.67
N LYS B 102 17.21 53.32 10.48
CA LYS B 102 17.04 54.77 10.41
C LYS B 102 15.68 55.19 10.96
N SER B 103 14.61 54.48 10.59
CA SER B 103 13.28 54.89 11.05
C SER B 103 13.10 54.67 12.54
N ASN B 104 13.88 53.79 13.15
CA ASN B 104 13.86 53.58 14.60
C ASN B 104 14.95 54.38 15.32
N ASN B 105 15.64 55.26 14.61
CA ASN B 105 16.59 56.20 15.22
C ASN B 105 17.70 55.50 16.01
N LEU B 106 18.24 54.43 15.41
CA LEU B 106 19.34 53.68 16.01
C LEU B 106 20.56 53.67 15.11
N THR B 107 20.74 54.70 14.29
CA THR B 107 21.91 54.79 13.42
C THR B 107 23.21 54.91 14.21
N ASP B 108 23.14 55.38 15.45
CA ASP B 108 24.32 55.51 16.30
C ASP B 108 24.70 54.20 16.97
N ARG B 109 23.94 53.12 16.78
CA ARG B 109 24.21 51.88 17.50
C ARG B 109 24.15 50.62 16.66
N ILE B 110 23.33 50.54 15.62
CA ILE B 110 23.29 49.38 14.74
C ILE B 110 23.90 49.77 13.40
N VAL B 111 24.91 49.03 12.98
CA VAL B 111 25.60 49.26 11.72
C VAL B 111 25.37 48.04 10.84
N VAL B 112 24.56 48.21 9.79
CA VAL B 112 24.32 47.12 8.84
C VAL B 112 25.54 46.98 7.93
N ILE B 113 26.08 45.77 7.85
CA ILE B 113 27.22 45.45 7.00
C ILE B 113 26.76 44.42 5.98
N PRO B 114 26.47 44.84 4.75
CA PRO B 114 26.00 43.90 3.74
C PRO B 114 27.11 42.97 3.26
N GLY B 115 26.75 41.72 3.00
CA GLY B 115 27.69 40.73 2.52
C GLY B 115 27.62 39.44 3.33
N LYS B 116 28.36 38.45 2.83
CA LYS B 116 28.48 37.18 3.54
C LYS B 116 29.47 37.32 4.68
N VAL B 117 29.13 36.77 5.85
CA VAL B 117 29.96 36.95 7.03
C VAL B 117 31.37 36.40 6.82
N GLU B 118 31.55 35.47 5.88
CA GLU B 118 32.86 34.98 5.54
C GLU B 118 33.67 35.95 4.70
N GLU B 119 33.04 37.00 4.17
CA GLU B 119 33.70 37.89 3.21
C GLU B 119 33.76 39.34 3.64
N VAL B 120 32.95 39.77 4.61
CA VAL B 120 32.99 41.17 5.05
C VAL B 120 34.16 41.36 5.98
N SER B 121 34.42 42.61 6.37
CA SER B 121 35.44 42.92 7.39
C SER B 121 34.80 43.84 8.43
N LEU B 122 34.85 43.42 9.70
CA LEU B 122 34.33 44.26 10.78
C LEU B 122 35.45 45.10 11.38
N PRO B 123 35.13 46.30 11.87
CA PRO B 123 36.20 47.19 12.38
C PRO B 123 36.77 46.78 13.72
N GLU B 124 36.14 45.85 14.44
CA GLU B 124 36.63 45.50 15.77
C GLU B 124 36.09 44.14 16.18
N GLN B 125 36.69 43.59 17.24
CA GLN B 125 36.24 42.34 17.82
C GLN B 125 35.01 42.58 18.71
N VAL B 126 34.21 41.53 18.87
CA VAL B 126 32.91 41.66 19.52
C VAL B 126 32.88 40.83 20.79
N ASP B 127 31.99 41.24 21.71
CA ASP B 127 31.85 40.54 22.99
C ASP B 127 30.92 39.35 22.89
N ILE B 128 30.00 39.36 21.93
CA ILE B 128 28.98 38.33 21.83
C ILE B 128 28.46 38.30 20.40
N ILE B 129 28.18 37.09 19.91
CA ILE B 129 27.61 36.87 18.59
C ILE B 129 26.19 36.34 18.78
N ILE B 130 25.24 36.94 18.07
CA ILE B 130 23.86 36.46 18.06
C ILE B 130 23.48 36.11 16.63
N SER B 131 22.64 35.09 16.49
CA SER B 131 22.23 34.64 15.16
C SER B 131 21.04 33.72 15.31
N GLU B 132 20.42 33.40 14.18
CA GLU B 132 19.41 32.36 14.06
C GLU B 132 19.93 31.42 12.98
N PRO B 133 20.93 30.60 13.28
CA PRO B 133 21.51 29.73 12.26
C PRO B 133 20.83 28.37 12.09
N MET B 134 19.71 28.13 12.77
CA MET B 134 19.08 26.81 12.77
C MET B 134 18.16 26.65 11.58
N GLY B 135 18.37 25.58 10.81
CA GLY B 135 17.43 25.16 9.81
C GLY B 135 16.65 23.94 10.25
N TYR B 136 15.91 23.37 9.30
CA TYR B 136 15.22 22.10 9.54
C TYR B 136 16.21 21.08 10.08
N MET B 137 15.78 20.31 11.09
CA MET B 137 16.64 19.26 11.65
C MET B 137 17.93 19.87 12.18
N LEU B 138 17.87 21.16 12.52
CA LEU B 138 18.99 21.96 12.98
C LEU B 138 19.98 22.29 11.87
N PHE B 139 20.44 21.27 11.14
CA PHE B 139 21.63 21.41 10.30
C PHE B 139 21.34 21.89 8.88
N ASN B 140 20.09 21.81 8.42
CA ASN B 140 19.80 22.26 7.06
C ASN B 140 20.20 23.73 6.89
N GLU B 141 20.62 24.06 5.67
CA GLU B 141 21.07 25.37 5.22
C GLU B 141 22.54 25.59 5.52
N ARG B 142 23.16 24.73 6.35
CA ARG B 142 24.59 24.83 6.67
C ARG B 142 24.95 26.21 7.19
N MET B 143 24.00 26.90 7.80
CA MET B 143 24.28 28.22 8.34
C MET B 143 25.06 28.15 9.64
N LEU B 144 25.06 27.00 10.32
CA LEU B 144 25.87 26.87 11.53
C LEU B 144 27.36 27.05 11.24
N GLU B 145 27.81 26.65 10.05
CA GLU B 145 29.22 26.84 9.70
C GLU B 145 29.55 28.31 9.57
N SER B 146 28.66 29.12 8.99
CA SER B 146 28.89 30.57 8.94
C SER B 146 28.89 31.15 10.35
N TYR B 147 28.00 30.65 11.21
CA TYR B 147 27.94 31.08 12.61
C TYR B 147 29.23 30.76 13.33
N LEU B 148 29.77 29.54 13.15
CA LEU B 148 31.04 29.20 13.77
C LEU B 148 32.19 29.97 13.13
N HIS B 149 32.15 30.14 11.80
CA HIS B 149 33.17 30.91 11.11
C HIS B 149 33.31 32.30 11.72
N ALA B 150 32.19 32.92 12.10
CA ALA B 150 32.20 34.27 12.65
C ALA B 150 32.92 34.37 13.98
N LYS B 151 33.30 33.26 14.60
CA LYS B 151 34.03 33.31 15.87
C LYS B 151 35.42 33.92 15.72
N LYS B 152 35.94 34.07 14.50
CA LYS B 152 37.18 34.81 14.30
C LYS B 152 37.07 36.24 14.80
N TYR B 153 35.85 36.77 14.94
CA TYR B 153 35.63 38.13 15.44
C TYR B 153 35.36 38.18 16.93
N LEU B 154 35.30 37.04 17.60
CA LEU B 154 34.87 36.97 18.99
C LEU B 154 36.07 37.13 19.91
N LYS B 155 35.92 37.96 20.95
CA LYS B 155 36.98 38.16 21.92
C LYS B 155 37.15 36.92 22.80
N PRO B 156 38.31 36.77 23.45
CA PRO B 156 38.60 35.52 24.21
C PRO B 156 37.42 34.97 25.02
N SER B 157 36.91 35.69 26.00
CA SER B 157 35.83 35.17 26.82
C SER B 157 34.45 35.57 26.30
N GLY B 158 34.33 35.80 25.00
CA GLY B 158 33.06 36.20 24.43
C GLY B 158 32.03 35.08 24.52
N ASN B 159 30.78 35.46 24.26
CA ASN B 159 29.65 34.56 24.34
C ASN B 159 29.00 34.40 22.97
N MET B 160 28.10 33.42 22.89
CA MET B 160 27.36 33.13 21.67
C MET B 160 25.91 32.86 22.01
N PHE B 161 25.00 33.46 21.24
CA PHE B 161 23.55 33.30 21.42
C PHE B 161 22.95 32.87 20.09
N PRO B 162 22.60 31.58 19.93
CA PRO B 162 22.58 30.48 20.92
C PRO B 162 23.96 29.95 21.25
N THR B 163 24.06 29.35 22.44
CA THR B 163 25.33 28.83 22.93
C THR B 163 25.53 27.37 22.56
N ILE B 164 24.49 26.55 22.67
CA ILE B 164 24.55 25.13 22.33
C ILE B 164 23.30 24.75 21.54
N GLY B 165 23.39 23.61 20.86
CA GLY B 165 22.27 23.05 20.12
C GLY B 165 22.15 21.55 20.34
N ASP B 166 20.94 21.09 20.69
CA ASP B 166 20.67 19.68 20.91
C ASP B 166 19.76 19.15 19.80
N VAL B 167 20.22 18.11 19.10
CA VAL B 167 19.40 17.41 18.13
C VAL B 167 18.88 16.15 18.81
N HIS B 168 17.56 15.97 18.82
CA HIS B 168 16.92 14.79 19.37
C HIS B 168 16.42 13.91 18.22
N LEU B 169 16.54 12.59 18.39
CA LEU B 169 16.01 11.62 17.45
C LEU B 169 15.37 10.48 18.22
N ALA B 170 14.26 9.98 17.70
CA ALA B 170 13.52 8.90 18.33
C ALA B 170 12.79 8.11 17.27
N PRO B 171 12.68 6.79 17.41
CA PRO B 171 11.90 6.01 16.44
C PRO B 171 10.42 6.26 16.60
N PHE B 172 9.70 6.26 15.48
CA PHE B 172 8.26 6.48 15.49
C PHE B 172 7.54 5.40 14.69
N THR B 173 6.24 5.26 14.97
CA THR B 173 5.35 4.42 14.20
C THR B 173 4.23 5.32 13.67
N ASP B 174 4.00 5.28 12.36
CA ASP B 174 2.98 6.12 11.72
C ASP B 174 2.60 5.42 10.42
N GLU B 175 1.66 4.48 10.52
CA GLU B 175 1.26 3.69 9.36
C GLU B 175 0.64 4.57 8.28
N GLN B 176 -0.14 5.58 8.68
CA GLN B 176 -0.80 6.43 7.71
C GLN B 176 0.22 7.21 6.89
N LEU B 177 1.25 7.76 7.53
CA LEU B 177 2.27 8.50 6.77
C LEU B 177 3.03 7.57 5.84
N TYR B 178 3.40 6.38 6.32
CA TYR B 178 4.13 5.45 5.48
C TYR B 178 3.32 5.09 4.23
N MET B 179 2.03 4.81 4.42
CA MET B 179 1.19 4.39 3.30
C MET B 179 0.95 5.54 2.34
N GLU B 180 0.90 6.77 2.84
CA GLU B 180 0.77 7.92 1.95
C GLU B 180 1.94 7.98 0.98
N GLN B 181 3.16 7.94 1.50
CA GLN B 181 4.34 7.99 0.63
C GLN B 181 4.44 6.74 -0.21
N PHE B 182 4.15 5.59 0.39
CA PHE B 182 4.21 4.33 -0.34
C PHE B 182 3.22 4.33 -1.50
N THR B 183 2.00 4.84 -1.26
CA THR B 183 0.98 4.87 -2.31
C THR B 183 1.40 5.80 -3.45
N LYS B 184 2.02 6.94 -3.13
CA LYS B 184 2.49 7.83 -4.19
C LYS B 184 3.47 7.13 -5.11
N ALA B 185 4.43 6.41 -4.52
CA ALA B 185 5.48 5.78 -5.31
C ALA B 185 4.94 4.67 -6.20
N ASN B 186 3.81 4.07 -5.83
CA ASN B 186 3.26 2.95 -6.58
C ASN B 186 2.39 3.36 -7.75
N PHE B 187 2.27 4.68 -8.01
CA PHE B 187 1.78 5.12 -9.31
C PHE B 187 2.59 4.47 -10.42
N TRP B 188 3.89 4.32 -10.20
CA TRP B 188 4.82 3.79 -11.18
C TRP B 188 4.82 2.27 -11.21
N TYR B 189 3.76 1.66 -10.69
CA TYR B 189 3.53 0.23 -10.80
C TYR B 189 2.60 -0.13 -11.94
N GLN B 190 1.84 0.83 -12.45
CA GLN B 190 0.87 0.58 -13.50
C GLN B 190 1.53 -0.11 -14.70
N PRO B 191 1.11 -1.32 -15.07
CA PRO B 191 1.61 -1.93 -16.30
C PRO B 191 0.97 -1.37 -17.56
N SER B 192 -0.02 -0.51 -17.42
CA SER B 192 -0.75 -0.02 -18.59
C SER B 192 -1.32 1.38 -18.32
N PHE B 193 -0.46 2.31 -17.90
CA PHE B 193 -0.85 3.71 -17.82
C PHE B 193 -1.05 4.23 -19.23
N HIS B 194 -2.30 4.47 -19.61
CA HIS B 194 -2.62 4.88 -20.98
C HIS B 194 -1.99 3.93 -22.00
N GLY B 195 -1.94 2.65 -21.63
CA GLY B 195 -1.32 1.64 -22.47
C GLY B 195 0.19 1.56 -22.38
N VAL B 196 0.81 2.19 -21.38
CA VAL B 196 2.25 2.19 -21.21
C VAL B 196 2.61 1.50 -19.90
N ASP B 197 3.63 0.66 -19.94
CA ASP B 197 4.08 -0.06 -18.76
C ASP B 197 5.11 0.77 -18.02
N LEU B 198 4.74 1.25 -16.82
CA LEU B 198 5.62 2.05 -15.99
C LEU B 198 6.39 1.24 -14.97
N SER B 199 6.06 -0.05 -14.81
CA SER B 199 6.47 -0.81 -13.64
C SER B 199 7.99 -0.88 -13.50
N ALA B 200 8.73 -0.76 -14.59
CA ALA B 200 10.19 -0.83 -14.49
C ALA B 200 10.77 0.30 -13.65
N LEU B 201 10.06 1.42 -13.52
CA LEU B 201 10.52 2.55 -12.73
C LEU B 201 9.99 2.50 -11.29
N ARG B 202 9.32 1.40 -10.91
CA ARG B 202 8.78 1.31 -9.56
C ARG B 202 9.86 1.53 -8.52
N GLY B 203 10.98 0.83 -8.64
CA GLY B 203 12.02 0.93 -7.63
C GLY B 203 12.62 2.33 -7.56
N ALA B 204 12.79 2.98 -8.70
CA ALA B 204 13.32 4.33 -8.71
C ALA B 204 12.36 5.30 -8.05
N ALA B 205 11.06 5.11 -8.27
CA ALA B 205 10.07 5.99 -7.66
C ALA B 205 10.08 5.88 -6.15
N VAL B 206 10.11 4.64 -5.63
CA VAL B 206 10.15 4.44 -4.19
C VAL B 206 11.40 5.07 -3.60
N ASP B 207 12.55 4.87 -4.24
CA ASP B 207 13.78 5.48 -3.75
C ASP B 207 13.64 7.01 -3.66
N GLU B 208 13.06 7.63 -4.69
CA GLU B 208 12.96 9.08 -4.71
C GLU B 208 12.02 9.59 -3.61
N TYR B 209 10.84 8.99 -3.48
CA TYR B 209 9.87 9.49 -2.51
C TYR B 209 10.39 9.34 -1.08
N PHE B 210 11.01 8.21 -0.76
CA PHE B 210 11.48 7.97 0.59
C PHE B 210 12.81 8.64 0.88
N ARG B 211 13.43 9.25 -0.13
CA ARG B 211 14.55 10.15 0.12
C ARG B 211 14.11 11.48 0.70
N GLN B 212 12.82 11.81 0.65
CA GLN B 212 12.33 13.11 1.11
C GLN B 212 12.04 13.06 2.61
N PRO B 213 12.73 13.84 3.43
CA PRO B 213 12.29 13.97 4.82
C PRO B 213 10.95 14.68 4.88
N VAL B 214 10.15 14.27 5.86
CA VAL B 214 8.78 14.75 6.00
C VAL B 214 8.79 15.82 7.07
N VAL B 215 8.49 17.05 6.67
CA VAL B 215 8.43 18.19 7.59
C VAL B 215 6.96 18.42 7.93
N ASP B 216 6.60 18.16 9.17
CA ASP B 216 5.28 18.47 9.72
C ASP B 216 5.37 18.20 11.23
N THR B 217 4.23 18.25 11.90
CA THR B 217 4.19 17.94 13.33
C THR B 217 3.36 16.68 13.55
N PHE B 218 3.48 16.12 14.75
CA PHE B 218 2.84 14.86 15.07
C PHE B 218 2.59 14.78 16.57
N ASP B 219 1.66 13.92 16.95
CA ASP B 219 1.42 13.63 18.36
C ASP B 219 2.52 12.74 18.90
N ILE B 220 2.96 13.03 20.14
CA ILE B 220 4.04 12.27 20.75
C ILE B 220 3.67 10.82 21.02
N ARG B 221 2.39 10.45 20.85
CA ARG B 221 1.99 9.06 21.01
C ARG B 221 2.69 8.14 20.03
N ILE B 222 3.17 8.68 18.89
CA ILE B 222 3.78 7.83 17.87
C ILE B 222 5.23 7.47 18.17
N LEU B 223 5.83 8.08 19.18
CA LEU B 223 7.22 7.81 19.50
C LEU B 223 7.31 6.50 20.27
N MET B 224 8.26 5.66 19.87
CA MET B 224 8.36 4.30 20.38
C MET B 224 9.47 4.12 21.41
N ALA B 225 10.26 5.17 21.68
CA ALA B 225 11.34 5.07 22.63
C ALA B 225 11.76 6.47 23.03
N LYS B 226 12.48 6.55 24.15
CA LYS B 226 13.03 7.82 24.60
C LYS B 226 14.03 8.33 23.58
N SER B 227 14.05 9.65 23.40
CA SER B 227 14.90 10.25 22.38
C SER B 227 16.37 10.12 22.77
N VAL B 228 17.22 10.02 21.74
CA VAL B 228 18.67 10.12 21.87
C VAL B 228 19.05 11.52 21.38
N LYS B 229 20.01 12.15 22.04
CA LYS B 229 20.34 13.53 21.74
C LYS B 229 21.81 13.70 21.40
N TYR B 230 22.07 14.53 20.41
CA TYR B 230 23.40 14.88 19.95
C TYR B 230 23.59 16.38 20.17
N THR B 231 24.67 16.75 20.84
CA THR B 231 24.88 18.12 21.29
C THR B 231 26.04 18.75 20.56
N VAL B 232 25.84 19.98 20.08
CA VAL B 232 26.90 20.78 19.48
C VAL B 232 27.08 22.01 20.36
N ASN B 233 28.30 22.19 20.88
CA ASN B 233 28.65 23.35 21.70
C ASN B 233 29.23 24.40 20.77
N PHE B 234 28.44 25.43 20.48
CA PHE B 234 28.88 26.44 19.52
C PHE B 234 30.10 27.21 20.03
N LEU B 235 30.27 27.29 21.35
CA LEU B 235 31.44 27.96 21.90
C LEU B 235 32.72 27.22 21.56
N GLU B 236 32.66 25.90 21.42
CA GLU B 236 33.86 25.09 21.21
C GLU B 236 33.96 24.50 19.81
N ALA B 237 32.85 24.31 19.12
CA ALA B 237 32.88 23.62 17.83
C ALA B 237 33.61 24.46 16.79
N LYS B 238 34.29 23.77 15.87
CA LYS B 238 34.94 24.42 14.76
C LYS B 238 34.13 24.17 13.49
N GLU B 239 34.21 25.13 12.57
CA GLU B 239 33.45 25.08 11.33
C GLU B 239 33.57 23.73 10.65
N GLY B 240 34.77 23.15 10.62
CA GLY B 240 34.99 21.89 9.94
C GLY B 240 34.35 20.70 10.62
N ASP B 241 33.99 20.83 11.89
CA ASP B 241 33.32 19.74 12.59
C ASP B 241 31.99 19.38 11.94
N LEU B 242 31.36 20.31 11.23
CA LEU B 242 30.04 20.11 10.67
C LEU B 242 30.05 19.54 9.27
N HIS B 243 31.23 19.25 8.71
CA HIS B 243 31.30 18.65 7.38
C HIS B 243 30.79 17.22 7.41
N ARG B 244 31.05 16.52 8.51
CA ARG B 244 30.67 15.12 8.67
C ARG B 244 30.18 14.96 10.11
N ILE B 245 28.89 14.70 10.26
CA ILE B 245 28.24 14.57 11.56
C ILE B 245 27.77 13.14 11.70
N GLU B 246 28.32 12.43 12.68
CA GLU B 246 27.98 11.03 12.94
C GLU B 246 27.25 10.94 14.26
N ILE B 247 26.00 10.49 14.22
CA ILE B 247 25.14 10.38 15.38
C ILE B 247 24.80 8.91 15.61
N PRO B 248 25.56 8.21 16.46
CA PRO B 248 25.18 6.84 16.80
C PRO B 248 23.99 6.85 17.73
N PHE B 249 23.21 5.76 17.69
CA PHE B 249 22.05 5.67 18.55
C PHE B 249 21.81 4.23 18.97
N LYS B 250 21.16 4.09 20.13
CA LYS B 250 20.81 2.79 20.70
C LYS B 250 19.52 3.03 21.49
N PHE B 251 18.39 2.68 20.89
CA PHE B 251 17.09 2.92 21.51
C PHE B 251 16.62 1.68 22.26
N HIS B 252 16.11 1.89 23.46
CA HIS B 252 15.45 0.82 24.23
C HIS B 252 13.95 0.94 23.96
N MET B 253 13.43 0.05 23.10
CA MET B 253 12.05 0.15 22.65
C MET B 253 11.10 0.00 23.83
N LEU B 254 10.25 1.01 24.03
CA LEU B 254 9.26 0.98 25.08
C LEU B 254 7.91 0.45 24.61
N HIS B 255 7.73 0.29 23.30
CA HIS B 255 6.49 -0.24 22.76
C HIS B 255 6.80 -1.21 21.62
N SER B 256 5.89 -2.14 21.41
CA SER B 256 5.98 -3.07 20.28
C SER B 256 5.25 -2.48 19.08
N GLY B 257 5.75 -2.80 17.90
CA GLY B 257 5.12 -2.37 16.67
C GLY B 257 6.15 -2.14 15.58
N LEU B 258 5.66 -1.58 14.47
CA LEU B 258 6.49 -1.30 13.31
C LEU B 258 7.18 0.05 13.46
N VAL B 259 8.50 0.06 13.27
CA VAL B 259 9.28 1.28 13.31
C VAL B 259 9.33 1.82 11.88
N HIS B 260 8.58 2.89 11.62
CA HIS B 260 8.53 3.45 10.28
C HIS B 260 9.62 4.48 10.01
N GLY B 261 10.42 4.86 11.00
CA GLY B 261 11.52 5.75 10.76
C GLY B 261 11.96 6.43 12.04
N LEU B 262 12.77 7.49 11.85
CA LEU B 262 13.27 8.30 12.96
C LEU B 262 12.72 9.72 12.83
N ALA B 263 12.23 10.25 13.96
CA ALA B 263 11.78 11.63 14.04
C ALA B 263 12.88 12.49 14.66
N PHE B 264 13.02 13.70 14.14
CA PHE B 264 14.06 14.62 14.59
C PHE B 264 13.47 15.96 15.01
N TRP B 265 14.04 16.53 16.07
CA TRP B 265 13.76 17.91 16.46
C TRP B 265 15.01 18.46 17.14
N PHE B 266 14.96 19.73 17.52
CA PHE B 266 16.14 20.33 18.15
C PHE B 266 15.74 21.39 19.16
N ASP B 267 16.61 21.58 20.14
CA ASP B 267 16.55 22.68 21.09
C ASP B 267 17.86 23.45 21.02
N VAL B 268 17.80 24.76 21.32
CA VAL B 268 19.00 25.56 21.51
C VAL B 268 18.88 26.29 22.85
N ALA B 269 20.02 26.48 23.50
CA ALA B 269 20.06 27.17 24.79
C ALA B 269 20.88 28.45 24.65
N PHE B 270 20.37 29.52 25.24
CA PHE B 270 21.09 30.80 25.38
C PHE B 270 21.64 30.84 26.79
N ILE B 271 22.92 30.49 26.94
CA ILE B 271 23.54 30.35 28.26
C ILE B 271 24.10 31.73 28.61
N GLY B 272 23.23 32.58 29.16
CA GLY B 272 23.62 33.91 29.55
C GLY B 272 24.22 33.95 30.95
N SER B 273 24.68 35.14 31.32
CA SER B 273 25.29 35.33 32.62
C SER B 273 24.27 35.40 33.74
N ILE B 274 23.02 35.75 33.44
CA ILE B 274 21.97 35.83 34.45
C ILE B 274 21.13 34.56 34.47
N MET B 275 20.80 34.01 33.31
CA MET B 275 19.99 32.80 33.25
C MET B 275 20.12 32.15 31.88
N THR B 276 19.79 30.87 31.84
CA THR B 276 19.77 30.12 30.60
C THR B 276 18.35 30.03 30.08
N VAL B 277 18.16 30.39 28.82
CA VAL B 277 16.85 30.41 28.18
C VAL B 277 16.88 29.39 27.04
N TRP B 278 15.85 28.55 26.98
CA TRP B 278 15.77 27.49 25.99
C TRP B 278 14.73 27.83 24.92
N LEU B 279 15.08 27.54 23.66
CA LEU B 279 14.16 27.54 22.55
C LEU B 279 14.06 26.11 22.03
N SER B 280 12.86 25.53 22.14
CA SER B 280 12.65 24.11 21.84
C SER B 280 11.67 23.94 20.69
N THR B 281 12.01 23.04 19.76
CA THR B 281 11.10 22.65 18.70
C THR B 281 10.59 21.23 18.90
N ALA B 282 10.61 20.73 20.13
CA ALA B 282 10.16 19.38 20.41
C ALA B 282 8.67 19.24 20.16
N PRO B 283 8.20 18.03 19.85
CA PRO B 283 6.76 17.83 19.65
C PRO B 283 5.95 17.98 20.92
N THR B 284 6.58 17.98 22.10
CA THR B 284 5.90 18.23 23.35
C THR B 284 5.75 19.72 23.64
N GLU B 285 6.23 20.57 22.75
CA GLU B 285 6.27 22.02 22.94
C GLU B 285 5.41 22.68 21.88
N PRO B 286 4.99 23.93 22.12
CA PRO B 286 4.17 24.64 21.12
C PRO B 286 4.86 24.65 19.76
N LEU B 287 4.06 24.58 18.71
CA LEU B 287 4.58 24.48 17.35
C LEU B 287 5.33 25.75 16.95
N THR B 288 6.44 25.55 16.25
CA THR B 288 7.24 26.61 15.67
C THR B 288 7.30 26.40 14.17
N HIS B 289 7.83 27.40 13.45
CA HIS B 289 7.91 27.28 12.00
C HIS B 289 8.99 26.29 11.55
N TRP B 290 9.76 25.71 12.49
CA TRP B 290 10.64 24.61 12.15
C TRP B 290 9.90 23.27 12.16
N TYR B 291 8.73 23.21 12.79
CA TYR B 291 7.97 21.98 12.91
C TYR B 291 8.85 20.87 13.47
N GLN B 292 8.70 19.66 12.93
CA GLN B 292 9.60 18.55 13.23
C GLN B 292 9.88 17.85 11.90
N VAL B 293 10.88 16.96 11.91
CA VAL B 293 11.31 16.27 10.70
C VAL B 293 11.35 14.78 10.95
N ARG B 294 10.84 14.01 10.00
CA ARG B 294 10.82 12.55 10.09
C ARG B 294 11.41 11.95 8.84
N CYS B 295 12.36 11.04 9.01
CA CYS B 295 12.97 10.27 7.93
C CYS B 295 12.37 8.89 7.92
N LEU B 296 11.62 8.58 6.87
CA LEU B 296 10.93 7.30 6.77
C LEU B 296 11.87 6.20 6.28
N PHE B 297 11.70 5.01 6.84
CA PHE B 297 12.35 3.83 6.29
C PHE B 297 11.56 3.32 5.09
N GLN B 298 12.28 2.92 4.05
CA GLN B 298 11.62 2.32 2.89
C GLN B 298 10.86 1.06 3.29
N SER B 299 11.42 0.26 4.18
CA SER B 299 10.76 -0.92 4.71
C SER B 299 10.83 -0.85 6.23
N PRO B 300 9.71 -0.74 6.92
CA PRO B 300 9.77 -0.57 8.39
C PRO B 300 10.36 -1.79 9.08
N LEU B 301 10.83 -1.56 10.30
CA LEU B 301 11.40 -2.62 11.12
C LEU B 301 10.41 -3.00 12.20
N PHE B 302 10.22 -4.31 12.41
CA PHE B 302 9.37 -4.78 13.49
C PHE B 302 10.19 -4.91 14.76
N ALA B 303 9.70 -4.30 15.84
CA ALA B 303 10.40 -4.33 17.12
C ALA B 303 9.43 -4.67 18.23
N LYS B 304 9.94 -5.37 19.24
CA LYS B 304 9.19 -5.71 20.43
C LYS B 304 9.64 -4.80 21.58
N ALA B 305 8.69 -4.48 22.46
CA ALA B 305 9.03 -3.74 23.67
C ALA B 305 10.14 -4.46 24.40
N GLY B 306 11.18 -3.73 24.78
CA GLY B 306 12.36 -4.31 25.39
C GLY B 306 13.49 -4.57 24.42
N ASP B 307 13.22 -4.57 23.12
CA ASP B 307 14.27 -4.72 22.14
C ASP B 307 15.13 -3.45 22.11
N THR B 308 16.29 -3.55 21.46
CA THR B 308 17.16 -2.41 21.23
C THR B 308 17.27 -2.15 19.73
N LEU B 309 17.05 -0.90 19.34
CA LEU B 309 17.22 -0.45 17.96
C LEU B 309 18.48 0.40 17.91
N SER B 310 19.51 -0.10 17.25
CA SER B 310 20.80 0.55 17.21
C SER B 310 21.22 0.86 15.78
N GLY B 311 22.08 1.85 15.63
CA GLY B 311 22.55 2.21 14.30
C GLY B 311 23.25 3.55 14.33
N THR B 312 23.26 4.20 13.18
CA THR B 312 24.00 5.44 13.01
C THR B 312 23.26 6.34 12.05
N CYS B 313 23.15 7.61 12.39
CA CYS B 313 22.71 8.66 11.49
C CYS B 313 23.95 9.46 11.08
N LEU B 314 24.23 9.50 9.78
CA LEU B 314 25.43 10.15 9.25
C LEU B 314 25.02 11.26 8.30
N LEU B 315 25.50 12.48 8.54
CA LEU B 315 25.19 13.65 7.72
C LEU B 315 26.47 14.13 7.06
N ILE B 316 26.49 14.09 5.73
CA ILE B 316 27.62 14.55 4.93
C ILE B 316 27.23 15.87 4.27
N ALA B 317 27.97 16.93 4.59
CA ALA B 317 27.66 18.25 4.03
C ALA B 317 27.90 18.22 2.53
N ASN B 318 26.95 18.77 1.77
CA ASN B 318 27.05 18.82 0.32
C ASN B 318 27.14 20.28 -0.13
N LYS B 319 27.37 20.46 -1.43
CA LYS B 319 27.54 21.77 -2.04
C LYS B 319 26.23 22.52 -2.25
N ARG B 320 25.09 21.93 -1.90
CA ARG B 320 23.79 22.57 -2.00
C ARG B 320 23.33 23.15 -0.66
N GLN B 321 24.28 23.49 0.21
CA GLN B 321 23.99 24.06 1.52
C GLN B 321 23.07 23.15 2.33
N SER B 322 23.26 21.86 2.20
CA SER B 322 22.49 20.90 2.98
C SER B 322 23.37 19.69 3.21
N TYR B 323 22.73 18.55 3.48
CA TYR B 323 23.41 17.33 3.88
C TYR B 323 22.83 16.13 3.14
N ASP B 324 23.71 15.22 2.72
CA ASP B 324 23.31 13.86 2.38
C ASP B 324 23.18 13.07 3.67
N ILE B 325 21.99 12.53 3.93
CA ILE B 325 21.69 11.85 5.19
C ILE B 325 21.74 10.35 4.95
N SER B 326 22.44 9.63 5.83
CA SER B 326 22.46 8.17 5.82
C SER B 326 21.98 7.68 7.18
N ILE B 327 20.94 6.86 7.18
CA ILE B 327 20.39 6.28 8.39
C ILE B 327 20.40 4.77 8.23
N VAL B 328 21.21 4.09 9.02
CA VAL B 328 21.25 2.63 9.07
C VAL B 328 20.81 2.23 10.46
N ALA B 329 19.78 1.37 10.55
CA ALA B 329 19.23 0.96 11.83
C ALA B 329 18.93 -0.53 11.78
N GLN B 330 19.13 -1.22 12.91
CA GLN B 330 18.84 -2.64 12.98
C GLN B 330 18.28 -2.98 14.35
N VAL B 331 17.30 -3.90 14.37
CA VAL B 331 16.79 -4.47 15.61
C VAL B 331 17.78 -5.55 16.02
N ASP B 332 18.49 -5.31 17.13
CA ASP B 332 19.58 -6.22 17.51
C ASP B 332 19.08 -7.64 17.77
N GLN B 333 17.85 -7.80 18.26
CA GLN B 333 17.40 -9.12 18.67
C GLN B 333 17.08 -10.03 17.49
N THR B 334 16.79 -9.49 16.32
CA THR B 334 16.47 -10.30 15.15
C THR B 334 17.42 -10.09 13.98
N GLY B 335 18.32 -9.12 14.05
CA GLY B 335 19.15 -8.80 12.92
C GLY B 335 18.46 -8.12 11.77
N SER B 336 17.23 -7.65 11.98
CA SER B 336 16.49 -6.96 10.92
C SER B 336 17.08 -5.58 10.71
N LYS B 337 17.46 -5.28 9.47
CA LYS B 337 18.26 -4.10 9.14
C LYS B 337 17.55 -3.24 8.10
N SER B 338 17.78 -1.94 8.22
CA SER B 338 17.22 -0.97 7.27
C SER B 338 18.26 0.11 7.02
N SER B 339 18.62 0.29 5.74
CA SER B 339 19.57 1.30 5.31
C SER B 339 18.84 2.28 4.42
N ASN B 340 19.02 3.57 4.69
CA ASN B 340 18.28 4.61 3.99
C ASN B 340 19.17 5.81 3.72
N LEU B 341 18.96 6.45 2.57
CA LEU B 341 19.60 7.70 2.20
C LEU B 341 18.52 8.75 1.98
N LEU B 342 18.74 9.95 2.50
CA LEU B 342 17.77 11.04 2.38
C LEU B 342 18.49 12.32 2.00
N ASP B 343 17.82 13.14 1.22
CA ASP B 343 18.34 14.42 0.75
C ASP B 343 17.62 15.53 1.52
N LEU B 344 18.30 16.10 2.50
CA LEU B 344 17.69 17.08 3.39
C LEU B 344 17.23 18.32 2.64
N LYS B 345 17.85 18.62 1.51
CA LYS B 345 17.53 19.86 0.80
C LYS B 345 16.16 19.83 0.15
N ASN B 346 15.61 18.64 -0.14
CA ASN B 346 14.35 18.50 -0.87
C ASN B 346 13.36 17.75 0.01
N PRO B 347 12.73 18.42 0.98
CA PRO B 347 11.79 17.75 1.88
C PRO B 347 10.36 17.83 1.40
N PHE B 348 9.52 16.98 2.00
CA PHE B 348 8.08 16.95 1.74
C PHE B 348 7.39 17.74 2.85
N PHE B 349 6.90 18.93 2.51
CA PHE B 349 6.21 19.79 3.47
C PHE B 349 4.77 19.33 3.53
N ARG B 350 4.45 18.52 4.54
CA ARG B 350 3.16 17.84 4.65
C ARG B 350 2.14 18.61 5.46
N TYR B 351 2.59 19.52 6.33
CA TYR B 351 1.68 20.27 7.18
C TYR B 351 0.60 20.97 6.37
N THR B 352 -0.60 21.03 6.94
CA THR B 352 -1.70 21.76 6.31
C THR B 352 -2.46 22.57 7.37
N SER C 10 8.17 -45.83 -0.96
CA SER C 10 9.07 -45.51 0.14
C SER C 10 8.34 -45.57 1.49
N VAL C 11 9.06 -45.22 2.57
CA VAL C 11 8.44 -45.21 3.89
C VAL C 11 7.26 -44.24 3.92
N PHE C 12 7.43 -43.06 3.32
CA PHE C 12 6.37 -42.05 3.36
C PHE C 12 5.12 -42.54 2.66
N SER C 13 5.26 -43.03 1.42
CA SER C 13 4.11 -43.43 0.64
C SER C 13 3.42 -44.65 1.24
N GLU C 14 4.20 -45.58 1.79
CA GLU C 14 3.61 -46.76 2.42
C GLU C 14 2.75 -46.37 3.62
N ARG C 15 3.13 -45.33 4.34
CA ARG C 15 2.40 -44.92 5.54
C ARG C 15 1.34 -43.85 5.26
N THR C 16 1.29 -43.31 4.06
CA THR C 16 0.40 -42.20 3.76
C THR C 16 -0.48 -42.53 2.55
N GLU C 17 -1.78 -42.24 2.68
CA GLU C 17 -2.66 -42.21 1.52
C GLU C 17 -2.17 -41.14 0.55
N GLU C 18 -2.08 -41.50 -0.73
CA GLU C 18 -1.62 -40.54 -1.73
C GLU C 18 -2.54 -39.33 -1.78
N SER C 19 -3.85 -39.54 -1.60
CA SER C 19 -4.79 -38.42 -1.65
C SER C 19 -4.59 -37.49 -0.46
N SER C 20 -4.31 -38.04 0.72
CA SER C 20 -3.97 -37.18 1.85
C SER C 20 -2.64 -36.45 1.61
N ALA C 21 -1.70 -37.10 0.91
CA ALA C 21 -0.40 -36.51 0.68
C ALA C 21 -0.46 -35.38 -0.33
N VAL C 22 -1.32 -35.47 -1.34
CA VAL C 22 -1.41 -34.41 -2.33
C VAL C 22 -2.00 -33.15 -1.70
N GLN C 23 -3.05 -33.30 -0.90
CA GLN C 23 -3.59 -32.13 -0.24
C GLN C 23 -2.54 -31.56 0.74
N TYR C 24 -1.92 -32.42 1.52
CA TYR C 24 -0.95 -31.91 2.48
C TYR C 24 0.09 -31.00 1.82
N PHE C 25 0.76 -31.49 0.79
CA PHE C 25 1.82 -30.71 0.17
C PHE C 25 1.30 -29.57 -0.70
N GLN C 26 0.07 -29.66 -1.19
CA GLN C 26 -0.54 -28.49 -1.83
C GLN C 26 -0.72 -27.36 -0.82
N PHE C 27 -1.10 -27.71 0.42
CA PHE C 27 -1.35 -26.70 1.44
C PHE C 27 -0.09 -25.91 1.77
N TYR C 28 1.04 -26.60 1.88
CA TYR C 28 2.29 -25.92 2.23
C TYR C 28 3.01 -25.32 1.03
N GLY C 29 2.44 -25.42 -0.16
CA GLY C 29 3.03 -24.76 -1.31
C GLY C 29 2.65 -23.32 -1.47
N TYR C 30 1.78 -22.81 -0.60
CA TYR C 30 1.29 -21.45 -0.70
C TYR C 30 2.17 -20.50 0.11
N LEU C 31 2.54 -19.37 -0.50
CA LEU C 31 3.32 -18.36 0.23
C LEU C 31 2.53 -17.79 1.41
N SER C 32 1.20 -17.73 1.30
CA SER C 32 0.40 -17.21 2.40
C SER C 32 0.53 -18.09 3.63
N GLN C 33 0.65 -19.40 3.44
CA GLN C 33 0.83 -20.30 4.58
C GLN C 33 2.20 -20.10 5.22
N GLN C 34 3.24 -19.98 4.39
CA GLN C 34 4.57 -19.65 4.92
C GLN C 34 4.51 -18.34 5.71
N GLN C 35 3.86 -17.33 5.15
CA GLN C 35 3.76 -16.04 5.84
C GLN C 35 3.10 -16.20 7.20
N ASN C 36 2.04 -17.00 7.28
CA ASN C 36 1.36 -17.20 8.56
C ASN C 36 2.33 -17.73 9.62
N MET C 37 3.13 -18.74 9.25
CA MET C 37 4.09 -19.29 10.21
C MET C 37 5.23 -18.33 10.48
N MET C 38 5.74 -17.67 9.44
CA MET C 38 6.85 -16.72 9.65
C MET C 38 6.42 -15.57 10.54
N GLN C 39 5.17 -15.09 10.40
CA GLN C 39 4.69 -13.98 11.20
C GLN C 39 4.46 -14.35 12.66
N ASP C 40 4.50 -15.63 13.02
CA ASP C 40 4.44 -16.06 14.41
C ASP C 40 5.77 -15.72 15.06
N TYR C 41 5.81 -14.57 15.75
CA TYR C 41 7.08 -14.07 16.27
C TYR C 41 7.68 -15.03 17.28
N VAL C 42 6.86 -15.60 18.16
CA VAL C 42 7.37 -16.57 19.13
C VAL C 42 8.04 -17.72 18.39
N ARG C 43 7.38 -18.24 17.36
CA ARG C 43 7.94 -19.37 16.61
C ARG C 43 9.21 -18.95 15.87
N THR C 44 9.12 -17.92 15.05
CA THR C 44 10.28 -17.55 14.24
C THR C 44 11.41 -17.00 15.10
N GLY C 45 11.08 -16.17 16.08
CA GLY C 45 12.11 -15.57 16.92
C GLY C 45 12.83 -16.59 17.79
N THR C 46 12.11 -17.60 18.29
CA THR C 46 12.75 -18.61 19.14
C THR C 46 13.67 -19.52 18.32
N TYR C 47 13.23 -19.92 17.13
CA TYR C 47 14.09 -20.70 16.25
C TYR C 47 15.37 -19.94 15.93
N GLN C 48 15.27 -18.63 15.68
CA GLN C 48 16.45 -17.83 15.37
C GLN C 48 17.40 -17.76 16.55
N ARG C 49 16.86 -17.49 17.74
CA ARG C 49 17.71 -17.38 18.92
C ARG C 49 18.35 -18.73 19.24
N ALA C 50 17.58 -19.81 19.14
CA ALA C 50 18.13 -21.13 19.44
C ALA C 50 19.33 -21.42 18.56
N ILE C 51 19.27 -21.01 17.29
CA ILE C 51 20.36 -21.30 16.34
C ILE C 51 21.51 -20.34 16.55
N LEU C 52 21.23 -19.04 16.68
CA LEU C 52 22.30 -18.05 16.76
C LEU C 52 22.98 -18.09 18.12
N GLN C 53 22.22 -18.32 19.19
CA GLN C 53 22.83 -18.42 20.53
C GLN C 53 23.64 -19.70 20.71
N ASN C 54 23.48 -20.70 19.84
CA ASN C 54 24.31 -21.89 19.85
C ASN C 54 25.17 -21.95 18.59
N HIS C 55 25.93 -20.88 18.33
CA HIS C 55 26.65 -20.77 17.07
C HIS C 55 27.68 -21.88 16.91
N THR C 56 28.23 -22.39 18.01
CA THR C 56 29.22 -23.45 17.91
C THR C 56 28.64 -24.76 17.40
N ASP C 57 27.31 -24.89 17.39
CA ASP C 57 26.67 -26.07 16.80
C ASP C 57 26.53 -25.99 15.29
N PHE C 58 26.77 -24.82 14.70
CA PHE C 58 26.60 -24.60 13.28
C PHE C 58 27.83 -24.10 12.57
N LYS C 59 28.68 -23.31 13.22
CA LYS C 59 29.82 -22.69 12.57
C LYS C 59 30.70 -23.74 11.92
N ASP C 60 30.84 -23.64 10.61
CA ASP C 60 31.66 -24.55 9.81
C ASP C 60 31.15 -25.99 9.85
N LYS C 61 29.83 -26.16 10.01
CA LYS C 61 29.22 -27.48 10.08
C LYS C 61 28.37 -27.75 8.83
N ILE C 62 28.01 -29.02 8.66
CA ILE C 62 27.09 -29.45 7.63
C ILE C 62 25.72 -29.61 8.28
N VAL C 63 24.70 -29.01 7.68
CA VAL C 63 23.37 -28.94 8.27
C VAL C 63 22.37 -29.53 7.28
N LEU C 64 21.37 -30.22 7.82
CA LEU C 64 20.22 -30.70 7.07
C LEU C 64 18.97 -30.02 7.61
N ASP C 65 18.21 -29.39 6.71
CA ASP C 65 16.95 -28.73 7.04
C ASP C 65 15.81 -29.54 6.44
N VAL C 66 15.05 -30.22 7.29
CA VAL C 66 13.97 -31.10 6.85
C VAL C 66 12.69 -30.30 6.73
N GLY C 67 12.17 -30.19 5.51
CA GLY C 67 10.95 -29.44 5.28
C GLY C 67 11.21 -27.97 5.46
N CYS C 68 12.14 -27.42 4.66
CA CYS C 68 12.62 -26.07 4.86
C CYS C 68 11.58 -25.01 4.54
N GLY C 69 10.52 -25.38 3.82
CA GLY C 69 9.54 -24.38 3.41
C GLY C 69 10.22 -23.28 2.60
N SER C 70 10.00 -22.04 3.01
CA SER C 70 10.65 -20.91 2.35
C SER C 70 12.16 -20.90 2.55
N GLY C 71 12.67 -21.67 3.49
CA GLY C 71 14.09 -21.73 3.76
C GLY C 71 14.56 -20.90 4.93
N ILE C 72 13.64 -20.39 5.74
CA ILE C 72 14.01 -19.42 6.78
C ILE C 72 14.98 -20.03 7.78
N LEU C 73 14.79 -21.30 8.13
CA LEU C 73 15.70 -21.93 9.08
C LEU C 73 17.08 -22.15 8.49
N SER C 74 17.15 -22.43 7.19
CA SER C 74 18.44 -22.56 6.54
C SER C 74 19.19 -21.24 6.53
N PHE C 75 18.49 -20.11 6.36
CA PHE C 75 19.14 -18.82 6.42
C PHE C 75 19.63 -18.52 7.83
N PHE C 76 18.87 -18.92 8.84
CA PHE C 76 19.35 -18.77 10.21
C PHE C 76 20.60 -19.59 10.44
N ALA C 77 20.62 -20.83 9.92
CA ALA C 77 21.81 -21.65 10.03
C ALA C 77 22.97 -21.02 9.26
N ALA C 78 22.67 -20.43 8.10
CA ALA C 78 23.71 -19.71 7.36
C ALA C 78 24.17 -18.49 8.14
N GLN C 79 23.24 -17.80 8.82
CA GLN C 79 23.63 -16.69 9.66
C GLN C 79 24.59 -17.12 10.76
N ALA C 80 24.48 -18.36 11.21
CA ALA C 80 25.30 -18.88 12.30
C ALA C 80 26.64 -19.43 11.84
N GLY C 81 26.97 -19.30 10.56
CA GLY C 81 28.27 -19.72 10.06
C GLY C 81 28.36 -21.13 9.54
N ALA C 82 27.23 -21.76 9.21
CA ALA C 82 27.26 -23.12 8.68
C ALA C 82 28.08 -23.17 7.40
N ARG C 83 28.82 -24.27 7.24
CA ARG C 83 29.63 -24.45 6.04
C ARG C 83 28.78 -24.85 4.85
N LYS C 84 27.80 -25.75 5.06
CA LYS C 84 26.91 -26.17 3.99
C LYS C 84 25.58 -26.59 4.61
N ILE C 85 24.49 -26.22 3.94
CA ILE C 85 23.14 -26.52 4.40
C ILE C 85 22.37 -27.15 3.25
N TYR C 86 21.85 -28.36 3.45
CA TYR C 86 20.96 -28.99 2.49
C TYR C 86 19.52 -28.83 2.98
N ALA C 87 18.70 -28.15 2.19
CA ALA C 87 17.33 -27.81 2.55
C ALA C 87 16.40 -28.67 1.69
N VAL C 88 15.72 -29.61 2.32
CA VAL C 88 14.82 -30.54 1.64
C VAL C 88 13.39 -30.07 1.84
N GLU C 89 12.62 -30.02 0.75
CA GLU C 89 11.23 -29.59 0.80
C GLU C 89 10.47 -30.32 -0.30
N ALA C 90 9.33 -30.92 0.06
CA ALA C 90 8.57 -31.74 -0.87
C ALA C 90 7.49 -30.97 -1.61
N SER C 91 7.04 -29.84 -1.06
CA SER C 91 6.02 -29.04 -1.74
C SER C 91 6.67 -28.16 -2.80
N THR C 92 5.83 -27.48 -3.58
CA THR C 92 6.32 -26.56 -4.61
C THR C 92 6.97 -25.32 -4.00
N MET C 93 6.96 -25.17 -2.67
CA MET C 93 7.68 -24.08 -2.04
C MET C 93 9.18 -24.19 -2.26
N ALA C 94 9.66 -25.37 -2.65
CA ALA C 94 11.09 -25.53 -2.91
C ALA C 94 11.56 -24.59 -4.01
N GLN C 95 10.73 -24.36 -5.03
CA GLN C 95 11.09 -23.42 -6.08
C GLN C 95 11.30 -22.03 -5.51
N HIS C 96 10.45 -21.62 -4.56
CA HIS C 96 10.59 -20.29 -3.98
C HIS C 96 11.79 -20.21 -3.05
N ALA C 97 12.10 -21.31 -2.34
CA ALA C 97 13.27 -21.32 -1.46
C ALA C 97 14.56 -21.08 -2.24
N GLU C 98 14.72 -21.73 -3.39
CA GLU C 98 15.96 -21.53 -4.13
C GLU C 98 16.01 -20.20 -4.85
N VAL C 99 14.87 -19.59 -5.15
CA VAL C 99 14.88 -18.19 -5.58
C VAL C 99 15.47 -17.31 -4.49
N LEU C 100 15.12 -17.58 -3.23
CA LEU C 100 15.66 -16.79 -2.12
C LEU C 100 17.12 -17.10 -1.89
N VAL C 101 17.54 -18.35 -2.08
CA VAL C 101 18.95 -18.71 -1.88
C VAL C 101 19.82 -17.94 -2.86
N LYS C 102 19.42 -17.91 -4.13
CA LYS C 102 20.15 -17.14 -5.12
C LYS C 102 20.08 -15.65 -4.81
N SER C 103 18.94 -15.18 -4.32
CA SER C 103 18.74 -13.76 -4.08
C SER C 103 19.57 -13.28 -2.89
N ASN C 104 19.83 -14.13 -1.91
CA ASN C 104 20.64 -13.78 -0.75
C ASN C 104 22.10 -14.19 -0.92
N ASN C 105 22.52 -14.48 -2.15
CA ASN C 105 23.91 -14.82 -2.46
C ASN C 105 24.44 -15.93 -1.56
N LEU C 106 23.64 -16.98 -1.41
CA LEU C 106 24.01 -18.14 -0.62
C LEU C 106 23.98 -19.42 -1.44
N THR C 107 24.07 -19.29 -2.77
CA THR C 107 24.11 -20.47 -3.64
C THR C 107 25.26 -21.40 -3.27
N ASP C 108 26.34 -20.83 -2.72
CA ASP C 108 27.51 -21.64 -2.38
C ASP C 108 27.34 -22.40 -1.07
N ARG C 109 26.35 -22.04 -0.25
CA ARG C 109 26.23 -22.61 1.08
C ARG C 109 24.89 -23.29 1.35
N ILE C 110 23.83 -22.98 0.62
CA ILE C 110 22.52 -23.59 0.80
C ILE C 110 22.14 -24.29 -0.50
N VAL C 111 21.93 -25.61 -0.41
CA VAL C 111 21.51 -26.42 -1.54
C VAL C 111 20.06 -26.83 -1.30
N VAL C 112 19.19 -26.41 -2.21
CA VAL C 112 17.76 -26.74 -2.12
C VAL C 112 17.52 -28.03 -2.89
N ILE C 113 17.05 -29.06 -2.19
CA ILE C 113 16.78 -30.37 -2.77
C ILE C 113 15.27 -30.58 -2.73
N PRO C 114 14.57 -30.52 -3.87
CA PRO C 114 13.12 -30.76 -3.86
C PRO C 114 12.81 -32.24 -3.72
N GLY C 115 11.85 -32.55 -2.87
CA GLY C 115 11.38 -33.90 -2.67
C GLY C 115 11.22 -34.23 -1.20
N LYS C 116 10.76 -35.45 -0.95
CA LYS C 116 10.58 -35.94 0.41
C LYS C 116 11.91 -36.42 0.96
N VAL C 117 12.13 -36.15 2.25
CA VAL C 117 13.38 -36.55 2.90
C VAL C 117 13.54 -38.06 2.88
N GLU C 118 12.44 -38.81 2.74
CA GLU C 118 12.51 -40.26 2.64
C GLU C 118 12.93 -40.76 1.27
N GLU C 119 12.93 -39.88 0.25
CA GLU C 119 13.19 -40.30 -1.12
C GLU C 119 14.32 -39.56 -1.80
N VAL C 120 14.73 -38.40 -1.30
CA VAL C 120 15.84 -37.68 -1.90
C VAL C 120 17.16 -38.33 -1.49
N SER C 121 18.21 -38.06 -2.26
CA SER C 121 19.55 -38.55 -1.97
C SER C 121 20.40 -37.37 -1.49
N LEU C 122 21.01 -37.53 -0.32
CA LEU C 122 21.95 -36.53 0.15
C LEU C 122 23.37 -36.96 -0.17
N PRO C 123 24.25 -36.02 -0.52
CA PRO C 123 25.64 -36.41 -0.82
C PRO C 123 26.38 -36.92 0.42
N GLU C 124 26.32 -36.16 1.51
CA GLU C 124 27.17 -36.36 2.66
C GLU C 124 26.35 -36.29 3.94
N GLN C 125 26.84 -36.99 4.97
CA GLN C 125 26.21 -36.95 6.28
C GLN C 125 26.36 -35.56 6.90
N VAL C 126 25.50 -35.27 7.87
CA VAL C 126 25.44 -33.93 8.43
C VAL C 126 25.77 -33.98 9.92
N ASP C 127 26.19 -32.82 10.44
CA ASP C 127 26.48 -32.69 11.86
C ASP C 127 25.21 -32.46 12.69
N ILE C 128 24.22 -31.78 12.12
CA ILE C 128 23.02 -31.40 12.88
C ILE C 128 21.86 -31.26 11.92
N ILE C 129 20.68 -31.67 12.37
CA ILE C 129 19.44 -31.57 11.60
C ILE C 129 18.55 -30.53 12.26
N ILE C 130 17.99 -29.63 11.45
CA ILE C 130 17.04 -28.65 11.94
C ILE C 130 15.73 -28.86 11.19
N SER C 131 14.63 -28.55 11.85
CA SER C 131 13.32 -28.76 11.26
C SER C 131 12.26 -28.19 12.19
N GLU C 132 11.07 -27.96 11.62
CA GLU C 132 9.88 -27.58 12.37
C GLU C 132 8.82 -28.64 12.06
N PRO C 133 8.93 -29.81 12.68
CA PRO C 133 7.97 -30.91 12.40
C PRO C 133 6.73 -30.91 13.28
N MET C 134 6.50 -29.90 14.12
CA MET C 134 5.42 -29.95 15.10
C MET C 134 4.10 -29.53 14.45
N GLY C 135 3.06 -30.33 14.68
CA GLY C 135 1.71 -29.93 14.39
C GLY C 135 0.87 -29.77 15.64
N TYR C 136 -0.46 -29.69 15.46
CA TYR C 136 -1.37 -29.62 16.59
C TYR C 136 -1.06 -30.74 17.60
N MET C 137 -1.12 -30.39 18.89
CA MET C 137 -0.72 -31.29 19.98
C MET C 137 0.52 -32.09 19.60
N LEU C 138 1.44 -31.41 18.90
CA LEU C 138 2.76 -31.92 18.53
C LEU C 138 2.73 -32.91 17.39
N PHE C 139 1.94 -33.98 17.53
CA PHE C 139 2.08 -35.13 16.64
C PHE C 139 1.33 -34.98 15.32
N ASN C 140 0.32 -34.11 15.26
CA ASN C 140 -0.49 -34.02 14.05
C ASN C 140 0.39 -33.75 12.83
N GLU C 141 -0.06 -34.27 11.68
CA GLU C 141 0.61 -34.17 10.39
C GLU C 141 1.66 -35.26 10.23
N ARG C 142 2.05 -35.90 11.33
CA ARG C 142 2.98 -37.03 11.33
C ARG C 142 4.34 -36.67 10.70
N MET C 143 4.74 -35.42 10.79
CA MET C 143 6.05 -35.06 10.25
C MET C 143 7.20 -35.43 11.18
N LEU C 144 6.92 -35.65 12.47
CA LEU C 144 7.96 -36.13 13.37
C LEU C 144 8.58 -37.45 12.89
N GLU C 145 7.81 -38.27 12.18
CA GLU C 145 8.38 -39.51 11.65
C GLU C 145 9.39 -39.22 10.54
N SER C 146 9.08 -38.25 9.67
CA SER C 146 10.07 -37.83 8.68
C SER C 146 11.30 -37.23 9.33
N TYR C 147 11.10 -36.47 10.39
CA TYR C 147 12.20 -35.91 11.16
C TYR C 147 13.09 -37.00 11.70
N LEU C 148 12.50 -38.01 12.33
CA LEU C 148 13.29 -39.11 12.86
C LEU C 148 13.91 -39.94 11.74
N HIS C 149 13.17 -40.14 10.64
CA HIS C 149 13.72 -40.86 9.50
C HIS C 149 14.99 -40.20 8.98
N ALA C 150 15.06 -38.86 9.09
CA ALA C 150 16.21 -38.11 8.60
C ALA C 150 17.48 -38.41 9.39
N LYS C 151 17.38 -39.06 10.54
CA LYS C 151 18.57 -39.43 11.30
C LYS C 151 19.45 -40.44 10.58
N LYS C 152 18.97 -41.04 9.49
CA LYS C 152 19.84 -41.88 8.68
C LYS C 152 20.97 -41.09 8.02
N TYR C 153 20.83 -39.76 7.96
CA TYR C 153 21.85 -38.89 7.42
C TYR C 153 22.70 -38.24 8.51
N LEU C 154 22.41 -38.49 9.78
CA LEU C 154 23.09 -37.82 10.87
C LEU C 154 24.37 -38.55 11.26
N LYS C 155 25.42 -37.77 11.51
CA LYS C 155 26.69 -38.34 11.96
C LYS C 155 26.47 -38.99 13.33
N PRO C 156 27.28 -40.00 13.68
CA PRO C 156 27.02 -40.78 14.91
C PRO C 156 26.67 -39.96 16.14
N SER C 157 27.42 -38.91 16.46
CA SER C 157 27.11 -38.07 17.62
C SER C 157 26.52 -36.73 17.21
N GLY C 158 25.84 -36.68 16.08
CA GLY C 158 25.19 -35.46 15.64
C GLY C 158 24.11 -35.00 16.60
N ASN C 159 23.58 -33.82 16.31
CA ASN C 159 22.56 -33.18 17.14
C ASN C 159 21.31 -32.92 16.32
N MET C 160 20.23 -32.56 17.01
CA MET C 160 18.96 -32.27 16.36
C MET C 160 18.29 -31.08 17.02
N PHE C 161 17.75 -30.18 16.18
CA PHE C 161 17.13 -28.93 16.60
C PHE C 161 15.73 -28.89 16.00
N PRO C 162 14.67 -29.15 16.77
CA PRO C 162 14.63 -29.37 18.22
C PRO C 162 15.13 -30.74 18.66
N THR C 163 15.55 -30.83 19.93
CA THR C 163 16.17 -32.05 20.44
C THR C 163 15.16 -32.97 21.12
N ILE C 164 14.20 -32.39 21.84
CA ILE C 164 13.17 -33.15 22.54
C ILE C 164 11.86 -32.41 22.40
N GLY C 165 10.78 -33.15 22.57
CA GLY C 165 9.44 -32.56 22.59
C GLY C 165 8.65 -33.11 23.75
N ASP C 166 7.91 -32.22 24.42
CA ASP C 166 7.03 -32.56 25.53
C ASP C 166 5.60 -32.23 25.14
N VAL C 167 4.73 -33.22 25.14
CA VAL C 167 3.30 -32.96 24.99
C VAL C 167 2.67 -32.96 26.38
N HIS C 168 1.86 -31.95 26.67
CA HIS C 168 1.24 -31.80 27.98
C HIS C 168 -0.25 -32.08 27.87
N LEU C 169 -0.78 -32.80 28.85
CA LEU C 169 -2.20 -33.09 28.99
C LEU C 169 -2.68 -32.58 30.34
N ALA C 170 -3.87 -31.98 30.38
CA ALA C 170 -4.45 -31.52 31.65
C ALA C 170 -5.97 -31.50 31.59
N PRO C 171 -6.64 -31.90 32.66
CA PRO C 171 -8.11 -31.86 32.66
C PRO C 171 -8.61 -30.43 32.78
N PHE C 172 -9.74 -30.15 32.13
CA PHE C 172 -10.32 -28.81 32.13
C PHE C 172 -11.82 -28.90 32.40
N THR C 173 -12.37 -27.78 32.88
CA THR C 173 -13.80 -27.61 33.03
C THR C 173 -14.23 -26.47 32.13
N ASP C 174 -15.24 -26.72 31.27
CA ASP C 174 -15.78 -25.68 30.39
C ASP C 174 -17.24 -26.07 30.11
N GLU C 175 -18.12 -25.72 31.05
CA GLU C 175 -19.53 -26.08 30.95
C GLU C 175 -20.15 -25.53 29.67
N GLN C 176 -19.80 -24.30 29.29
CA GLN C 176 -20.39 -23.71 28.08
C GLN C 176 -19.92 -24.43 26.81
N LEU C 177 -18.66 -24.83 26.76
CA LEU C 177 -18.21 -25.59 25.60
C LEU C 177 -18.95 -26.91 25.49
N TYR C 178 -19.14 -27.60 26.61
CA TYR C 178 -19.86 -28.87 26.60
C TYR C 178 -21.29 -28.69 26.14
N MET C 179 -22.04 -27.78 26.79
CA MET C 179 -23.45 -27.59 26.44
C MET C 179 -23.61 -27.11 25.00
N GLU C 180 -22.60 -26.41 24.48
CA GLU C 180 -22.65 -25.87 23.13
C GLU C 180 -22.79 -26.95 22.08
N GLN C 181 -22.28 -28.16 22.35
CA GLN C 181 -22.44 -29.25 21.39
C GLN C 181 -23.92 -29.63 21.20
N PHE C 182 -24.67 -29.69 22.29
CA PHE C 182 -26.08 -30.06 22.18
C PHE C 182 -26.92 -28.91 21.65
N THR C 183 -26.55 -27.67 21.96
CA THR C 183 -27.21 -26.52 21.35
C THR C 183 -27.14 -26.58 19.84
N LYS C 184 -25.96 -26.90 19.31
CA LYS C 184 -25.82 -26.99 17.85
C LYS C 184 -26.55 -28.20 17.30
N ALA C 185 -26.45 -29.35 17.97
CA ALA C 185 -27.12 -30.55 17.48
C ALA C 185 -28.64 -30.42 17.56
N ASN C 186 -29.15 -29.62 18.50
CA ASN C 186 -30.59 -29.49 18.69
C ASN C 186 -31.27 -28.78 17.52
N PHE C 187 -30.50 -28.21 16.58
CA PHE C 187 -31.11 -27.79 15.32
C PHE C 187 -31.96 -28.91 14.72
N TRP C 188 -31.47 -30.13 14.81
CA TRP C 188 -32.17 -31.28 14.25
C TRP C 188 -33.35 -31.72 15.09
N TYR C 189 -33.44 -31.27 16.35
CA TYR C 189 -34.53 -31.71 17.22
C TYR C 189 -35.73 -30.78 17.03
N GLN C 190 -36.32 -30.90 15.83
CA GLN C 190 -37.52 -30.18 15.60
C GLN C 190 -38.46 -30.93 14.68
N PRO C 191 -39.78 -30.88 14.94
CA PRO C 191 -40.71 -31.77 14.24
C PRO C 191 -41.22 -31.22 12.93
N SER C 192 -40.96 -29.94 12.63
CA SER C 192 -41.51 -29.38 11.43
C SER C 192 -40.58 -28.27 10.94
N PHE C 193 -39.38 -28.68 10.50
CA PHE C 193 -38.47 -27.81 9.76
C PHE C 193 -39.02 -27.70 8.34
N HIS C 194 -39.69 -26.59 8.02
CA HIS C 194 -40.38 -26.47 6.74
C HIS C 194 -41.25 -27.71 6.48
N GLY C 195 -41.85 -28.22 7.55
CA GLY C 195 -42.75 -29.36 7.45
C GLY C 195 -42.11 -30.71 7.61
N VAL C 196 -40.81 -30.78 7.86
CA VAL C 196 -40.07 -32.03 7.93
C VAL C 196 -39.64 -32.26 9.38
N ASP C 197 -39.88 -33.46 9.88
CA ASP C 197 -39.39 -33.87 11.20
C ASP C 197 -37.94 -34.30 11.07
N LEU C 198 -37.03 -33.51 11.64
CA LEU C 198 -35.60 -33.77 11.56
C LEU C 198 -35.07 -34.56 12.74
N SER C 199 -35.91 -34.82 13.74
CA SER C 199 -35.42 -35.25 15.04
C SER C 199 -34.64 -36.56 15.00
N ALA C 200 -34.90 -37.42 14.02
CA ALA C 200 -34.20 -38.70 13.97
C ALA C 200 -32.71 -38.58 13.72
N LEU C 201 -32.21 -37.40 13.29
CA LEU C 201 -30.79 -37.23 13.02
C LEU C 201 -30.06 -36.51 14.17
N ARG C 202 -30.77 -36.15 15.23
CA ARG C 202 -30.14 -35.38 16.31
C ARG C 202 -28.99 -36.15 16.93
N GLY C 203 -29.19 -37.43 17.22
CA GLY C 203 -28.13 -38.22 17.83
C GLY C 203 -26.90 -38.32 16.95
N ALA C 204 -27.10 -38.50 15.64
CA ALA C 204 -25.96 -38.51 14.73
C ALA C 204 -25.24 -37.18 14.74
N ALA C 205 -25.97 -36.07 14.83
CA ALA C 205 -25.33 -34.75 14.91
C ALA C 205 -24.50 -34.60 16.17
N VAL C 206 -25.01 -35.06 17.31
CA VAL C 206 -24.23 -35.03 18.55
C VAL C 206 -22.95 -35.84 18.39
N ASP C 207 -23.06 -37.06 17.86
CA ASP C 207 -21.88 -37.90 17.67
C ASP C 207 -20.84 -37.21 16.80
N GLU C 208 -21.29 -36.55 15.73
CA GLU C 208 -20.38 -35.87 14.82
C GLU C 208 -19.57 -34.80 15.55
N TYR C 209 -20.23 -33.98 16.37
CA TYR C 209 -19.52 -32.87 17.03
C TYR C 209 -18.51 -33.39 18.06
N PHE C 210 -18.85 -34.45 18.77
CA PHE C 210 -17.97 -34.94 19.82
C PHE C 210 -16.73 -35.64 19.28
N ARG C 211 -16.72 -36.02 18.00
CA ARG C 211 -15.54 -36.61 17.38
C ARG C 211 -14.51 -35.58 16.96
N GLN C 212 -14.79 -34.28 17.11
CA GLN C 212 -13.92 -33.23 16.65
C GLN C 212 -13.14 -32.64 17.81
N PRO C 213 -11.80 -32.73 17.82
CA PRO C 213 -11.04 -31.92 18.77
C PRO C 213 -11.26 -30.44 18.50
N VAL C 214 -11.14 -29.62 19.54
CA VAL C 214 -11.41 -28.19 19.46
C VAL C 214 -10.08 -27.47 19.51
N VAL C 215 -9.73 -26.79 18.44
CA VAL C 215 -8.51 -25.99 18.34
C VAL C 215 -8.85 -24.54 18.61
N ASP C 216 -8.44 -24.05 19.77
CA ASP C 216 -8.58 -22.65 20.16
C ASP C 216 -7.75 -22.47 21.43
N THR C 217 -7.77 -21.25 21.96
CA THR C 217 -7.08 -20.99 23.20
C THR C 217 -8.12 -20.82 24.31
N PHE C 218 -7.64 -20.67 25.54
CA PHE C 218 -8.54 -20.59 26.68
C PHE C 218 -7.81 -19.95 27.85
N ASP C 219 -8.60 -19.52 28.83
CA ASP C 219 -8.06 -19.04 30.09
C ASP C 219 -7.55 -20.20 30.92
N ILE C 220 -6.38 -20.04 31.54
CA ILE C 220 -5.80 -21.12 32.31
C ILE C 220 -6.62 -21.46 33.55
N ARG C 221 -7.58 -20.62 33.90
CA ARG C 221 -8.42 -20.91 35.06
C ARG C 221 -9.35 -22.10 34.84
N ILE C 222 -9.50 -22.57 33.59
CA ILE C 222 -10.29 -23.78 33.35
C ILE C 222 -9.52 -25.06 33.66
N LEU C 223 -8.21 -24.98 33.83
CA LEU C 223 -7.42 -26.18 34.08
C LEU C 223 -7.56 -26.58 35.54
N MET C 224 -7.77 -27.88 35.79
CA MET C 224 -8.12 -28.37 37.11
C MET C 224 -7.01 -29.15 37.79
N ALA C 225 -5.88 -29.36 37.12
CA ALA C 225 -4.77 -30.06 37.73
C ALA C 225 -3.51 -29.73 36.96
N LYS C 226 -2.37 -29.95 37.61
CA LYS C 226 -1.09 -29.85 36.94
C LYS C 226 -1.03 -30.85 35.77
N SER C 227 -0.43 -30.42 34.66
CA SER C 227 -0.37 -31.29 33.50
C SER C 227 0.57 -32.46 33.73
N VAL C 228 0.30 -33.54 33.01
CA VAL C 228 1.24 -34.64 32.88
C VAL C 228 1.91 -34.49 31.53
N LYS C 229 3.15 -34.94 31.43
CA LYS C 229 4.01 -34.67 30.29
C LYS C 229 4.48 -35.98 29.68
N TYR C 230 4.36 -36.09 28.37
CA TYR C 230 4.89 -37.22 27.60
C TYR C 230 6.02 -36.71 26.73
N THR C 231 7.24 -37.22 26.93
CA THR C 231 8.43 -36.65 26.33
C THR C 231 8.97 -37.58 25.25
N VAL C 232 9.32 -36.99 24.12
CA VAL C 232 10.00 -37.69 23.03
C VAL C 232 11.41 -37.12 22.91
N ASN C 233 12.41 -37.97 23.05
CA ASN C 233 13.81 -37.61 22.81
C ASN C 233 14.12 -37.92 21.35
N PHE C 234 14.18 -36.87 20.51
CA PHE C 234 14.37 -37.07 19.09
C PHE C 234 15.73 -37.66 18.77
N LEU C 235 16.70 -37.52 19.67
CA LEU C 235 18.01 -38.15 19.44
C LEU C 235 17.93 -39.66 19.59
N GLU C 236 16.96 -40.16 20.35
CA GLU C 236 16.85 -41.58 20.66
C GLU C 236 15.66 -42.27 20.02
N ALA C 237 14.57 -41.54 19.81
CA ALA C 237 13.33 -42.17 19.39
C ALA C 237 13.46 -42.74 17.99
N LYS C 238 12.74 -43.82 17.74
CA LYS C 238 12.67 -44.42 16.42
C LYS C 238 11.35 -44.04 15.76
N GLU C 239 11.34 -44.04 14.43
CA GLU C 239 10.14 -43.70 13.68
C GLU C 239 8.94 -44.52 14.15
N GLY C 240 9.16 -45.82 14.40
CA GLY C 240 8.08 -46.70 14.82
C GLY C 240 7.50 -46.38 16.18
N ASP C 241 8.21 -45.59 16.98
CA ASP C 241 7.71 -45.20 18.31
C ASP C 241 6.49 -44.28 18.23
N LEU C 242 6.21 -43.70 17.06
CA LEU C 242 5.12 -42.74 16.90
C LEU C 242 3.88 -43.33 16.24
N HIS C 243 3.88 -44.61 15.91
CA HIS C 243 2.70 -45.22 15.31
C HIS C 243 1.60 -45.42 16.35
N ARG C 244 1.98 -45.71 17.59
CA ARG C 244 1.03 -45.97 18.67
C ARG C 244 1.63 -45.30 19.89
N ILE C 245 1.03 -44.18 20.30
CA ILE C 245 1.56 -43.37 21.38
C ILE C 245 0.61 -43.50 22.55
N GLU C 246 1.03 -44.22 23.56
CA GLU C 246 0.23 -44.49 24.75
C GLU C 246 0.64 -43.49 25.82
N ILE C 247 -0.26 -42.60 26.19
CA ILE C 247 0.03 -41.58 27.19
C ILE C 247 -0.82 -41.87 28.41
N PRO C 248 -0.28 -42.59 29.40
CA PRO C 248 -1.00 -42.75 30.67
C PRO C 248 -0.98 -41.44 31.43
N PHE C 249 -2.04 -41.22 32.21
CA PHE C 249 -2.11 -40.01 33.03
C PHE C 249 -2.75 -40.33 34.37
N LYS C 250 -2.29 -39.62 35.39
CA LYS C 250 -2.91 -39.62 36.71
C LYS C 250 -2.82 -38.19 37.23
N PHE C 251 -3.94 -37.48 37.22
CA PHE C 251 -3.97 -36.10 37.67
C PHE C 251 -4.35 -36.03 39.14
N HIS C 252 -3.58 -35.23 39.89
CA HIS C 252 -3.92 -34.89 41.27
C HIS C 252 -4.74 -33.61 41.22
N MET C 253 -6.06 -33.76 41.36
CA MET C 253 -6.96 -32.64 41.15
C MET C 253 -6.65 -31.53 42.15
N LEU C 254 -6.44 -30.32 41.64
CA LEU C 254 -6.26 -29.16 42.48
C LEU C 254 -7.55 -28.39 42.72
N HIS C 255 -8.60 -28.66 41.94
CA HIS C 255 -9.87 -27.97 42.07
C HIS C 255 -11.01 -28.97 41.97
N SER C 256 -12.10 -28.65 42.64
CA SER C 256 -13.31 -29.49 42.60
C SER C 256 -14.26 -28.95 41.55
N GLY C 257 -14.88 -29.86 40.81
CA GLY C 257 -15.83 -29.45 39.79
C GLY C 257 -16.05 -30.55 38.78
N LEU C 258 -16.73 -30.19 37.69
CA LEU C 258 -17.04 -31.11 36.60
C LEU C 258 -15.92 -31.05 35.56
N VAL C 259 -15.29 -32.19 35.31
CA VAL C 259 -14.25 -32.30 34.29
C VAL C 259 -14.94 -32.62 32.96
N HIS C 260 -14.75 -31.77 31.96
CA HIS C 260 -15.40 -31.95 30.67
C HIS C 260 -14.48 -32.53 29.61
N GLY C 261 -13.17 -32.56 29.84
CA GLY C 261 -12.28 -33.16 28.87
C GLY C 261 -10.83 -32.88 29.21
N LEU C 262 -9.96 -33.06 28.21
CA LEU C 262 -8.52 -32.90 28.36
C LEU C 262 -8.03 -31.83 27.41
N ALA C 263 -7.20 -30.93 27.91
CA ALA C 263 -6.52 -29.92 27.11
C ALA C 263 -5.11 -30.39 26.79
N PHE C 264 -4.64 -30.07 25.58
CA PHE C 264 -3.33 -30.48 25.09
C PHE C 264 -2.52 -29.28 24.64
N TRP C 265 -1.22 -29.31 24.92
CA TRP C 265 -0.28 -28.36 24.33
C TRP C 265 1.10 -29.01 24.32
N PHE C 266 2.09 -28.31 23.80
CA PHE C 266 3.41 -28.92 23.71
C PHE C 266 4.52 -27.89 23.79
N ASP C 267 5.69 -28.36 24.22
CA ASP C 267 6.94 -27.61 24.20
C ASP C 267 7.99 -28.43 23.47
N VAL C 268 8.96 -27.74 22.86
CA VAL C 268 10.16 -28.38 22.33
C VAL C 268 11.37 -27.65 22.86
N ALA C 269 12.47 -28.37 23.01
CA ALA C 269 13.72 -27.81 23.52
C ALA C 269 14.82 -27.97 22.48
N PHE C 270 15.60 -26.91 22.30
CA PHE C 270 16.77 -26.93 21.44
C PHE C 270 17.99 -27.00 22.35
N ILE C 271 18.55 -28.20 22.49
CA ILE C 271 19.61 -28.46 23.48
C ILE C 271 20.93 -28.32 22.75
N GLY C 272 21.49 -27.11 22.79
CA GLY C 272 22.76 -26.81 22.15
C GLY C 272 23.93 -26.94 23.10
N SER C 273 25.12 -26.82 22.52
CA SER C 273 26.34 -26.91 23.33
C SER C 273 26.46 -25.73 24.28
N ILE C 274 25.99 -24.55 23.86
CA ILE C 274 26.11 -23.35 24.69
C ILE C 274 24.93 -23.23 25.64
N MET C 275 23.71 -23.35 25.13
CA MET C 275 22.55 -23.22 26.01
C MET C 275 21.37 -23.97 25.41
N THR C 276 20.35 -24.14 26.25
CA THR C 276 19.11 -24.80 25.88
C THR C 276 18.01 -23.75 25.78
N VAL C 277 17.31 -23.74 24.64
CA VAL C 277 16.23 -22.79 24.39
C VAL C 277 14.93 -23.56 24.23
N TRP C 278 13.86 -23.02 24.79
CA TRP C 278 12.55 -23.66 24.79
C TRP C 278 11.59 -22.88 23.91
N LEU C 279 10.77 -23.60 23.14
CA LEU C 279 9.63 -23.04 22.43
C LEU C 279 8.39 -23.68 23.02
N SER C 280 7.52 -22.88 23.64
CA SER C 280 6.37 -23.39 24.37
C SER C 280 5.07 -22.87 23.75
N THR C 281 4.11 -23.78 23.58
CA THR C 281 2.77 -23.41 23.14
C THR C 281 1.76 -23.51 24.29
N ALA C 282 2.24 -23.46 25.53
CA ALA C 282 1.36 -23.56 26.69
C ALA C 282 0.41 -22.38 26.77
N PRO C 283 -0.78 -22.59 27.37
CA PRO C 283 -1.73 -21.48 27.54
C PRO C 283 -1.26 -20.44 28.55
N THR C 284 -0.21 -20.73 29.31
CA THR C 284 0.41 -19.72 30.17
C THR C 284 1.35 -18.80 29.41
N GLU C 285 1.66 -19.12 28.14
CA GLU C 285 2.59 -18.39 27.31
C GLU C 285 1.83 -17.63 26.23
N PRO C 286 2.46 -16.63 25.62
CA PRO C 286 1.80 -15.93 24.51
C PRO C 286 1.36 -16.89 23.42
N LEU C 287 0.24 -16.57 22.79
CA LEU C 287 -0.39 -17.45 21.82
C LEU C 287 0.50 -17.65 20.60
N THR C 288 0.57 -18.89 20.12
CA THR C 288 1.23 -19.19 18.87
C THR C 288 0.19 -19.66 17.86
N HIS C 289 0.64 -19.85 16.61
CA HIS C 289 -0.27 -20.34 15.57
C HIS C 289 -0.61 -21.82 15.75
N TRP C 290 -0.04 -22.50 16.75
CA TRP C 290 -0.48 -23.85 17.11
C TRP C 290 -1.66 -23.82 18.08
N TYR C 291 -1.93 -22.68 18.73
CA TYR C 291 -2.99 -22.55 19.71
C TYR C 291 -2.86 -23.66 20.75
N GLN C 292 -3.98 -24.25 21.16
CA GLN C 292 -4.05 -25.41 22.03
C GLN C 292 -5.19 -26.29 21.53
N VAL C 293 -5.25 -27.53 22.02
CA VAL C 293 -6.27 -28.47 21.60
C VAL C 293 -7.01 -29.00 22.81
N ARG C 294 -8.34 -29.13 22.67
CA ARG C 294 -9.16 -29.70 23.73
C ARG C 294 -10.03 -30.82 23.17
N CYS C 295 -10.10 -31.95 23.90
CA CYS C 295 -10.91 -33.09 23.53
C CYS C 295 -11.91 -33.28 24.67
N LEU C 296 -13.19 -33.25 24.34
CA LEU C 296 -14.22 -33.46 25.35
C LEU C 296 -14.40 -34.93 25.67
N PHE C 297 -14.72 -35.22 26.94
CA PHE C 297 -15.31 -36.50 27.29
C PHE C 297 -16.75 -36.54 26.79
N GLN C 298 -17.26 -37.75 26.58
CA GLN C 298 -18.67 -37.86 26.18
C GLN C 298 -19.60 -37.49 27.32
N SER C 299 -19.17 -37.67 28.56
CA SER C 299 -19.93 -37.28 29.74
C SER C 299 -18.93 -36.72 30.74
N PRO C 300 -19.27 -35.61 31.40
CA PRO C 300 -18.35 -35.03 32.39
C PRO C 300 -18.22 -35.93 33.61
N LEU C 301 -17.12 -35.74 34.33
CA LEU C 301 -16.83 -36.44 35.57
C LEU C 301 -16.69 -35.45 36.72
N PHE C 302 -17.38 -35.72 37.82
CA PHE C 302 -17.21 -34.88 39.00
C PHE C 302 -15.97 -35.32 39.77
N ALA C 303 -15.10 -34.37 40.12
CA ALA C 303 -13.92 -34.67 40.90
C ALA C 303 -13.76 -33.60 41.96
N LYS C 304 -13.34 -34.00 43.15
CA LYS C 304 -13.00 -33.08 44.21
C LYS C 304 -11.50 -32.84 44.21
N ALA C 305 -11.10 -31.66 44.72
CA ALA C 305 -9.68 -31.42 44.97
C ALA C 305 -9.15 -32.52 45.86
N GLY C 306 -7.99 -33.09 45.48
CA GLY C 306 -7.42 -34.21 46.18
C GLY C 306 -7.74 -35.57 45.59
N ASP C 307 -8.79 -35.65 44.78
CA ASP C 307 -9.07 -36.87 44.05
C ASP C 307 -7.99 -37.08 42.98
N THR C 308 -7.96 -38.30 42.42
CA THR C 308 -7.07 -38.62 41.33
C THR C 308 -7.91 -39.02 40.13
N LEU C 309 -7.62 -38.43 38.98
CA LEU C 309 -8.26 -38.74 37.71
C LEU C 309 -7.24 -39.46 36.85
N SER C 310 -7.45 -40.76 36.65
CA SER C 310 -6.49 -41.61 35.97
C SER C 310 -7.09 -42.18 34.67
N GLY C 311 -6.21 -42.52 33.75
CA GLY C 311 -6.66 -43.09 32.49
C GLY C 311 -5.54 -43.09 31.48
N THR C 312 -5.92 -43.12 30.21
CA THR C 312 -4.98 -43.25 29.12
C THR C 312 -5.48 -42.45 27.94
N CYS C 313 -4.57 -41.69 27.32
CA CYS C 313 -4.78 -41.09 26.01
C CYS C 313 -3.95 -41.89 25.01
N LEU C 314 -4.62 -42.62 24.11
CA LEU C 314 -3.98 -43.47 23.13
C LEU C 314 -4.13 -42.82 21.75
N LEU C 315 -3.00 -42.48 21.14
CA LEU C 315 -2.96 -41.90 19.81
C LEU C 315 -2.53 -42.96 18.82
N ILE C 316 -3.41 -43.28 17.87
CA ILE C 316 -3.15 -44.31 16.87
C ILE C 316 -3.01 -43.61 15.53
N ALA C 317 -1.82 -43.73 14.92
CA ALA C 317 -1.59 -43.05 13.66
C ALA C 317 -2.47 -43.66 12.57
N ASN C 318 -2.92 -42.83 11.64
CA ASN C 318 -3.74 -43.29 10.53
C ASN C 318 -3.13 -42.84 9.21
N LYS C 319 -3.71 -43.32 8.11
CA LYS C 319 -3.17 -43.08 6.78
C LYS C 319 -3.46 -41.67 6.26
N ARG C 320 -4.18 -40.85 7.01
CA ARG C 320 -4.46 -39.47 6.62
C ARG C 320 -3.51 -38.48 7.29
N GLN C 321 -2.30 -38.93 7.63
CA GLN C 321 -1.28 -38.07 8.21
C GLN C 321 -1.74 -37.48 9.54
N SER C 322 -2.54 -38.23 10.28
CA SER C 322 -3.04 -37.74 11.55
C SER C 322 -3.20 -38.93 12.50
N TYR C 323 -3.97 -38.73 13.55
CA TYR C 323 -4.13 -39.70 14.62
C TYR C 323 -5.60 -39.82 14.98
N ASP C 324 -6.03 -41.05 15.27
CA ASP C 324 -7.27 -41.30 16.00
C ASP C 324 -6.97 -41.24 17.48
N ILE C 325 -7.72 -40.43 18.21
CA ILE C 325 -7.47 -40.18 19.61
C ILE C 325 -8.47 -40.95 20.43
N SER C 326 -7.99 -41.83 21.31
CA SER C 326 -8.83 -42.58 22.22
C SER C 326 -8.48 -42.15 23.64
N ILE C 327 -9.47 -41.59 24.35
CA ILE C 327 -9.29 -41.13 25.71
C ILE C 327 -10.23 -41.91 26.64
N VAL C 328 -9.67 -42.51 27.69
CA VAL C 328 -10.44 -43.14 28.74
C VAL C 328 -9.98 -42.52 30.06
N ALA C 329 -10.93 -42.21 30.94
CA ALA C 329 -10.60 -41.57 32.20
C ALA C 329 -11.59 -42.00 33.27
N GLN C 330 -11.12 -41.97 34.51
CA GLN C 330 -11.96 -42.35 35.65
C GLN C 330 -11.52 -41.54 36.86
N VAL C 331 -12.49 -41.22 37.72
CA VAL C 331 -12.21 -40.67 39.04
C VAL C 331 -12.00 -41.86 39.97
N ASP C 332 -10.74 -42.10 40.38
CA ASP C 332 -10.45 -43.31 41.12
C ASP C 332 -11.27 -43.43 42.40
N GLN C 333 -11.45 -42.30 43.11
CA GLN C 333 -12.11 -42.37 44.41
C GLN C 333 -13.62 -42.60 44.32
N THR C 334 -14.20 -42.53 43.12
CA THR C 334 -15.63 -42.78 42.96
C THR C 334 -15.96 -43.85 41.94
N GLY C 335 -15.03 -44.21 41.07
CA GLY C 335 -15.33 -45.13 39.99
C GLY C 335 -16.03 -44.53 38.80
N SER C 336 -16.38 -43.24 38.85
CA SER C 336 -17.01 -42.59 37.71
C SER C 336 -16.04 -42.56 36.52
N LYS C 337 -16.56 -42.90 35.35
CA LYS C 337 -15.71 -43.08 34.18
C LYS C 337 -16.36 -42.46 32.95
N SER C 338 -15.53 -42.05 32.01
CA SER C 338 -16.00 -41.61 30.70
C SER C 338 -14.91 -41.87 29.66
N SER C 339 -15.21 -41.52 28.42
CA SER C 339 -14.28 -41.77 27.33
C SER C 339 -14.71 -40.96 26.12
N ASN C 340 -13.88 -40.98 25.09
CA ASN C 340 -14.25 -40.43 23.80
C ASN C 340 -13.27 -40.92 22.75
N LEU C 341 -13.69 -40.85 21.50
CA LEU C 341 -12.89 -41.23 20.34
C LEU C 341 -12.98 -40.08 19.36
N LEU C 342 -11.84 -39.49 19.02
CA LEU C 342 -11.81 -38.28 18.20
C LEU C 342 -10.88 -38.47 17.01
N ASP C 343 -11.16 -37.69 15.97
CA ASP C 343 -10.39 -37.70 14.73
C ASP C 343 -9.62 -36.39 14.65
N LEU C 344 -8.31 -36.45 14.87
CA LEU C 344 -7.49 -35.24 14.88
C LEU C 344 -7.34 -34.65 13.49
N LYS C 345 -7.66 -35.40 12.44
CA LYS C 345 -7.58 -34.87 11.08
C LYS C 345 -8.64 -33.83 10.80
N ASN C 346 -9.74 -33.83 11.56
CA ASN C 346 -10.89 -32.95 11.31
C ASN C 346 -11.24 -32.15 12.56
N PRO C 347 -10.35 -31.25 13.00
CA PRO C 347 -10.61 -30.48 14.21
C PRO C 347 -11.58 -29.35 13.93
N PHE C 348 -12.18 -28.85 15.01
CA PHE C 348 -13.06 -27.69 14.93
C PHE C 348 -12.28 -26.45 15.35
N PHE C 349 -12.13 -25.51 14.43
CA PHE C 349 -11.40 -24.26 14.70
C PHE C 349 -12.39 -23.26 15.27
N ARG C 350 -12.41 -23.18 16.60
CA ARG C 350 -13.37 -22.37 17.33
C ARG C 350 -12.87 -20.97 17.64
N TYR C 351 -11.57 -20.73 17.50
CA TYR C 351 -10.99 -19.43 17.81
C TYR C 351 -11.58 -18.34 16.94
N THR C 352 -11.52 -17.11 17.45
CA THR C 352 -11.86 -15.92 16.68
C THR C 352 -10.93 -14.76 17.07
N SER D 10 -19.16 -42.98 -15.71
CA SER D 10 -17.78 -42.68 -16.03
C SER D 10 -17.62 -41.18 -16.31
N VAL D 11 -18.66 -40.56 -16.89
CA VAL D 11 -18.59 -39.15 -17.26
C VAL D 11 -18.03 -38.31 -16.12
N PHE D 12 -18.45 -38.59 -14.89
CA PHE D 12 -17.95 -37.82 -13.75
C PHE D 12 -16.47 -38.07 -13.52
N SER D 13 -16.07 -39.34 -13.45
CA SER D 13 -14.68 -39.67 -13.10
C SER D 13 -13.69 -39.24 -14.18
N GLU D 14 -14.14 -39.10 -15.43
CA GLU D 14 -13.23 -38.66 -16.48
C GLU D 14 -12.89 -37.18 -16.35
N ARG D 15 -13.76 -36.38 -15.73
CA ARG D 15 -13.56 -34.94 -15.63
C ARG D 15 -13.12 -34.47 -14.26
N THR D 16 -13.05 -35.37 -13.28
CA THR D 16 -12.66 -35.00 -11.93
C THR D 16 -11.50 -35.88 -11.46
N GLU D 17 -10.52 -35.24 -10.81
CA GLU D 17 -9.44 -35.98 -10.17
C GLU D 17 -9.96 -36.67 -8.91
N GLU D 18 -9.67 -37.96 -8.79
CA GLU D 18 -10.17 -38.74 -7.66
C GLU D 18 -9.96 -38.02 -6.34
N SER D 19 -8.73 -37.57 -6.10
CA SER D 19 -8.40 -36.94 -4.83
C SER D 19 -9.37 -35.79 -4.52
N SER D 20 -9.65 -34.94 -5.51
CA SER D 20 -10.55 -33.82 -5.27
C SER D 20 -11.97 -34.32 -5.02
N ALA D 21 -12.43 -35.31 -5.80
CA ALA D 21 -13.76 -35.84 -5.61
C ALA D 21 -13.92 -36.43 -4.21
N VAL D 22 -12.85 -37.04 -3.68
CA VAL D 22 -12.92 -37.65 -2.36
C VAL D 22 -13.22 -36.59 -1.31
N GLN D 23 -12.40 -35.52 -1.27
CA GLN D 23 -12.62 -34.48 -0.27
C GLN D 23 -13.92 -33.72 -0.53
N TYR D 24 -14.37 -33.64 -1.78
CA TYR D 24 -15.63 -32.96 -2.08
C TYR D 24 -16.81 -33.69 -1.42
N PHE D 25 -16.94 -34.99 -1.68
CA PHE D 25 -18.06 -35.73 -1.12
C PHE D 25 -17.89 -35.96 0.38
N GLN D 26 -16.65 -36.00 0.86
CA GLN D 26 -16.41 -36.02 2.30
C GLN D 26 -16.99 -34.77 2.95
N PHE D 27 -16.68 -33.61 2.39
CA PHE D 27 -17.18 -32.35 2.94
C PHE D 27 -18.70 -32.37 3.07
N TYR D 28 -19.40 -32.88 2.05
CA TYR D 28 -20.85 -32.88 2.07
C TYR D 28 -21.43 -34.06 2.86
N GLY D 29 -20.59 -34.88 3.47
CA GLY D 29 -21.10 -35.93 4.30
C GLY D 29 -21.36 -35.53 5.73
N TYR D 30 -21.04 -34.29 6.10
CA TYR D 30 -21.20 -33.83 7.47
C TYR D 30 -22.56 -33.18 7.68
N LEU D 31 -23.22 -33.56 8.78
CA LEU D 31 -24.51 -32.95 9.12
C LEU D 31 -24.36 -31.45 9.41
N SER D 32 -23.23 -31.05 9.97
CA SER D 32 -22.91 -29.62 10.23
C SER D 32 -23.08 -28.81 8.94
N GLN D 33 -22.58 -29.32 7.81
CA GLN D 33 -22.65 -28.61 6.51
C GLN D 33 -24.08 -28.59 6.04
N GLN D 34 -24.80 -29.70 6.22
CA GLN D 34 -26.23 -29.77 5.86
C GLN D 34 -26.97 -28.68 6.66
N GLN D 35 -26.72 -28.56 7.96
CA GLN D 35 -27.36 -27.54 8.78
C GLN D 35 -27.03 -26.16 8.27
N ASN D 36 -25.77 -25.93 7.87
CA ASN D 36 -25.37 -24.60 7.44
C ASN D 36 -26.15 -24.15 6.21
N MET D 37 -26.38 -25.05 5.26
CA MET D 37 -27.17 -24.69 4.09
C MET D 37 -28.65 -24.61 4.43
N MET D 38 -29.14 -25.53 5.25
CA MET D 38 -30.56 -25.53 5.60
C MET D 38 -30.95 -24.30 6.38
N GLN D 39 -30.04 -23.75 7.19
CA GLN D 39 -30.36 -22.57 7.99
C GLN D 39 -30.49 -21.31 7.15
N ASP D 40 -29.98 -21.32 5.93
CA ASP D 40 -30.17 -20.21 4.99
C ASP D 40 -31.64 -20.15 4.65
N TYR D 41 -32.39 -19.28 5.34
CA TYR D 41 -33.84 -19.26 5.16
C TYR D 41 -34.24 -18.74 3.79
N VAL D 42 -33.48 -17.78 3.25
CA VAL D 42 -33.76 -17.31 1.90
C VAL D 42 -33.69 -18.48 0.93
N ARG D 43 -32.62 -19.26 1.02
CA ARG D 43 -32.44 -20.41 0.12
C ARG D 43 -33.54 -21.44 0.34
N THR D 44 -33.70 -21.90 1.59
CA THR D 44 -34.63 -23.00 1.83
C THR D 44 -36.08 -22.57 1.62
N GLY D 45 -36.42 -21.36 2.09
CA GLY D 45 -37.78 -20.87 1.93
C GLY D 45 -38.15 -20.59 0.47
N THR D 46 -37.19 -20.13 -0.31
CA THR D 46 -37.47 -19.84 -1.72
C THR D 46 -37.67 -21.12 -2.50
N TYR D 47 -36.88 -22.15 -2.21
CA TYR D 47 -37.07 -23.45 -2.84
C TYR D 47 -38.44 -24.03 -2.50
N GLN D 48 -38.84 -23.96 -1.23
CA GLN D 48 -40.16 -24.49 -0.86
C GLN D 48 -41.25 -23.71 -1.55
N ARG D 49 -41.09 -22.37 -1.64
CA ARG D 49 -42.05 -21.52 -2.33
C ARG D 49 -42.13 -21.90 -3.80
N ALA D 50 -41.00 -22.07 -4.47
CA ALA D 50 -41.02 -22.42 -5.89
C ALA D 50 -41.75 -23.74 -6.13
N ILE D 51 -41.58 -24.69 -5.22
CA ILE D 51 -42.15 -26.01 -5.42
C ILE D 51 -43.62 -26.01 -5.03
N LEU D 52 -43.94 -25.48 -3.84
CA LEU D 52 -45.33 -25.56 -3.36
C LEU D 52 -46.25 -24.66 -4.20
N GLN D 53 -45.80 -23.47 -4.58
CA GLN D 53 -46.66 -22.61 -5.38
C GLN D 53 -46.82 -23.11 -6.81
N ASN D 54 -45.92 -23.97 -7.27
CA ASN D 54 -46.07 -24.66 -8.55
C ASN D 54 -46.43 -26.12 -8.32
N HIS D 55 -47.44 -26.36 -7.47
CA HIS D 55 -47.79 -27.73 -7.11
C HIS D 55 -48.26 -28.53 -8.30
N THR D 56 -48.83 -27.87 -9.33
CA THR D 56 -49.28 -28.59 -10.51
C THR D 56 -48.12 -29.21 -11.30
N ASP D 57 -46.92 -28.69 -11.15
CA ASP D 57 -45.75 -29.30 -11.78
C ASP D 57 -45.26 -30.52 -11.00
N PHE D 58 -45.87 -30.82 -9.86
CA PHE D 58 -45.48 -31.97 -9.06
C PHE D 58 -46.61 -32.94 -8.79
N LYS D 59 -47.87 -32.50 -8.81
CA LYS D 59 -48.98 -33.37 -8.46
C LYS D 59 -48.99 -34.62 -9.33
N ASP D 60 -48.86 -35.79 -8.70
CA ASP D 60 -48.87 -37.09 -9.37
C ASP D 60 -47.75 -37.25 -10.39
N LYS D 61 -46.65 -36.53 -10.20
CA LYS D 61 -45.53 -36.59 -11.13
C LYS D 61 -44.41 -37.48 -10.61
N ILE D 62 -43.53 -37.88 -11.52
CA ILE D 62 -42.29 -38.58 -11.19
C ILE D 62 -41.17 -37.55 -11.16
N VAL D 63 -40.41 -37.53 -10.07
CA VAL D 63 -39.42 -36.48 -9.81
C VAL D 63 -38.05 -37.12 -9.63
N LEU D 64 -37.01 -36.42 -10.09
CA LEU D 64 -35.63 -36.76 -9.77
C LEU D 64 -35.02 -35.59 -9.00
N ASP D 65 -34.43 -35.88 -7.84
CA ASP D 65 -33.71 -34.91 -7.00
C ASP D 65 -32.22 -35.22 -7.08
N VAL D 66 -31.47 -34.36 -7.76
CA VAL D 66 -30.05 -34.58 -8.01
C VAL D 66 -29.24 -33.93 -6.89
N GLY D 67 -28.48 -34.73 -6.17
CA GLY D 67 -27.70 -34.24 -5.06
C GLY D 67 -28.60 -33.83 -3.92
N CYS D 68 -29.41 -34.76 -3.42
CA CYS D 68 -30.48 -34.42 -2.48
C CYS D 68 -30.01 -34.08 -1.10
N GLY D 69 -28.76 -34.40 -0.76
CA GLY D 69 -28.27 -34.13 0.57
C GLY D 69 -29.14 -34.83 1.59
N SER D 70 -29.63 -34.08 2.57
CA SER D 70 -30.51 -34.66 3.58
C SER D 70 -31.92 -34.95 3.06
N GLY D 71 -32.25 -34.52 1.84
CA GLY D 71 -33.52 -34.83 1.21
C GLY D 71 -34.55 -33.74 1.23
N ILE D 72 -34.20 -32.54 1.69
CA ILE D 72 -35.20 -31.51 1.95
C ILE D 72 -36.03 -31.24 0.71
N LEU D 73 -35.38 -31.12 -0.46
CA LEU D 73 -36.15 -30.80 -1.67
C LEU D 73 -37.10 -31.94 -2.05
N SER D 74 -36.71 -33.18 -1.76
CA SER D 74 -37.60 -34.31 -2.03
C SER D 74 -38.81 -34.27 -1.11
N PHE D 75 -38.63 -33.82 0.14
CA PHE D 75 -39.78 -33.64 1.02
C PHE D 75 -40.69 -32.54 0.51
N PHE D 76 -40.12 -31.48 -0.07
CA PHE D 76 -40.96 -30.44 -0.65
C PHE D 76 -41.75 -30.99 -1.83
N ALA D 77 -41.09 -31.74 -2.72
CA ALA D 77 -41.79 -32.36 -3.83
C ALA D 77 -42.92 -33.27 -3.34
N ALA D 78 -42.69 -34.00 -2.25
CA ALA D 78 -43.73 -34.84 -1.67
C ALA D 78 -44.88 -33.99 -1.14
N GLN D 79 -44.56 -32.88 -0.45
CA GLN D 79 -45.61 -32.00 0.04
C GLN D 79 -46.47 -31.45 -1.10
N ALA D 80 -45.87 -31.23 -2.27
CA ALA D 80 -46.58 -30.73 -3.43
C ALA D 80 -47.35 -31.79 -4.19
N GLY D 81 -47.29 -33.04 -3.76
CA GLY D 81 -48.14 -34.08 -4.33
C GLY D 81 -47.45 -35.07 -5.27
N ALA D 82 -46.13 -35.07 -5.31
CA ALA D 82 -45.44 -35.98 -6.23
C ALA D 82 -45.82 -37.44 -5.94
N ARG D 83 -45.94 -38.22 -7.00
CA ARG D 83 -46.26 -39.64 -6.86
C ARG D 83 -45.01 -40.44 -6.50
N LYS D 84 -43.85 -40.07 -7.06
CA LYS D 84 -42.62 -40.81 -6.80
C LYS D 84 -41.43 -39.88 -7.01
N ILE D 85 -40.49 -39.92 -6.07
CA ILE D 85 -39.31 -39.06 -6.12
C ILE D 85 -38.07 -39.94 -5.97
N TYR D 86 -37.18 -39.89 -6.95
CA TYR D 86 -35.89 -40.57 -6.87
C TYR D 86 -34.86 -39.54 -6.39
N ALA D 87 -34.31 -39.77 -5.21
CA ALA D 87 -33.40 -38.82 -4.58
C ALA D 87 -31.99 -39.41 -4.62
N VAL D 88 -31.14 -38.89 -5.51
CA VAL D 88 -29.80 -39.45 -5.71
C VAL D 88 -28.80 -38.56 -5.00
N GLU D 89 -27.85 -39.20 -4.30
CA GLU D 89 -26.86 -38.47 -3.52
C GLU D 89 -25.62 -39.34 -3.42
N ALA D 90 -24.46 -38.77 -3.76
CA ALA D 90 -23.20 -39.51 -3.81
C ALA D 90 -22.46 -39.54 -2.49
N SER D 91 -22.71 -38.57 -1.61
CA SER D 91 -22.01 -38.53 -0.33
C SER D 91 -22.67 -39.50 0.65
N THR D 92 -22.01 -39.70 1.80
CA THR D 92 -22.58 -40.53 2.85
C THR D 92 -23.84 -39.93 3.46
N MET D 93 -24.21 -38.70 3.09
CA MET D 93 -25.45 -38.11 3.58
C MET D 93 -26.67 -38.90 3.11
N ALA D 94 -26.54 -39.69 2.05
CA ALA D 94 -27.66 -40.48 1.57
C ALA D 94 -28.19 -41.40 2.65
N GLN D 95 -27.31 -41.91 3.54
CA GLN D 95 -27.79 -42.75 4.64
C GLN D 95 -28.72 -41.98 5.58
N HIS D 96 -28.38 -40.72 5.85
CA HIS D 96 -29.22 -39.90 6.72
C HIS D 96 -30.53 -39.53 6.06
N ALA D 97 -30.51 -39.27 4.75
CA ALA D 97 -31.75 -39.00 4.03
C ALA D 97 -32.73 -40.17 4.14
N GLU D 98 -32.24 -41.40 3.99
CA GLU D 98 -33.15 -42.55 4.10
C GLU D 98 -33.71 -42.67 5.52
N VAL D 99 -32.92 -42.29 6.53
CA VAL D 99 -33.44 -42.25 7.90
C VAL D 99 -34.62 -41.30 8.00
N LEU D 100 -34.48 -40.10 7.42
CA LEU D 100 -35.55 -39.11 7.49
C LEU D 100 -36.77 -39.56 6.69
N VAL D 101 -36.56 -40.21 5.54
CA VAL D 101 -37.70 -40.71 4.78
C VAL D 101 -38.53 -41.68 5.62
N LYS D 102 -37.86 -42.58 6.32
CA LYS D 102 -38.56 -43.53 7.19
C LYS D 102 -39.26 -42.83 8.34
N SER D 103 -38.54 -41.92 9.03
CA SER D 103 -39.10 -41.28 10.22
C SER D 103 -40.27 -40.38 9.85
N ASN D 104 -40.30 -39.89 8.62
CA ASN D 104 -41.40 -39.06 8.14
C ASN D 104 -42.45 -39.88 7.38
N ASN D 105 -42.35 -41.20 7.41
CA ASN D 105 -43.36 -42.09 6.85
C ASN D 105 -43.64 -41.78 5.38
N LEU D 106 -42.56 -41.60 4.61
CA LEU D 106 -42.68 -41.32 3.19
C LEU D 106 -42.00 -42.38 2.33
N THR D 107 -41.84 -43.61 2.86
CA THR D 107 -41.19 -44.68 2.12
C THR D 107 -41.93 -45.04 0.85
N ASP D 108 -43.23 -44.74 0.75
CA ASP D 108 -43.98 -45.05 -0.46
C ASP D 108 -43.81 -44.01 -1.55
N ARG D 109 -43.09 -42.91 -1.29
CA ARG D 109 -43.01 -41.83 -2.25
C ARG D 109 -41.58 -41.39 -2.56
N ILE D 110 -40.68 -41.45 -1.60
CA ILE D 110 -39.30 -40.99 -1.78
C ILE D 110 -38.39 -42.20 -1.75
N VAL D 111 -37.65 -42.40 -2.85
CA VAL D 111 -36.75 -43.53 -3.01
C VAL D 111 -35.34 -42.97 -3.11
N VAL D 112 -34.54 -43.15 -2.06
CA VAL D 112 -33.15 -42.70 -2.09
C VAL D 112 -32.32 -43.66 -2.93
N ILE D 113 -31.54 -43.12 -3.86
CA ILE D 113 -30.65 -43.91 -4.70
C ILE D 113 -29.23 -43.40 -4.48
N PRO D 114 -28.41 -44.15 -3.72
CA PRO D 114 -27.05 -43.66 -3.43
C PRO D 114 -26.16 -43.80 -4.64
N GLY D 115 -25.29 -42.82 -4.83
CA GLY D 115 -24.32 -42.83 -5.89
C GLY D 115 -24.31 -41.54 -6.66
N LYS D 116 -23.45 -41.49 -7.68
CA LYS D 116 -23.36 -40.33 -8.55
C LYS D 116 -24.43 -40.41 -9.63
N VAL D 117 -25.06 -39.26 -9.93
CA VAL D 117 -26.13 -39.26 -10.90
C VAL D 117 -25.64 -39.75 -12.27
N GLU D 118 -24.33 -39.67 -12.52
CA GLU D 118 -23.78 -40.15 -13.78
C GLU D 118 -23.61 -41.67 -13.82
N GLU D 119 -23.79 -42.36 -12.70
CA GLU D 119 -23.50 -43.77 -12.61
C GLU D 119 -24.66 -44.63 -12.14
N VAL D 120 -25.70 -44.04 -11.55
CA VAL D 120 -26.81 -44.82 -11.01
C VAL D 120 -27.74 -45.24 -12.13
N SER D 121 -28.68 -46.13 -11.82
CA SER D 121 -29.71 -46.58 -12.74
C SER D 121 -31.07 -46.27 -12.14
N LEU D 122 -31.94 -45.62 -12.93
CA LEU D 122 -33.29 -45.31 -12.48
C LEU D 122 -34.27 -46.23 -13.19
N PRO D 123 -35.34 -46.68 -12.52
CA PRO D 123 -36.28 -47.60 -13.18
C PRO D 123 -37.15 -46.93 -14.24
N GLU D 124 -37.21 -45.60 -14.30
CA GLU D 124 -38.08 -44.95 -15.25
C GLU D 124 -37.61 -43.53 -15.49
N GLN D 125 -38.15 -42.93 -16.55
CA GLN D 125 -37.93 -41.52 -16.83
C GLN D 125 -38.81 -40.67 -15.92
N VAL D 126 -38.43 -39.40 -15.76
CA VAL D 126 -39.09 -38.52 -14.80
C VAL D 126 -39.70 -37.33 -15.54
N ASP D 127 -40.66 -36.69 -14.87
CA ASP D 127 -41.35 -35.53 -15.42
C ASP D 127 -40.65 -34.22 -15.12
N ILE D 128 -39.82 -34.18 -14.08
CA ILE D 128 -39.22 -32.95 -13.61
C ILE D 128 -38.00 -33.31 -12.78
N ILE D 129 -36.96 -32.50 -12.91
CA ILE D 129 -35.73 -32.62 -12.13
C ILE D 129 -35.63 -31.42 -11.20
N ILE D 130 -35.30 -31.66 -9.94
CA ILE D 130 -35.03 -30.60 -8.98
C ILE D 130 -33.61 -30.80 -8.45
N SER D 131 -32.97 -29.71 -8.06
CA SER D 131 -31.60 -29.78 -7.57
C SER D 131 -31.20 -28.40 -7.05
N GLU D 132 -30.09 -28.38 -6.32
CA GLU D 132 -29.41 -27.15 -5.92
C GLU D 132 -27.98 -27.25 -6.43
N PRO D 133 -27.77 -27.02 -7.74
CA PRO D 133 -26.43 -27.21 -8.31
C PRO D 133 -25.53 -25.99 -8.25
N MET D 134 -25.99 -24.89 -7.64
CA MET D 134 -25.26 -23.64 -7.69
C MET D 134 -24.17 -23.60 -6.61
N GLY D 135 -22.94 -23.29 -7.02
CA GLY D 135 -21.90 -22.92 -6.10
C GLY D 135 -21.61 -21.44 -6.13
N TYR D 136 -20.50 -21.05 -5.47
CA TYR D 136 -20.01 -19.69 -5.58
C TYR D 136 -19.91 -19.29 -7.04
N MET D 137 -20.31 -18.06 -7.36
CA MET D 137 -20.22 -17.54 -8.73
C MET D 137 -21.00 -18.42 -9.68
N LEU D 138 -22.01 -19.10 -9.14
CA LEU D 138 -22.82 -20.08 -9.85
C LEU D 138 -22.05 -21.35 -10.20
N PHE D 139 -20.89 -21.21 -10.86
CA PHE D 139 -20.27 -22.34 -11.53
C PHE D 139 -19.37 -23.19 -10.64
N ASN D 140 -18.88 -22.67 -9.52
CA ASN D 140 -17.99 -23.44 -8.67
C ASN D 140 -18.64 -24.76 -8.28
N GLU D 141 -17.79 -25.79 -8.11
CA GLU D 141 -18.18 -27.16 -7.78
C GLU D 141 -18.54 -27.99 -9.01
N ARG D 142 -18.80 -27.33 -10.14
CA ARG D 142 -19.10 -28.01 -11.41
C ARG D 142 -20.32 -28.92 -11.31
N MET D 143 -21.22 -28.67 -10.37
CA MET D 143 -22.38 -29.52 -10.21
C MET D 143 -23.44 -29.26 -11.27
N LEU D 144 -23.40 -28.10 -11.92
CA LEU D 144 -24.33 -27.84 -13.03
C LEU D 144 -24.17 -28.87 -14.14
N GLU D 145 -22.96 -29.40 -14.33
CA GLU D 145 -22.75 -30.41 -15.35
C GLU D 145 -23.47 -31.71 -14.99
N SER D 146 -23.46 -32.08 -13.71
CA SER D 146 -24.22 -33.25 -13.28
C SER D 146 -25.72 -32.99 -13.42
N TYR D 147 -26.15 -31.78 -13.08
CA TYR D 147 -27.56 -31.40 -13.26
C TYR D 147 -27.98 -31.54 -14.71
N LEU D 148 -27.16 -31.04 -15.63
CA LEU D 148 -27.46 -31.18 -17.05
C LEU D 148 -27.34 -32.63 -17.51
N HIS D 149 -26.33 -33.34 -16.99
CA HIS D 149 -26.18 -34.75 -17.33
C HIS D 149 -27.44 -35.54 -17.00
N ALA D 150 -28.08 -35.21 -15.88
CA ALA D 150 -29.29 -35.91 -15.44
C ALA D 150 -30.44 -35.76 -16.40
N LYS D 151 -30.35 -34.86 -17.38
CA LYS D 151 -31.43 -34.71 -18.36
C LYS D 151 -31.63 -35.97 -19.20
N LYS D 152 -30.68 -36.91 -19.19
CA LYS D 152 -30.91 -38.18 -19.86
C LYS D 152 -32.09 -38.94 -19.28
N TYR D 153 -32.45 -38.66 -18.03
CA TYR D 153 -33.60 -39.27 -17.39
C TYR D 153 -34.89 -38.48 -17.58
N LEU D 154 -34.82 -37.34 -18.25
CA LEU D 154 -35.94 -36.41 -18.32
C LEU D 154 -36.81 -36.74 -19.53
N LYS D 155 -38.11 -36.86 -19.30
CA LYS D 155 -39.04 -37.03 -20.40
C LYS D 155 -38.96 -35.86 -21.38
N PRO D 156 -39.36 -36.10 -22.63
CA PRO D 156 -39.17 -35.09 -23.68
C PRO D 156 -39.45 -33.64 -23.30
N SER D 157 -40.64 -33.35 -22.77
CA SER D 157 -40.94 -31.96 -22.42
C SER D 157 -40.83 -31.68 -20.93
N GLY D 158 -40.01 -32.46 -20.22
CA GLY D 158 -39.92 -32.31 -18.78
C GLY D 158 -39.39 -30.95 -18.36
N ASN D 159 -39.64 -30.63 -17.10
CA ASN D 159 -39.19 -29.36 -16.55
C ASN D 159 -37.97 -29.57 -15.66
N MET D 160 -37.35 -28.45 -15.30
CA MET D 160 -36.19 -28.45 -14.43
C MET D 160 -36.30 -27.28 -13.45
N PHE D 161 -36.10 -27.57 -12.17
CA PHE D 161 -36.19 -26.58 -11.09
C PHE D 161 -34.86 -26.58 -10.36
N PRO D 162 -33.98 -25.58 -10.58
CA PRO D 162 -34.18 -24.33 -11.33
C PRO D 162 -34.15 -24.51 -12.84
N THR D 163 -34.77 -23.58 -13.57
CA THR D 163 -34.92 -23.69 -15.02
C THR D 163 -33.83 -22.92 -15.75
N ILE D 164 -33.48 -21.73 -15.27
CA ILE D 164 -32.42 -20.93 -15.89
C ILE D 164 -31.55 -20.35 -14.80
N GLY D 165 -30.35 -19.92 -15.19
CA GLY D 165 -29.45 -19.27 -14.28
C GLY D 165 -28.81 -18.06 -14.92
N ASP D 166 -28.78 -16.93 -14.19
CA ASP D 166 -28.21 -15.68 -14.68
C ASP D 166 -26.99 -15.35 -13.84
N VAL D 167 -25.84 -15.20 -14.47
CA VAL D 167 -24.65 -14.67 -13.82
C VAL D 167 -24.53 -13.20 -14.14
N HIS D 168 -24.40 -12.36 -13.11
CA HIS D 168 -24.23 -10.92 -13.26
C HIS D 168 -22.80 -10.55 -12.91
N LEU D 169 -22.24 -9.58 -13.64
CA LEU D 169 -20.91 -9.06 -13.36
C LEU D 169 -20.91 -7.55 -13.57
N ALA D 170 -20.15 -6.85 -12.72
CA ALA D 170 -20.05 -5.41 -12.81
C ALA D 170 -18.72 -4.97 -12.22
N PRO D 171 -18.13 -3.88 -12.72
CA PRO D 171 -16.91 -3.35 -12.12
C PRO D 171 -17.22 -2.63 -10.82
N PHE D 172 -16.25 -2.65 -9.90
CA PHE D 172 -16.42 -2.04 -8.59
C PHE D 172 -15.17 -1.28 -8.19
N THR D 173 -15.37 -0.35 -7.25
CA THR D 173 -14.30 0.36 -6.56
C THR D 173 -14.28 -0.03 -5.10
N ASP D 174 -13.13 -0.45 -4.59
CA ASP D 174 -12.99 -0.78 -3.18
C ASP D 174 -11.53 -0.68 -2.78
N GLU D 175 -11.06 0.56 -2.55
CA GLU D 175 -9.65 0.75 -2.22
C GLU D 175 -9.28 -0.03 -0.95
N GLN D 176 -10.20 -0.09 0.01
CA GLN D 176 -9.88 -0.78 1.27
C GLN D 176 -9.63 -2.25 1.03
N LEU D 177 -10.48 -2.91 0.23
CA LEU D 177 -10.25 -4.31 -0.09
C LEU D 177 -8.94 -4.47 -0.86
N TYR D 178 -8.71 -3.64 -1.87
CA TYR D 178 -7.48 -3.74 -2.65
C TYR D 178 -6.25 -3.60 -1.75
N MET D 179 -6.21 -2.55 -0.92
CA MET D 179 -5.07 -2.33 -0.06
C MET D 179 -4.90 -3.47 0.95
N GLU D 180 -6.01 -4.05 1.41
CA GLU D 180 -5.95 -5.18 2.33
C GLU D 180 -5.16 -6.34 1.72
N GLN D 181 -5.49 -6.70 0.48
CA GLN D 181 -4.78 -7.78 -0.19
C GLN D 181 -3.38 -7.35 -0.62
N PHE D 182 -3.24 -6.10 -1.07
CA PHE D 182 -1.93 -5.60 -1.45
C PHE D 182 -0.97 -5.63 -0.28
N THR D 183 -1.41 -5.19 0.90
CA THR D 183 -0.54 -5.15 2.06
C THR D 183 -0.12 -6.54 2.50
N LYS D 184 -1.03 -7.51 2.45
CA LYS D 184 -0.65 -8.90 2.72
C LYS D 184 0.49 -9.33 1.82
N ALA D 185 0.34 -9.13 0.51
CA ALA D 185 1.38 -9.52 -0.44
C ALA D 185 2.68 -8.76 -0.18
N ASN D 186 2.58 -7.53 0.35
CA ASN D 186 3.77 -6.71 0.59
C ASN D 186 4.63 -7.23 1.74
N PHE D 187 4.17 -8.26 2.46
CA PHE D 187 5.05 -8.90 3.45
C PHE D 187 6.32 -9.43 2.78
N TRP D 188 6.19 -9.93 1.55
CA TRP D 188 7.30 -10.48 0.79
C TRP D 188 8.12 -9.40 0.12
N TYR D 189 7.90 -8.14 0.49
CA TYR D 189 8.73 -7.02 -0.01
C TYR D 189 9.83 -6.72 1.00
N GLN D 190 9.80 -7.32 2.20
CA GLN D 190 10.80 -7.02 3.22
C GLN D 190 12.19 -7.42 2.76
N PRO D 191 13.17 -6.50 2.81
CA PRO D 191 14.56 -6.88 2.52
C PRO D 191 15.34 -7.42 3.70
N SER D 192 14.76 -7.41 4.90
CA SER D 192 15.47 -7.92 6.06
C SER D 192 14.50 -8.48 7.10
N PHE D 193 13.70 -9.45 6.69
CA PHE D 193 12.86 -10.19 7.63
C PHE D 193 13.76 -11.11 8.45
N HIS D 194 13.97 -10.77 9.72
CA HIS D 194 14.92 -11.49 10.56
C HIS D 194 16.28 -11.60 9.86
N GLY D 195 16.65 -10.56 9.13
CA GLY D 195 17.92 -10.56 8.43
C GLY D 195 17.91 -11.24 7.08
N VAL D 196 16.75 -11.57 6.54
CA VAL D 196 16.65 -12.28 5.27
C VAL D 196 15.90 -11.42 4.26
N ASP D 197 16.41 -11.37 3.03
CA ASP D 197 15.79 -10.59 1.96
C ASP D 197 14.77 -11.47 1.25
N LEU D 198 13.49 -11.11 1.42
CA LEU D 198 12.40 -11.84 0.77
C LEU D 198 11.93 -11.17 -0.51
N SER D 199 12.50 -10.00 -0.83
CA SER D 199 11.93 -9.13 -1.85
C SER D 199 11.84 -9.80 -3.21
N ALA D 200 12.72 -10.77 -3.48
CA ALA D 200 12.68 -11.46 -4.77
C ALA D 200 11.36 -12.19 -4.99
N LEU D 201 10.61 -12.47 -3.92
CA LEU D 201 9.36 -13.22 -4.03
C LEU D 201 8.12 -12.33 -4.05
N ARG D 202 8.27 -11.01 -4.06
CA ARG D 202 7.09 -10.16 -4.02
C ARG D 202 6.20 -10.39 -5.23
N GLY D 203 6.80 -10.55 -6.41
CA GLY D 203 6.01 -10.83 -7.61
C GLY D 203 5.17 -12.08 -7.48
N ALA D 204 5.79 -13.17 -7.03
CA ALA D 204 5.04 -14.41 -6.83
C ALA D 204 3.97 -14.24 -5.76
N ALA D 205 4.26 -13.43 -4.72
CA ALA D 205 3.29 -13.24 -3.65
C ALA D 205 2.07 -12.49 -4.15
N VAL D 206 2.29 -11.40 -4.89
CA VAL D 206 1.16 -10.65 -5.42
C VAL D 206 0.32 -11.53 -6.34
N ASP D 207 0.98 -12.29 -7.22
CA ASP D 207 0.26 -13.22 -8.07
C ASP D 207 -0.59 -14.18 -7.25
N GLU D 208 0.00 -14.83 -6.25
CA GLU D 208 -0.75 -15.81 -5.47
C GLU D 208 -1.93 -15.16 -4.78
N TYR D 209 -1.71 -14.00 -4.15
CA TYR D 209 -2.77 -13.39 -3.35
C TYR D 209 -3.92 -12.90 -4.22
N PHE D 210 -3.62 -12.33 -5.39
CA PHE D 210 -4.67 -11.78 -6.23
C PHE D 210 -5.33 -12.84 -7.12
N ARG D 211 -4.86 -14.07 -7.07
CA ARG D 211 -5.57 -15.17 -7.78
C ARG D 211 -6.78 -15.57 -6.93
N GLN D 212 -6.92 -15.11 -5.69
CA GLN D 212 -7.97 -15.58 -4.81
C GLN D 212 -9.22 -14.72 -4.99
N PRO D 213 -10.32 -15.26 -5.51
CA PRO D 213 -11.57 -14.50 -5.47
C PRO D 213 -11.97 -14.22 -4.03
N VAL D 214 -12.53 -13.05 -3.79
CA VAL D 214 -12.93 -12.62 -2.46
C VAL D 214 -14.42 -12.89 -2.30
N VAL D 215 -14.77 -13.74 -1.35
CA VAL D 215 -16.15 -14.12 -1.09
C VAL D 215 -16.61 -13.37 0.16
N ASP D 216 -17.49 -12.40 -0.03
CA ASP D 216 -18.12 -11.66 1.05
C ASP D 216 -19.20 -10.80 0.41
N THR D 217 -19.86 -9.99 1.22
CA THR D 217 -20.88 -9.08 0.72
C THR D 217 -20.36 -7.65 0.77
N PHE D 218 -21.06 -6.75 0.07
CA PHE D 218 -20.63 -5.37 -0.06
C PHE D 218 -21.84 -4.50 -0.31
N ASP D 219 -21.69 -3.22 -0.05
CA ASP D 219 -22.73 -2.24 -0.35
C ASP D 219 -22.73 -1.95 -1.85
N ILE D 220 -23.94 -1.78 -2.40
CA ILE D 220 -24.10 -1.55 -3.84
C ILE D 220 -23.47 -0.25 -4.32
N ARG D 221 -23.08 0.63 -3.41
CA ARG D 221 -22.46 1.89 -3.81
C ARG D 221 -21.09 1.70 -4.45
N ILE D 222 -20.50 0.51 -4.36
CA ILE D 222 -19.17 0.33 -4.94
C ILE D 222 -19.21 0.00 -6.42
N LEU D 223 -20.37 -0.33 -6.96
CA LEU D 223 -20.46 -0.72 -8.36
C LEU D 223 -20.47 0.53 -9.23
N MET D 224 -19.65 0.51 -10.28
CA MET D 224 -19.43 1.68 -11.11
C MET D 224 -20.16 1.62 -12.45
N ALA D 225 -20.94 0.57 -12.70
CA ALA D 225 -21.68 0.45 -13.94
C ALA D 225 -22.78 -0.58 -13.73
N LYS D 226 -23.80 -0.51 -14.58
CA LYS D 226 -24.86 -1.51 -14.55
C LYS D 226 -24.30 -2.87 -14.93
N SER D 227 -24.79 -3.91 -14.25
CA SER D 227 -24.24 -5.24 -14.44
C SER D 227 -24.50 -5.74 -15.86
N VAL D 228 -23.64 -6.63 -16.32
CA VAL D 228 -23.83 -7.40 -17.54
C VAL D 228 -24.23 -8.81 -17.11
N LYS D 229 -25.14 -9.42 -17.86
CA LYS D 229 -25.71 -10.71 -17.45
C LYS D 229 -25.44 -11.78 -18.50
N TYR D 230 -25.09 -12.97 -18.02
CA TYR D 230 -24.84 -14.15 -18.83
C TYR D 230 -25.82 -15.23 -18.39
N THR D 231 -26.61 -15.75 -19.32
CA THR D 231 -27.71 -16.64 -19.00
C THR D 231 -27.44 -18.05 -19.50
N VAL D 232 -27.68 -19.04 -18.63
CA VAL D 232 -27.63 -20.45 -19.00
C VAL D 232 -29.05 -21.00 -18.88
N ASN D 233 -29.59 -21.51 -19.98
CA ASN D 233 -30.89 -22.15 -20.00
C ASN D 233 -30.71 -23.64 -19.76
N PHE D 234 -31.03 -24.10 -18.55
CA PHE D 234 -30.80 -25.50 -18.21
C PHE D 234 -31.65 -26.45 -19.04
N LEU D 235 -32.78 -25.99 -19.58
CA LEU D 235 -33.58 -26.85 -20.44
C LEU D 235 -32.86 -27.17 -21.75
N GLU D 236 -31.95 -26.32 -22.20
CA GLU D 236 -31.30 -26.48 -23.49
C GLU D 236 -29.82 -26.80 -23.40
N ALA D 237 -29.15 -26.37 -22.35
CA ALA D 237 -27.69 -26.48 -22.28
C ALA D 237 -27.27 -27.95 -22.23
N LYS D 238 -26.10 -28.22 -22.82
CA LYS D 238 -25.45 -29.52 -22.78
C LYS D 238 -24.27 -29.40 -21.79
N GLU D 239 -23.99 -30.49 -21.09
CA GLU D 239 -23.03 -30.42 -20.00
C GLU D 239 -21.65 -30.01 -20.50
N GLY D 240 -21.33 -30.34 -21.74
CA GLY D 240 -20.08 -29.89 -22.32
C GLY D 240 -20.02 -28.40 -22.60
N ASP D 241 -21.17 -27.73 -22.63
CA ASP D 241 -21.18 -26.28 -22.80
C ASP D 241 -20.51 -25.56 -21.63
N LEU D 242 -20.33 -26.24 -20.50
CA LEU D 242 -19.79 -25.63 -19.29
C LEU D 242 -18.29 -25.87 -19.10
N HIS D 243 -17.64 -26.55 -20.04
CA HIS D 243 -16.21 -26.77 -19.92
C HIS D 243 -15.43 -25.49 -20.21
N ARG D 244 -15.99 -24.62 -21.05
CA ARG D 244 -15.34 -23.38 -21.45
C ARG D 244 -16.42 -22.31 -21.61
N ILE D 245 -16.48 -21.38 -20.67
CA ILE D 245 -17.52 -20.36 -20.63
C ILE D 245 -16.87 -19.02 -20.94
N GLU D 246 -17.28 -18.39 -22.04
CA GLU D 246 -16.75 -17.10 -22.47
C GLU D 246 -17.83 -16.05 -22.24
N ILE D 247 -17.51 -15.06 -21.42
CA ILE D 247 -18.45 -13.99 -21.10
C ILE D 247 -17.85 -12.66 -21.55
N PRO D 248 -18.11 -12.23 -22.79
CA PRO D 248 -17.70 -10.87 -23.18
C PRO D 248 -18.50 -9.82 -22.43
N PHE D 249 -17.90 -8.67 -22.21
CA PHE D 249 -18.58 -7.60 -21.49
C PHE D 249 -18.16 -6.24 -22.03
N LYS D 250 -19.08 -5.29 -21.94
CA LYS D 250 -18.85 -3.90 -22.34
C LYS D 250 -19.63 -3.03 -21.36
N PHE D 251 -18.93 -2.44 -20.40
CA PHE D 251 -19.57 -1.62 -19.37
C PHE D 251 -19.53 -0.16 -19.76
N HIS D 252 -20.66 0.53 -19.61
CA HIS D 252 -20.71 1.99 -19.75
C HIS D 252 -20.52 2.58 -18.36
N MET D 253 -19.33 3.12 -18.10
CA MET D 253 -19.00 3.59 -16.76
C MET D 253 -19.91 4.74 -16.36
N LEU D 254 -20.54 4.59 -15.19
CA LEU D 254 -21.42 5.62 -14.65
C LEU D 254 -20.74 6.52 -13.63
N HIS D 255 -19.58 6.10 -13.12
CA HIS D 255 -18.82 6.90 -12.17
C HIS D 255 -17.35 6.92 -12.57
N SER D 256 -16.67 8.00 -12.22
CA SER D 256 -15.23 8.11 -12.42
C SER D 256 -14.51 7.54 -11.20
N GLY D 257 -13.40 6.87 -11.43
CA GLY D 257 -12.57 6.38 -10.35
C GLY D 257 -11.79 5.16 -10.77
N LEU D 258 -11.23 4.50 -9.76
CA LEU D 258 -10.39 3.32 -9.97
C LEU D 258 -11.24 2.06 -10.00
N VAL D 259 -11.08 1.25 -11.04
CA VAL D 259 -11.74 -0.04 -11.13
C VAL D 259 -10.80 -1.07 -10.54
N HIS D 260 -11.14 -1.59 -9.36
CA HIS D 260 -10.31 -2.58 -8.69
C HIS D 260 -10.62 -4.02 -9.08
N GLY D 261 -11.67 -4.26 -9.87
CA GLY D 261 -11.99 -5.60 -10.31
C GLY D 261 -13.44 -5.68 -10.73
N LEU D 262 -13.91 -6.92 -10.86
CA LEU D 262 -15.28 -7.23 -11.22
C LEU D 262 -15.95 -8.01 -10.09
N ALA D 263 -17.19 -7.65 -9.79
CA ALA D 263 -18.00 -8.34 -8.80
C ALA D 263 -18.96 -9.27 -9.54
N PHE D 264 -19.23 -10.43 -8.94
CA PHE D 264 -20.09 -11.45 -9.52
C PHE D 264 -21.17 -11.88 -8.52
N TRP D 265 -22.36 -12.14 -9.05
CA TRP D 265 -23.44 -12.79 -8.30
C TRP D 265 -24.32 -13.51 -9.32
N PHE D 266 -25.36 -14.19 -8.83
CA PHE D 266 -26.20 -14.96 -9.74
C PHE D 266 -27.63 -15.04 -9.21
N ASP D 267 -28.56 -15.19 -10.14
CA ASP D 267 -29.96 -15.48 -9.87
C ASP D 267 -30.31 -16.75 -10.63
N VAL D 268 -31.23 -17.53 -10.05
CA VAL D 268 -31.83 -18.67 -10.75
C VAL D 268 -33.34 -18.48 -10.71
N ALA D 269 -34.01 -18.95 -11.75
CA ALA D 269 -35.45 -18.86 -11.87
C ALA D 269 -36.06 -20.25 -11.93
N PHE D 270 -37.14 -20.45 -11.17
CA PHE D 270 -37.97 -21.65 -11.26
C PHE D 270 -39.20 -21.28 -12.09
N ILE D 271 -39.23 -21.72 -13.35
CA ILE D 271 -40.26 -21.31 -14.30
C ILE D 271 -41.31 -22.41 -14.31
N GLY D 272 -42.27 -22.31 -13.39
CA GLY D 272 -43.31 -23.31 -13.27
C GLY D 272 -44.55 -22.94 -14.05
N SER D 273 -45.51 -23.87 -14.05
CA SER D 273 -46.75 -23.66 -14.80
C SER D 273 -47.68 -22.64 -14.13
N ILE D 274 -47.52 -22.39 -12.84
CA ILE D 274 -48.35 -21.40 -12.14
C ILE D 274 -47.63 -20.06 -12.02
N MET D 275 -46.35 -20.06 -11.68
CA MET D 275 -45.61 -18.80 -11.57
C MET D 275 -44.12 -19.05 -11.65
N THR D 276 -43.39 -17.99 -12.00
CA THR D 276 -41.94 -18.02 -11.99
C THR D 276 -41.46 -17.48 -10.65
N VAL D 277 -40.63 -18.25 -9.96
CA VAL D 277 -40.07 -17.86 -8.68
C VAL D 277 -38.57 -17.67 -8.83
N TRP D 278 -38.04 -16.59 -8.29
CA TRP D 278 -36.62 -16.25 -8.43
C TRP D 278 -35.90 -16.43 -7.10
N LEU D 279 -34.70 -17.00 -7.16
CA LEU D 279 -33.78 -17.01 -6.03
C LEU D 279 -32.60 -16.16 -6.46
N SER D 280 -32.35 -15.07 -5.74
CA SER D 280 -31.35 -14.09 -6.11
C SER D 280 -30.29 -13.98 -5.05
N THR D 281 -29.02 -13.93 -5.47
CA THR D 281 -27.91 -13.66 -4.56
C THR D 281 -27.30 -12.29 -4.81
N ALA D 282 -28.07 -11.37 -5.38
CA ALA D 282 -27.57 -10.04 -5.70
C ALA D 282 -27.28 -9.24 -4.43
N PRO D 283 -26.34 -8.30 -4.49
CA PRO D 283 -26.04 -7.48 -3.31
C PRO D 283 -27.16 -6.54 -2.93
N THR D 284 -28.17 -6.37 -3.79
CA THR D 284 -29.36 -5.61 -3.45
C THR D 284 -30.38 -6.45 -2.70
N GLU D 285 -30.15 -7.75 -2.61
CA GLU D 285 -31.09 -8.70 -2.00
C GLU D 285 -30.56 -9.19 -0.66
N PRO D 286 -31.43 -9.78 0.17
CA PRO D 286 -30.96 -10.29 1.46
C PRO D 286 -29.81 -11.28 1.27
N LEU D 287 -28.89 -11.27 2.22
CA LEU D 287 -27.72 -12.12 2.12
C LEU D 287 -28.10 -13.59 2.15
N THR D 288 -27.40 -14.38 1.32
CA THR D 288 -27.47 -15.84 1.30
C THR D 288 -26.08 -16.40 1.63
N HIS D 289 -26.03 -17.71 1.81
CA HIS D 289 -24.75 -18.35 2.11
C HIS D 289 -23.84 -18.45 0.89
N TRP D 290 -24.30 -18.01 -0.28
CA TRP D 290 -23.44 -17.84 -1.44
C TRP D 290 -22.73 -16.49 -1.44
N TYR D 291 -23.21 -15.52 -0.65
CA TYR D 291 -22.64 -14.19 -0.62
C TYR D 291 -22.52 -13.62 -2.02
N GLN D 292 -21.40 -12.94 -2.29
CA GLN D 292 -21.03 -12.48 -3.62
C GLN D 292 -19.55 -12.75 -3.81
N VAL D 293 -19.07 -12.67 -5.05
CA VAL D 293 -17.70 -12.98 -5.40
C VAL D 293 -17.08 -11.78 -6.12
N ARG D 294 -15.86 -11.44 -5.74
CA ARG D 294 -15.16 -10.31 -6.36
C ARG D 294 -13.78 -10.76 -6.79
N CYS D 295 -13.46 -10.54 -8.06
CA CYS D 295 -12.15 -10.83 -8.62
C CYS D 295 -11.37 -9.53 -8.71
N LEU D 296 -10.25 -9.46 -8.01
CA LEU D 296 -9.45 -8.24 -7.96
C LEU D 296 -8.46 -8.20 -9.12
N PHE D 297 -8.26 -6.98 -9.65
CA PHE D 297 -7.16 -6.71 -10.56
C PHE D 297 -5.89 -6.44 -9.75
N GLN D 298 -4.77 -7.02 -10.20
CA GLN D 298 -3.50 -6.72 -9.53
C GLN D 298 -3.21 -5.22 -9.57
N SER D 299 -3.60 -4.56 -10.66
CA SER D 299 -3.41 -3.13 -10.82
C SER D 299 -4.72 -2.51 -11.27
N PRO D 300 -5.37 -1.67 -10.47
CA PRO D 300 -6.65 -1.11 -10.89
C PRO D 300 -6.53 -0.26 -12.16
N LEU D 301 -7.66 -0.13 -12.84
CA LEU D 301 -7.76 0.68 -14.05
C LEU D 301 -8.48 1.97 -13.71
N PHE D 302 -7.91 3.10 -14.13
CA PHE D 302 -8.59 4.36 -13.97
C PHE D 302 -9.59 4.57 -15.10
N ALA D 303 -10.79 5.03 -14.75
CA ALA D 303 -11.84 5.23 -15.73
C ALA D 303 -12.64 6.48 -15.37
N LYS D 304 -13.11 7.16 -16.41
CA LYS D 304 -13.98 8.31 -16.26
C LYS D 304 -15.42 7.91 -16.57
N ALA D 305 -16.37 8.59 -15.92
CA ALA D 305 -17.78 8.41 -16.25
C ALA D 305 -17.96 8.69 -17.74
N GLY D 306 -18.71 7.82 -18.40
CA GLY D 306 -18.91 7.87 -19.83
C GLY D 306 -18.00 6.97 -20.62
N ASP D 307 -16.86 6.59 -20.03
CA ASP D 307 -15.97 5.65 -20.69
C ASP D 307 -16.65 4.28 -20.84
N THR D 308 -16.02 3.41 -21.62
CA THR D 308 -16.48 2.04 -21.81
C THR D 308 -15.36 1.10 -21.39
N LEU D 309 -15.66 0.19 -20.47
CA LEU D 309 -14.75 -0.85 -20.02
C LEU D 309 -15.18 -2.15 -20.69
N SER D 310 -14.32 -2.70 -21.55
CA SER D 310 -14.65 -3.87 -22.36
C SER D 310 -13.61 -4.96 -22.18
N GLY D 311 -14.04 -6.20 -22.35
CA GLY D 311 -13.12 -7.31 -22.24
C GLY D 311 -13.87 -8.62 -22.23
N THR D 312 -13.21 -9.64 -21.69
CA THR D 312 -13.73 -11.00 -21.71
C THR D 312 -13.43 -11.70 -20.40
N CYS D 313 -14.43 -12.35 -19.82
CA CYS D 313 -14.25 -13.23 -18.67
C CYS D 313 -14.35 -14.66 -19.17
N LEU D 314 -13.27 -15.41 -19.05
CA LEU D 314 -13.17 -16.77 -19.58
C LEU D 314 -13.04 -17.75 -18.43
N LEU D 315 -13.99 -18.68 -18.33
CA LEU D 315 -14.00 -19.70 -17.30
C LEU D 315 -13.72 -21.05 -17.94
N ILE D 316 -12.60 -21.67 -17.54
CA ILE D 316 -12.20 -22.97 -18.06
C ILE D 316 -12.25 -23.97 -16.89
N ALA D 317 -13.05 -25.03 -17.05
CA ALA D 317 -13.22 -26.00 -15.98
C ALA D 317 -11.94 -26.80 -15.79
N ASN D 318 -11.67 -27.18 -14.54
CA ASN D 318 -10.48 -27.94 -14.19
C ASN D 318 -10.89 -29.22 -13.45
N LYS D 319 -9.90 -30.09 -13.24
CA LYS D 319 -10.14 -31.38 -12.61
C LYS D 319 -10.36 -31.31 -11.11
N ARG D 320 -10.26 -30.12 -10.51
CA ARG D 320 -10.56 -29.95 -9.08
C ARG D 320 -11.98 -29.45 -8.84
N GLN D 321 -12.89 -29.78 -9.75
CA GLN D 321 -14.30 -29.40 -9.63
C GLN D 321 -14.49 -27.89 -9.50
N SER D 322 -13.68 -27.14 -10.24
CA SER D 322 -13.81 -25.70 -10.23
C SER D 322 -13.37 -25.18 -11.59
N TYR D 323 -12.96 -23.91 -11.62
CA TYR D 323 -12.64 -23.21 -12.85
C TYR D 323 -11.38 -22.37 -12.69
N ASP D 324 -10.58 -22.32 -13.74
CA ASP D 324 -9.54 -21.31 -13.89
C ASP D 324 -10.21 -20.08 -14.53
N ILE D 325 -10.07 -18.93 -13.88
CA ILE D 325 -10.72 -17.70 -14.34
C ILE D 325 -9.66 -16.81 -14.98
N SER D 326 -9.97 -16.31 -16.17
CA SER D 326 -9.13 -15.31 -16.82
C SER D 326 -10.01 -14.11 -17.15
N ILE D 327 -9.60 -12.94 -16.69
CA ILE D 327 -10.33 -11.70 -16.94
C ILE D 327 -9.38 -10.73 -17.63
N VAL D 328 -9.70 -10.36 -18.86
CA VAL D 328 -8.99 -9.34 -19.62
C VAL D 328 -9.93 -8.16 -19.79
N ALA D 329 -9.49 -6.98 -19.39
CA ALA D 329 -10.31 -5.78 -19.42
C ALA D 329 -9.47 -4.59 -19.86
N GLN D 330 -10.09 -3.68 -20.59
CA GLN D 330 -9.41 -2.48 -21.06
C GLN D 330 -10.36 -1.30 -21.06
N VAL D 331 -9.81 -0.12 -20.75
CA VAL D 331 -10.52 1.13 -20.89
C VAL D 331 -10.34 1.59 -22.34
N ASP D 332 -11.42 1.57 -23.11
CA ASP D 332 -11.32 1.82 -24.54
C ASP D 332 -10.77 3.21 -24.84
N GLN D 333 -11.08 4.21 -24.02
CA GLN D 333 -10.69 5.58 -24.33
C GLN D 333 -9.20 5.81 -24.18
N THR D 334 -8.50 5.00 -23.37
CA THR D 334 -7.09 5.23 -23.09
C THR D 334 -6.18 4.09 -23.49
N GLY D 335 -6.73 2.91 -23.80
CA GLY D 335 -5.91 1.75 -24.02
C GLY D 335 -5.35 1.11 -22.78
N SER D 336 -5.79 1.55 -21.60
CA SER D 336 -5.33 0.95 -20.35
C SER D 336 -5.92 -0.45 -20.22
N LYS D 337 -5.06 -1.43 -19.97
CA LYS D 337 -5.39 -2.84 -20.05
C LYS D 337 -5.00 -3.58 -18.78
N SER D 338 -5.82 -4.56 -18.41
CA SER D 338 -5.55 -5.40 -17.26
C SER D 338 -5.88 -6.85 -17.61
N SER D 339 -4.92 -7.75 -17.38
CA SER D 339 -5.10 -9.18 -17.57
C SER D 339 -4.90 -9.89 -16.24
N ASN D 340 -5.81 -10.79 -15.90
CA ASN D 340 -5.82 -11.41 -14.58
C ASN D 340 -6.19 -12.88 -14.68
N LEU D 341 -5.62 -13.67 -13.78
CA LEU D 341 -5.87 -15.10 -13.68
C LEU D 341 -6.22 -15.43 -12.25
N LEU D 342 -7.33 -16.16 -12.04
CA LEU D 342 -7.83 -16.44 -10.70
C LEU D 342 -8.18 -17.92 -10.56
N ASP D 343 -8.12 -18.39 -9.31
CA ASP D 343 -8.35 -19.79 -8.96
C ASP D 343 -9.61 -19.85 -8.10
N LEU D 344 -10.72 -20.24 -8.72
CA LEU D 344 -12.01 -20.18 -8.04
C LEU D 344 -12.13 -21.17 -6.89
N LYS D 345 -11.33 -22.22 -6.85
CA LYS D 345 -11.45 -23.22 -5.80
C LYS D 345 -10.68 -22.85 -4.54
N ASN D 346 -9.89 -21.78 -4.55
CA ASN D 346 -9.13 -21.33 -3.39
C ASN D 346 -9.46 -19.86 -3.12
N PRO D 347 -10.70 -19.56 -2.73
CA PRO D 347 -11.10 -18.17 -2.51
C PRO D 347 -10.69 -17.68 -1.13
N PHE D 348 -10.80 -16.36 -0.94
CA PHE D 348 -10.57 -15.71 0.34
C PHE D 348 -11.93 -15.37 0.94
N PHE D 349 -12.30 -16.06 2.01
CA PHE D 349 -13.58 -15.83 2.69
C PHE D 349 -13.39 -14.69 3.68
N ARG D 350 -13.73 -13.47 3.25
CA ARG D 350 -13.50 -12.30 4.08
C ARG D 350 -14.64 -11.97 5.02
N TYR D 351 -15.84 -12.48 4.75
CA TYR D 351 -16.99 -12.17 5.60
C TYR D 351 -16.69 -12.51 7.06
N THR D 352 -17.14 -11.63 7.95
CA THR D 352 -16.85 -11.78 9.38
C THR D 352 -18.06 -11.32 10.20
N ALA E 3 -0.85 19.13 -8.11
CA ALA E 3 -0.28 20.47 -7.98
C ALA E 3 -0.11 21.08 -9.37
N ALA E 4 0.70 22.14 -9.46
CA ALA E 4 0.89 22.88 -10.72
C ALA E 4 2.39 22.80 -11.23
N ARG E 5 2.68 22.90 -12.55
CA ARG E 5 3.92 22.96 -13.14
C ARG E 5 4.72 24.19 -12.70
N ALA F 3 -22.24 -18.99 8.00
CA ALA F 3 -21.11 -19.37 7.18
C ALA F 3 -21.56 -19.67 5.75
N ALA F 4 -20.61 -20.04 4.89
CA ALA F 4 -20.89 -20.19 3.48
C ALA F 4 -20.75 -21.59 2.97
N ARG F 5 -20.78 -21.72 1.64
CA ARG F 5 -20.91 -23.10 1.02
C ARG F 5 -19.56 -23.76 0.65
N ALA G 3 -3.96 -16.88 11.67
CA ALA G 3 -4.78 -18.08 11.81
C ALA G 3 -3.91 -19.22 12.33
N ALA G 4 -4.44 -20.45 12.25
CA ALA G 4 -3.74 -21.62 12.79
C ALA G 4 -2.90 -22.37 11.67
N ARG G 5 -2.01 -23.34 12.03
CA ARG G 5 -1.16 -24.00 11.20
C ARG G 5 -1.88 -24.72 10.06
N ALA H 3 3.83 27.94 5.92
CA ALA H 3 4.28 28.89 6.93
C ALA H 3 5.57 28.40 7.59
N ALA H 4 6.42 27.74 6.80
CA ALA H 4 7.66 27.15 7.33
C ALA H 4 8.96 27.88 6.79
N ARG H 5 10.17 27.70 7.40
CA ARG H 5 11.29 28.41 7.18
C ARG H 5 11.80 28.40 5.75
#